data_4A2W
#
_entry.id   4A2W
#
_cell.length_a   163.320
_cell.length_b   163.320
_cell.length_c   152.650
_cell.angle_alpha   90.00
_cell.angle_beta   90.00
_cell.angle_gamma   90.00
#
_symmetry.space_group_name_H-M   'P 41 21 2'
#
_entity_poly.entity_id   1
_entity_poly.type   'polypeptide(L)'
_entity_poly.pdbx_seq_one_letter_code
;GAMGTADEKRSLQCYRRYIERSLNPVYVLGNMTDWLPDELRERIRKEEERGVSGAAALFLDAVLQLEARGWFRGMLDAML
AAGYTGLAEAIENWDFSKLEKLELHRQLLKRIEATMLEVDPVALIPYISTCLIDRECEEIQQISENRSKAAGITKLIECL
CRSDKEHWPKSLQLALDTTGYYRASELWDIREDNAKDVDSEMTDASEDCLEASMTYSEEAEPDDNLSENLGSAAEGIGKP
PPVYETKKARSYQIELAQPAINGKNALICAPTGSGKTFVSILICEHHFQNMPAGRKAKVVFLATKVPVYEQQKNVFKHHF
ERQGYSVQGISGENFSNVSVEKVIEDSDIIVVTPQILVNSFEDGTLTSLSIFTLMIFDECHNTTGNHPYNVLMTRYLEQK
FNSASQLPQILGLTASVGVGNAKNIEETIEHICSLCSYLDIQAISTVRENIQELQRFMNKPEIDVRLVKRRIHNPFAAII
SNLMSETEALMRTIAYVDTLSQNSKKDFGTQNYEHWIVVTQRKCRLLQLEDKEEESRICRALFICTEHLRKYNDALIISE
DARIIDALSYLTEFFTNVKNGPYTELEQHLTAKFQEKEPELIALSKDETNENPKLEELVCILDDAYRYNPQTRTLLFAKT
RALVSALKKCMEENPILNYIKPGVLMGRGRRDQTTGMTLPSQKGVLDAFKTSKDNRLLIATSVADEGIDIVQCNLVVLYE
YSGNVTKMIQVRGRGRAAGSKCILVTSKTEVVENEKCNRYKEEMMNKAVEKIQKWDEETFAKKIHNLQMKERVLRDSRRK
EIKPKVVEGQKNLLCGKCKAYACSTDDIRIIKDSHHIVLGEAFKERYTTKPHKKPMQFDGFEKKSKMYCRNNNCQHDWGI
TVKYLTFDNLPVIKIKSFVMESTATGTQMDFQKWKSINSSLKNFDVEEMSNLYPPF
;
_entity_poly.pdbx_strand_id   A,B
#
# COMPACT_ATOMS: atom_id res chain seq x y z
N GLY A 4 18.37 52.38 10.74
CA GLY A 4 19.81 52.32 11.11
C GLY A 4 20.49 51.04 10.67
N THR A 5 21.52 50.63 11.43
CA THR A 5 22.20 49.34 11.23
C THR A 5 22.31 48.57 12.55
N ALA A 6 22.70 49.25 13.63
CA ALA A 6 22.69 48.68 14.98
C ALA A 6 21.27 48.68 15.59
N ASP A 7 20.36 49.43 14.97
CA ASP A 7 18.92 49.42 15.33
C ASP A 7 18.21 48.26 14.67
N GLU A 8 18.55 47.99 13.42
CA GLU A 8 17.96 46.87 12.67
C GLU A 8 18.37 45.51 13.26
N LYS A 9 19.48 45.47 14.00
CA LYS A 9 19.93 44.24 14.68
C LYS A 9 19.35 44.11 16.08
N ARG A 10 19.03 45.22 16.75
CA ARG A 10 18.33 45.17 18.04
C ARG A 10 16.85 44.81 17.84
N SER A 11 16.25 45.33 16.78
CA SER A 11 14.83 45.13 16.52
C SER A 11 14.56 43.76 15.92
N LEU A 12 15.57 43.13 15.32
CA LEU A 12 15.47 41.76 14.79
C LEU A 12 15.81 40.71 15.86
N GLN A 13 16.38 41.18 16.98
CA GLN A 13 16.70 40.33 18.12
C GLN A 13 15.53 40.28 19.10
N CYS A 14 14.81 41.39 19.23
CA CYS A 14 13.68 41.46 20.14
C CYS A 14 12.48 40.68 19.59
N TYR A 15 12.32 40.68 18.27
CA TYR A 15 11.28 39.91 17.59
C TYR A 15 11.84 38.60 17.01
N ARG A 16 13.00 38.18 17.51
CA ARG A 16 13.64 36.90 17.18
C ARG A 16 12.65 35.75 16.97
N ARG A 17 11.86 35.51 18.02
CA ARG A 17 10.96 34.36 18.07
C ARG A 17 10.09 34.20 16.83
N TYR A 18 9.43 35.27 16.39
CA TYR A 18 8.47 35.18 15.29
C TYR A 18 9.11 34.70 13.99
N ILE A 19 10.33 35.16 13.72
CA ILE A 19 11.02 34.81 12.48
C ILE A 19 11.43 33.35 12.48
N GLU A 20 12.07 32.91 13.55
CA GLU A 20 12.56 31.53 13.65
C GLU A 20 11.43 30.48 13.72
N ARG A 21 10.21 30.93 14.01
CA ARG A 21 9.03 30.07 14.03
C ARG A 21 8.14 30.31 12.82
N SER A 22 8.76 30.34 11.64
CA SER A 22 8.05 30.53 10.37
C SER A 22 8.96 30.33 9.16
N LEU A 23 10.14 30.94 9.20
CA LEU A 23 11.07 30.86 8.08
C LEU A 23 11.83 29.56 8.12
N ASN A 24 11.82 28.84 7.00
CA ASN A 24 12.76 27.77 6.75
C ASN A 24 13.86 28.41 5.91
N PRO A 25 15.05 28.60 6.50
CA PRO A 25 16.12 29.38 5.88
C PRO A 25 16.66 28.83 4.55
N VAL A 26 16.65 27.51 4.38
CA VAL A 26 17.24 26.90 3.18
C VAL A 26 16.49 27.29 1.89
N TYR A 27 15.44 28.10 2.00
CA TYR A 27 14.70 28.64 0.84
C TYR A 27 15.15 30.05 0.41
N VAL A 28 15.61 30.84 1.38
CA VAL A 28 16.03 32.23 1.15
C VAL A 28 17.57 32.37 1.11
N LEU A 29 18.28 31.24 1.07
CA LEU A 29 19.75 31.21 1.05
C LEU A 29 20.34 31.40 -0.36
N GLY A 30 19.55 31.13 -1.39
CA GLY A 30 19.95 31.42 -2.76
C GLY A 30 20.08 32.91 -2.99
N ASN A 31 19.17 33.67 -2.36
CA ASN A 31 19.15 35.14 -2.46
C ASN A 31 19.80 35.83 -1.24
N MET A 32 20.66 35.10 -0.55
CA MET A 32 21.52 35.65 0.49
C MET A 32 22.95 35.35 0.05
N THR A 33 23.15 35.35 -1.25
CA THR A 33 24.34 34.78 -1.85
C THR A 33 25.61 35.59 -1.58
N ASP A 34 25.47 36.88 -1.30
CA ASP A 34 26.62 37.77 -1.12
C ASP A 34 27.10 37.88 0.33
N TRP A 35 26.15 38.05 1.24
CA TRP A 35 26.46 38.47 2.60
C TRP A 35 26.88 37.34 3.50
N LEU A 36 26.38 36.14 3.24
CA LEU A 36 26.79 34.95 3.99
C LEU A 36 27.85 34.18 3.21
N PRO A 37 28.86 33.63 3.92
CA PRO A 37 29.84 32.76 3.24
C PRO A 37 29.25 31.41 2.80
N ASP A 38 30.04 30.62 2.07
CA ASP A 38 29.61 29.32 1.55
C ASP A 38 29.70 28.22 2.60
N GLU A 39 30.45 28.47 3.68
CA GLU A 39 30.54 27.54 4.78
C GLU A 39 29.33 27.67 5.72
N LEU A 40 28.75 28.88 5.78
CA LEU A 40 27.59 29.16 6.65
C LEU A 40 26.25 28.86 5.96
N ARG A 41 26.23 28.88 4.63
CA ARG A 41 25.06 28.40 3.86
C ARG A 41 24.97 26.87 3.85
N GLU A 42 26.09 26.20 4.12
CA GLU A 42 26.14 24.73 4.19
C GLU A 42 25.90 24.22 5.62
N ARG A 43 26.49 24.88 6.61
CA ARG A 43 26.32 24.48 8.03
C ARG A 43 24.91 24.79 8.52
N ILE A 44 24.19 25.67 7.83
CA ILE A 44 22.75 25.90 8.07
C ILE A 44 21.91 24.74 7.54
N ARG A 45 22.23 24.30 6.31
CA ARG A 45 21.49 23.21 5.65
C ARG A 45 21.69 21.83 6.28
N LYS A 46 22.77 21.68 7.05
CA LYS A 46 22.96 20.48 7.87
C LYS A 46 22.16 20.58 9.17
N GLU A 47 21.93 21.80 9.64
CA GLU A 47 21.11 22.03 10.83
C GLU A 47 19.61 21.94 10.49
N GLU A 48 19.24 22.26 9.25
CA GLU A 48 17.84 22.07 8.79
C GLU A 48 17.44 20.61 8.91
N GLU A 49 18.41 19.73 8.68
CA GLU A 49 18.23 18.29 8.86
C GLU A 49 18.04 17.87 10.33
N ARG A 50 18.19 18.79 11.28
CA ARG A 50 17.91 18.48 12.68
C ARG A 50 16.74 19.31 13.18
N GLY A 51 16.84 20.62 13.06
CA GLY A 51 15.74 21.52 13.43
C GLY A 51 15.44 22.52 12.33
N VAL A 52 14.21 22.52 11.83
CA VAL A 52 13.75 23.53 10.87
C VAL A 52 13.72 24.90 11.54
N SER A 53 13.44 24.90 12.85
CA SER A 53 13.55 26.10 13.67
C SER A 53 14.93 26.24 14.28
N GLY A 54 15.64 25.12 14.45
CA GLY A 54 17.04 25.12 14.83
C GLY A 54 17.93 25.73 13.76
N ALA A 55 17.55 25.51 12.50
CA ALA A 55 18.24 26.13 11.35
C ALA A 55 17.92 27.61 11.27
N ALA A 56 16.69 27.99 11.59
CA ALA A 56 16.27 29.40 11.61
C ALA A 56 16.78 30.19 12.84
N ALA A 57 17.53 29.52 13.72
CA ALA A 57 18.22 30.17 14.85
C ALA A 57 19.73 30.28 14.62
N LEU A 58 20.25 29.58 13.61
CA LEU A 58 21.67 29.66 13.21
C LEU A 58 21.85 30.65 12.06
N PHE A 59 20.84 30.76 11.20
CA PHE A 59 20.76 31.78 10.17
C PHE A 59 20.57 33.15 10.79
N LEU A 60 19.71 33.24 11.80
CA LEU A 60 19.40 34.50 12.46
C LEU A 60 20.61 35.00 13.28
N ASP A 61 21.42 34.07 13.79
CA ASP A 61 22.63 34.41 14.55
C ASP A 61 23.74 34.99 13.68
N ALA A 62 24.07 34.26 12.62
CA ALA A 62 25.13 34.67 11.69
C ALA A 62 24.69 35.76 10.72
N VAL A 63 23.49 36.32 10.94
CA VAL A 63 23.04 37.52 10.23
C VAL A 63 23.11 38.76 11.14
N LEU A 64 22.81 38.58 12.42
CA LEU A 64 22.87 39.69 13.39
C LEU A 64 24.29 40.12 13.77
N GLN A 65 25.28 39.28 13.45
CA GLN A 65 26.69 39.66 13.61
C GLN A 65 27.27 40.25 12.32
N LEU A 66 26.52 40.13 11.23
CA LEU A 66 26.96 40.57 9.92
C LEU A 66 26.95 42.09 9.85
N GLU A 67 27.82 42.66 9.01
CA GLU A 67 27.89 44.12 8.82
C GLU A 67 27.97 44.58 7.35
N ALA A 68 28.05 43.64 6.40
CA ALA A 68 28.24 43.98 4.97
C ALA A 68 27.14 44.92 4.45
N ARG A 69 27.44 45.63 3.36
CA ARG A 69 26.57 46.70 2.84
C ARG A 69 25.10 46.31 2.75
N GLY A 70 24.31 46.68 3.76
CA GLY A 70 22.85 46.49 3.76
C GLY A 70 22.35 45.06 3.55
N TRP A 71 22.94 44.11 4.27
CA TRP A 71 22.48 42.72 4.23
C TRP A 71 21.02 42.65 4.58
N PHE A 72 20.57 43.58 5.42
CA PHE A 72 19.16 43.66 5.84
C PHE A 72 18.20 43.89 4.68
N ARG A 73 18.65 44.62 3.66
CA ARG A 73 17.81 44.89 2.49
C ARG A 73 17.80 43.67 1.55
N GLY A 74 18.90 42.94 1.49
CA GLY A 74 18.97 41.70 0.73
C GLY A 74 18.20 40.55 1.35
N MET A 75 18.00 40.61 2.67
CA MET A 75 17.20 39.65 3.42
C MET A 75 15.74 39.83 3.04
N LEU A 76 15.22 41.03 3.26
CA LEU A 76 13.82 41.36 2.92
C LEU A 76 13.50 41.05 1.45
N ASP A 77 14.45 41.32 0.57
CA ASP A 77 14.31 41.02 -0.85
C ASP A 77 14.32 39.50 -1.07
N ALA A 78 15.21 38.82 -0.34
CA ALA A 78 15.32 37.36 -0.42
C ALA A 78 14.12 36.64 0.17
N MET A 79 13.52 37.23 1.22
CA MET A 79 12.34 36.65 1.86
C MET A 79 11.13 36.74 0.95
N LEU A 80 10.90 37.93 0.38
CA LEU A 80 9.88 38.09 -0.67
C LEU A 80 10.21 37.16 -1.84
N ALA A 81 11.51 36.91 -2.05
CA ALA A 81 11.99 36.00 -3.05
C ALA A 81 11.52 34.57 -2.85
N ALA A 82 11.66 34.09 -1.62
CA ALA A 82 11.24 32.73 -1.24
C ALA A 82 9.70 32.58 -1.22
N GLY A 83 9.01 33.64 -0.86
CA GLY A 83 7.55 33.62 -0.75
C GLY A 83 7.03 34.01 0.62
N TYR A 84 7.91 34.52 1.49
CA TYR A 84 7.52 34.94 2.85
C TYR A 84 7.04 36.40 2.88
N THR A 85 5.84 36.63 2.36
CA THR A 85 5.28 37.98 2.22
C THR A 85 4.84 38.60 3.54
N GLY A 86 4.30 37.77 4.44
CA GLY A 86 3.84 38.24 5.75
C GLY A 86 4.97 38.43 6.74
N LEU A 87 6.13 37.83 6.48
CA LEU A 87 7.35 38.09 7.24
C LEU A 87 8.04 39.37 6.77
N ALA A 88 8.11 39.54 5.45
CA ALA A 88 8.67 40.76 4.85
C ALA A 88 7.95 42.02 5.34
N GLU A 89 6.61 41.97 5.41
CA GLU A 89 5.82 43.08 5.94
C GLU A 89 5.99 43.23 7.46
N ALA A 90 5.96 42.10 8.16
CA ALA A 90 6.09 42.11 9.61
C ALA A 90 7.42 42.75 10.02
N ILE A 91 8.52 42.35 9.38
CA ILE A 91 9.86 42.85 9.75
C ILE A 91 10.27 44.13 9.06
N GLU A 92 9.46 44.62 8.10
CA GLU A 92 9.74 45.89 7.42
C GLU A 92 8.87 47.03 7.98
N ASN A 93 7.67 46.71 8.46
CA ASN A 93 6.86 47.66 9.22
C ASN A 93 6.98 47.52 10.75
N TRP A 94 7.81 46.60 11.22
CA TRP A 94 7.93 46.27 12.66
C TRP A 94 6.61 46.16 13.39
N ASP A 95 5.67 45.43 12.78
CA ASP A 95 4.38 45.12 13.39
C ASP A 95 4.05 43.66 13.12
N PHE A 96 4.11 42.85 14.18
CA PHE A 96 3.93 41.41 14.04
C PHE A 96 2.52 40.92 14.41
N SER A 97 1.57 41.86 14.54
CA SER A 97 0.22 41.54 15.01
C SER A 97 -0.49 40.46 14.19
N LYS A 98 -0.16 40.33 12.89
CA LYS A 98 -0.75 39.30 12.04
C LYS A 98 -0.19 37.92 12.34
N LEU A 99 1.14 37.84 12.46
CA LEU A 99 1.83 36.57 12.77
C LEU A 99 1.46 36.09 14.17
N GLU A 100 1.21 37.05 15.06
CA GLU A 100 0.77 36.75 16.42
C GLU A 100 -0.61 36.11 16.44
N LYS A 101 -1.55 36.67 15.69
CA LYS A 101 -2.93 36.16 15.65
C LYS A 101 -3.05 34.75 15.05
N LEU A 102 -2.05 34.31 14.29
CA LEU A 102 -1.98 32.92 13.82
C LEU A 102 -1.67 31.96 14.96
N GLU A 103 -0.90 32.44 15.93
CA GLU A 103 -0.32 31.57 16.95
C GLU A 103 -1.34 30.87 17.86
N LEU A 104 -2.61 31.26 17.78
CA LEU A 104 -3.72 30.51 18.39
C LEU A 104 -4.21 29.39 17.47
N HIS A 105 -4.23 29.67 16.17
CA HIS A 105 -4.64 28.66 15.20
C HIS A 105 -3.59 27.58 15.04
N ARG A 106 -2.33 27.96 15.16
CA ARG A 106 -1.24 26.98 15.15
C ARG A 106 -1.32 26.04 16.36
N GLN A 107 -1.57 26.61 17.54
CA GLN A 107 -1.80 25.82 18.75
C GLN A 107 -2.99 24.88 18.61
N LEU A 108 -4.00 25.30 17.83
CA LEU A 108 -5.21 24.48 17.62
C LEU A 108 -4.93 23.35 16.65
N LEU A 109 -4.32 23.67 15.51
CA LEU A 109 -4.06 22.64 14.49
C LEU A 109 -3.31 21.48 15.13
N LYS A 110 -2.15 21.75 15.73
CA LYS A 110 -1.39 20.69 16.37
C LYS A 110 -2.28 19.93 17.33
N ARG A 111 -3.16 20.63 18.04
CA ARG A 111 -4.14 20.01 18.92
C ARG A 111 -5.08 19.01 18.21
N ILE A 112 -5.56 19.37 17.02
CA ILE A 112 -6.50 18.52 16.27
C ILE A 112 -5.80 17.59 15.25
N GLU A 113 -4.48 17.63 15.17
CA GLU A 113 -3.70 16.88 14.17
C GLU A 113 -4.14 15.41 14.08
N ALA A 114 -4.46 14.85 15.24
CA ALA A 114 -4.98 13.51 15.27
C ALA A 114 -6.20 13.31 14.36
N THR A 115 -6.95 14.37 14.09
CA THR A 115 -8.13 14.29 13.21
C THR A 115 -7.73 14.21 11.72
N MET A 116 -6.61 14.84 11.38
CA MET A 116 -6.20 14.95 9.99
C MET A 116 -5.55 13.70 9.42
N LEU A 117 -4.95 12.89 10.28
CA LEU A 117 -4.14 11.73 9.84
C LEU A 117 -4.59 11.14 8.51
N GLU A 118 -5.88 10.82 8.42
CA GLU A 118 -6.41 10.18 7.24
C GLU A 118 -6.83 11.14 6.12
N VAL A 119 -6.68 12.45 6.31
CA VAL A 119 -6.97 13.40 5.23
C VAL A 119 -5.90 13.31 4.17
N ASP A 120 -6.31 13.51 2.91
CA ASP A 120 -5.40 13.41 1.76
C ASP A 120 -4.71 14.73 1.44
N PRO A 121 -3.38 14.80 1.66
CA PRO A 121 -2.66 16.05 1.49
C PRO A 121 -2.62 16.52 0.03
N VAL A 122 -2.59 15.58 -0.91
CA VAL A 122 -2.59 15.91 -2.33
C VAL A 122 -3.84 16.70 -2.67
N ALA A 123 -5.01 16.15 -2.33
CA ALA A 123 -6.31 16.75 -2.63
C ALA A 123 -6.55 18.11 -1.94
N LEU A 124 -5.79 18.35 -0.88
CA LEU A 124 -5.89 19.57 -0.09
C LEU A 124 -4.98 20.69 -0.63
N ILE A 125 -3.86 20.31 -1.27
CA ILE A 125 -2.78 21.24 -1.65
C ILE A 125 -3.20 22.46 -2.47
N PRO A 126 -4.07 22.28 -3.48
CA PRO A 126 -4.37 23.44 -4.32
C PRO A 126 -5.13 24.51 -3.55
N TYR A 127 -5.99 24.11 -2.62
CA TYR A 127 -6.78 25.05 -1.82
C TYR A 127 -5.99 25.78 -0.73
N ILE A 128 -4.93 25.15 -0.23
CA ILE A 128 -4.12 25.72 0.81
C ILE A 128 -2.78 26.23 0.25
N SER A 129 -2.68 26.33 -1.08
CA SER A 129 -1.39 26.54 -1.74
C SER A 129 -0.74 27.87 -1.41
N THR A 130 -1.53 28.94 -1.39
CA THR A 130 -0.97 30.28 -1.14
C THR A 130 -0.47 30.47 0.28
N CYS A 131 -0.82 29.54 1.16
CA CYS A 131 -0.34 29.55 2.53
C CYS A 131 1.07 28.99 2.65
N LEU A 132 1.31 27.89 1.96
CA LEU A 132 2.60 27.23 1.98
C LEU A 132 3.57 27.84 0.95
N ILE A 133 4.86 27.63 1.18
CA ILE A 133 5.91 28.16 0.29
C ILE A 133 6.04 27.26 -0.94
N ASP A 134 6.75 27.76 -1.96
CA ASP A 134 6.97 27.02 -3.20
C ASP A 134 7.38 25.57 -2.92
N ARG A 135 8.57 25.41 -2.35
CA ARG A 135 9.19 24.10 -2.20
C ARG A 135 8.58 23.27 -1.05
N GLU A 136 7.76 23.91 -0.23
CA GLU A 136 6.98 23.19 0.75
C GLU A 136 5.90 22.38 0.03
N CYS A 137 5.15 23.05 -0.84
CA CYS A 137 4.08 22.38 -1.61
C CYS A 137 4.56 21.10 -2.29
N GLU A 138 5.69 21.19 -2.97
CA GLU A 138 6.19 20.09 -3.77
C GLU A 138 6.95 19.04 -2.95
N GLU A 139 7.31 19.36 -1.71
CA GLU A 139 7.92 18.35 -0.84
C GLU A 139 6.85 17.40 -0.30
N ILE A 140 5.72 17.97 0.10
CA ILE A 140 4.57 17.17 0.52
C ILE A 140 4.25 16.14 -0.57
N GLN A 141 3.93 16.64 -1.75
CA GLN A 141 3.61 15.82 -2.92
C GLN A 141 4.56 14.62 -3.06
N GLN A 142 5.85 14.82 -2.83
CA GLN A 142 6.83 13.73 -2.91
C GLN A 142 6.61 12.74 -1.79
N ILE A 143 6.57 13.23 -0.56
CA ILE A 143 6.33 12.35 0.60
C ILE A 143 5.01 11.60 0.40
N SER A 144 4.00 12.34 -0.01
CA SER A 144 2.66 11.81 -0.16
C SER A 144 2.59 10.67 -1.17
N GLU A 145 3.24 10.82 -2.32
CA GLU A 145 3.25 9.77 -3.34
C GLU A 145 4.25 8.70 -2.94
N ASN A 146 5.51 9.08 -2.91
CA ASN A 146 6.62 8.14 -2.76
C ASN A 146 6.57 7.27 -1.50
N ARG A 147 6.11 7.87 -0.40
CA ARG A 147 6.30 7.31 0.92
C ARG A 147 4.96 6.90 1.53
N SER A 148 4.15 7.86 1.92
CA SER A 148 2.81 7.55 2.44
C SER A 148 1.95 8.80 2.64
N LYS A 149 0.65 8.61 2.49
CA LYS A 149 -0.29 9.70 2.50
C LYS A 149 -0.41 10.34 3.89
N ALA A 150 -0.18 9.54 4.93
CA ALA A 150 -0.20 10.00 6.31
C ALA A 150 1.07 10.76 6.61
N ALA A 151 2.20 10.21 6.21
CA ALA A 151 3.48 10.93 6.28
C ALA A 151 3.37 12.24 5.52
N GLY A 152 2.58 12.23 4.46
CA GLY A 152 2.27 13.44 3.71
C GLY A 152 1.53 14.50 4.49
N ILE A 153 0.36 14.16 5.01
CA ILE A 153 -0.47 15.14 5.72
C ILE A 153 0.22 15.64 6.98
N THR A 154 1.08 14.82 7.57
CA THR A 154 1.86 15.25 8.72
C THR A 154 2.82 16.37 8.35
N LYS A 155 3.50 16.21 7.21
CA LYS A 155 4.43 17.23 6.72
C LYS A 155 3.68 18.49 6.40
N LEU A 156 2.53 18.38 5.74
CA LEU A 156 1.72 19.55 5.39
C LEU A 156 1.40 20.38 6.63
N ILE A 157 0.93 19.72 7.69
CA ILE A 157 0.53 20.48 8.87
C ILE A 157 1.73 21.01 9.67
N GLU A 158 2.90 20.43 9.44
CA GLU A 158 4.12 21.04 9.94
C GLU A 158 4.26 22.41 9.33
N CYS A 159 4.28 22.44 7.99
CA CYS A 159 4.47 23.67 7.21
C CYS A 159 3.36 24.71 7.36
N LEU A 160 2.15 24.24 7.60
CA LEU A 160 1.02 25.13 7.79
C LEU A 160 1.12 25.89 9.13
N CYS A 161 1.82 25.29 10.10
CA CYS A 161 2.17 25.98 11.35
C CYS A 161 3.30 27.00 11.13
N ARG A 162 4.24 26.64 10.25
CA ARG A 162 5.32 27.54 9.83
C ARG A 162 4.84 28.55 8.79
N SER A 163 3.54 28.57 8.52
CA SER A 163 2.96 29.54 7.60
C SER A 163 2.89 30.89 8.29
N ASP A 164 3.14 31.92 7.50
CA ASP A 164 3.26 33.29 7.97
C ASP A 164 2.21 34.17 7.33
N LYS A 165 1.06 33.59 6.99
CA LYS A 165 0.10 34.28 6.16
C LYS A 165 -1.29 34.31 6.80
N GLU A 166 -1.63 35.47 7.36
CA GLU A 166 -2.86 35.71 8.11
C GLU A 166 -4.12 35.04 7.52
N HIS A 167 -4.13 34.89 6.21
CA HIS A 167 -5.29 34.33 5.53
C HIS A 167 -5.43 32.83 5.66
N TRP A 168 -4.41 32.11 6.15
CA TRP A 168 -4.38 30.63 6.05
C TRP A 168 -5.43 29.87 6.81
N PRO A 169 -5.65 30.20 8.11
CA PRO A 169 -6.70 29.42 8.77
C PRO A 169 -8.01 29.45 8.00
N LYS A 170 -8.37 30.60 7.44
CA LYS A 170 -9.56 30.72 6.59
C LYS A 170 -9.46 29.80 5.36
N SER A 171 -8.28 29.76 4.74
CA SER A 171 -8.04 28.94 3.53
C SER A 171 -8.11 27.44 3.80
N LEU A 172 -7.69 27.07 5.01
CA LEU A 172 -7.77 25.70 5.47
C LEU A 172 -9.23 25.29 5.63
N GLN A 173 -10.03 26.15 6.25
CA GLN A 173 -11.44 25.87 6.52
C GLN A 173 -12.22 25.66 5.24
N LEU A 174 -11.92 26.46 4.22
CA LEU A 174 -12.52 26.29 2.90
C LEU A 174 -11.90 25.08 2.17
N ALA A 175 -10.63 24.80 2.47
CA ALA A 175 -9.95 23.62 1.97
C ALA A 175 -10.63 22.35 2.48
N LEU A 176 -10.80 22.26 3.80
CA LEU A 176 -11.45 21.11 4.41
C LEU A 176 -12.91 20.97 3.97
N ASP A 177 -13.59 22.10 3.80
CA ASP A 177 -15.00 22.11 3.40
C ASP A 177 -15.19 21.57 1.99
N THR A 178 -14.37 22.04 1.05
CA THR A 178 -14.54 21.72 -0.36
C THR A 178 -14.02 20.32 -0.71
N THR A 179 -12.95 19.89 -0.03
CA THR A 179 -12.44 18.54 -0.26
C THR A 179 -13.28 17.49 0.44
N GLY A 180 -14.28 17.92 1.22
CA GLY A 180 -15.29 17.04 1.79
C GLY A 180 -14.88 16.37 3.09
N TYR A 181 -14.17 17.11 3.94
CA TYR A 181 -13.72 16.59 5.23
C TYR A 181 -14.51 17.27 6.34
N TYR A 182 -15.82 17.18 6.20
CA TYR A 182 -16.78 17.90 7.03
C TYR A 182 -16.53 17.77 8.53
N ARG A 183 -16.08 16.60 8.97
CA ARG A 183 -15.82 16.37 10.39
C ARG A 183 -14.70 17.24 10.91
N ALA A 184 -13.55 17.19 10.24
CA ALA A 184 -12.42 18.00 10.64
C ALA A 184 -12.72 19.48 10.45
N SER A 185 -13.48 19.81 9.39
CA SER A 185 -13.86 21.18 9.06
C SER A 185 -14.73 21.81 10.13
N GLU A 186 -15.83 21.13 10.43
CA GLU A 186 -16.76 21.48 11.50
C GLU A 186 -16.01 21.70 12.83
N LEU A 187 -14.95 20.93 13.03
CA LEU A 187 -14.13 21.01 14.23
C LEU A 187 -13.03 22.09 14.13
N TRP A 188 -12.96 22.85 13.04
CA TRP A 188 -11.86 23.78 12.84
C TRP A 188 -12.16 25.18 13.28
N ASP A 189 -13.35 25.69 12.95
CA ASP A 189 -13.82 27.02 13.43
C ASP A 189 -12.79 27.83 14.23
N LYS A 248 -48.23 30.14 -11.28
CA LYS A 248 -49.51 30.12 -10.60
C LYS A 248 -49.81 28.67 -10.12
N ALA A 249 -50.68 28.55 -9.11
CA ALA A 249 -50.94 27.31 -8.37
C ALA A 249 -51.26 26.09 -9.21
N ARG A 250 -51.21 24.93 -8.55
CA ARG A 250 -51.73 23.68 -9.14
C ARG A 250 -53.18 23.50 -8.74
N SER A 251 -53.83 22.53 -9.36
CA SER A 251 -55.26 22.34 -9.17
C SER A 251 -55.56 21.93 -7.75
N TYR A 252 -54.79 20.99 -7.21
CA TYR A 252 -55.00 20.54 -5.83
C TYR A 252 -54.78 21.68 -4.82
N GLN A 253 -53.81 22.56 -5.09
CA GLN A 253 -53.53 23.70 -4.20
C GLN A 253 -54.71 24.67 -4.14
N ILE A 254 -55.31 24.94 -5.29
CA ILE A 254 -56.51 25.78 -5.34
C ILE A 254 -57.58 25.12 -4.49
N GLU A 255 -57.83 23.84 -4.75
CA GLU A 255 -58.83 23.06 -4.03
C GLU A 255 -58.66 23.17 -2.51
N LEU A 256 -57.42 23.08 -2.06
CA LEU A 256 -57.07 23.22 -0.63
C LEU A 256 -57.44 24.61 -0.08
N ALA A 257 -57.19 25.64 -0.89
CA ALA A 257 -57.40 27.02 -0.47
C ALA A 257 -58.88 27.44 -0.48
N GLN A 258 -59.69 26.84 -1.35
CA GLN A 258 -61.07 27.31 -1.60
C GLN A 258 -61.88 27.71 -0.36
N PRO A 259 -62.07 26.80 0.61
CA PRO A 259 -62.91 27.17 1.74
C PRO A 259 -62.36 28.36 2.51
N ALA A 260 -61.05 28.48 2.60
CA ALA A 260 -60.43 29.64 3.27
C ALA A 260 -60.59 30.92 2.45
N ILE A 261 -60.54 30.81 1.13
CA ILE A 261 -60.80 31.97 0.26
C ILE A 261 -62.25 32.40 0.45
N ASN A 262 -63.11 31.42 0.76
CA ASN A 262 -64.51 31.69 1.08
C ASN A 262 -64.72 32.04 2.55
N GLY A 263 -63.67 32.52 3.21
CA GLY A 263 -63.79 33.11 4.54
C GLY A 263 -63.87 32.16 5.73
N LYS A 264 -63.87 30.86 5.44
CA LYS A 264 -64.14 29.88 6.48
C LYS A 264 -62.87 29.51 7.24
N ASN A 265 -63.00 29.36 8.55
CA ASN A 265 -61.87 28.93 9.37
C ASN A 265 -61.44 27.54 8.90
N ALA A 266 -60.30 27.49 8.21
CA ALA A 266 -59.84 26.23 7.61
C ALA A 266 -58.73 25.54 8.43
N LEU A 267 -58.65 24.23 8.24
CA LEU A 267 -57.54 23.43 8.72
C LEU A 267 -57.06 22.60 7.53
N ILE A 268 -55.99 23.08 6.91
CA ILE A 268 -55.43 22.43 5.73
C ILE A 268 -54.59 21.24 6.20
N CYS A 269 -55.10 20.02 6.00
CA CYS A 269 -54.31 18.80 6.22
C CYS A 269 -53.83 18.29 4.88
N ALA A 270 -52.58 18.56 4.58
CA ALA A 270 -51.93 18.07 3.38
C ALA A 270 -50.53 17.60 3.77
N PRO A 271 -49.96 16.67 2.99
CA PRO A 271 -48.67 16.08 3.35
C PRO A 271 -47.54 17.06 3.14
N THR A 272 -46.39 16.80 3.76
CA THR A 272 -45.27 17.74 3.69
C THR A 272 -44.70 17.77 2.29
N GLY A 273 -44.43 18.98 1.79
CA GLY A 273 -43.85 19.17 0.46
C GLY A 273 -44.88 19.39 -0.64
N SER A 274 -46.16 19.20 -0.32
CA SER A 274 -47.24 19.52 -1.23
C SER A 274 -47.40 21.04 -1.33
N GLY A 275 -46.85 21.77 -0.36
CA GLY A 275 -46.73 23.24 -0.40
C GLY A 275 -47.79 23.98 0.38
N LYS A 276 -47.83 23.75 1.70
CA LYS A 276 -48.84 24.38 2.54
C LYS A 276 -48.55 25.87 2.70
N THR A 277 -47.27 26.23 2.84
CA THR A 277 -46.87 27.63 2.92
C THR A 277 -47.28 28.38 1.65
N PHE A 278 -47.27 27.69 0.52
CA PHE A 278 -47.70 28.32 -0.71
C PHE A 278 -49.18 28.62 -0.63
N VAL A 279 -50.00 27.59 -0.39
CA VAL A 279 -51.46 27.80 -0.31
C VAL A 279 -51.77 28.90 0.69
N SER A 280 -50.99 28.96 1.76
CA SER A 280 -51.20 30.00 2.76
C SER A 280 -50.93 31.39 2.18
N ILE A 281 -49.96 31.51 1.26
CA ILE A 281 -49.71 32.82 0.64
C ILE A 281 -50.73 33.10 -0.50
N LEU A 282 -51.34 32.05 -1.03
CA LEU A 282 -52.43 32.21 -1.99
C LEU A 282 -53.62 32.74 -1.23
N ILE A 283 -53.94 32.10 -0.10
CA ILE A 283 -55.05 32.57 0.77
C ILE A 283 -54.87 34.04 1.15
N CYS A 284 -53.63 34.44 1.39
CA CYS A 284 -53.32 35.82 1.72
C CYS A 284 -53.63 36.75 0.55
N GLU A 285 -53.03 36.54 -0.61
CA GLU A 285 -53.29 37.47 -1.70
C GLU A 285 -54.76 37.45 -2.15
N HIS A 286 -55.55 36.47 -1.67
CA HIS A 286 -57.02 36.50 -1.85
C HIS A 286 -57.74 37.06 -0.67
N HIS A 287 -57.00 37.45 0.36
CA HIS A 287 -57.58 38.02 1.58
C HIS A 287 -57.53 39.51 1.53
N PHE A 288 -56.39 40.04 1.09
CA PHE A 288 -56.23 41.48 0.91
C PHE A 288 -57.06 41.97 -0.25
N GLN A 289 -57.26 41.09 -1.21
CA GLN A 289 -57.97 41.40 -2.45
C GLN A 289 -59.46 41.54 -2.18
N ASN A 290 -60.01 40.59 -1.42
CA ASN A 290 -61.43 40.61 -1.06
C ASN A 290 -61.66 41.12 0.37
N MET A 291 -60.89 42.14 0.76
CA MET A 291 -61.08 42.84 2.05
C MET A 291 -62.02 44.02 1.87
N PRO A 292 -63.19 43.98 2.52
CA PRO A 292 -64.22 44.96 2.21
C PRO A 292 -64.06 46.28 2.97
N ALA A 293 -64.72 47.32 2.47
CA ALA A 293 -64.92 48.57 3.20
C ALA A 293 -63.65 49.18 3.77
N GLY A 294 -63.77 49.77 4.96
CA GLY A 294 -62.67 50.44 5.59
C GLY A 294 -61.60 49.46 5.99
N ARG A 295 -61.98 48.50 6.83
CA ARG A 295 -61.02 47.67 7.57
C ARG A 295 -59.78 47.27 6.76
N LYS A 296 -58.60 47.63 7.29
CA LYS A 296 -57.30 47.21 6.77
C LYS A 296 -57.03 45.84 7.28
N ALA A 297 -56.42 44.99 6.45
CA ALA A 297 -56.10 43.63 6.84
C ALA A 297 -54.72 43.56 7.49
N LYS A 298 -54.63 42.80 8.57
CA LYS A 298 -53.35 42.33 9.11
C LYS A 298 -53.37 40.81 9.12
N VAL A 299 -52.21 40.20 8.95
CA VAL A 299 -52.07 38.75 8.95
C VAL A 299 -50.98 38.33 9.94
N VAL A 300 -51.20 37.24 10.67
CA VAL A 300 -50.17 36.74 11.60
C VAL A 300 -49.78 35.31 11.25
N PHE A 301 -48.52 35.10 10.85
CA PHE A 301 -48.04 33.76 10.56
C PHE A 301 -47.27 33.19 11.75
N LEU A 302 -47.94 32.32 12.49
CA LEU A 302 -47.34 31.70 13.67
C LEU A 302 -46.62 30.39 13.29
N ALA A 303 -45.35 30.28 13.69
CA ALA A 303 -44.56 29.07 13.51
C ALA A 303 -43.96 28.66 14.85
N THR A 304 -43.97 27.36 15.11
CA THR A 304 -43.49 26.78 16.36
C THR A 304 -42.01 27.07 16.58
N LYS A 305 -41.16 26.42 15.79
CA LYS A 305 -39.71 26.43 16.03
C LYS A 305 -39.06 27.71 15.52
N VAL A 306 -37.88 28.01 16.05
CA VAL A 306 -37.14 29.23 15.67
C VAL A 306 -36.66 29.27 14.21
N PRO A 307 -36.11 28.16 13.69
CA PRO A 307 -35.71 28.15 12.27
C PRO A 307 -36.90 28.11 11.30
N VAL A 308 -37.81 27.17 11.54
CA VAL A 308 -39.08 27.08 10.81
C VAL A 308 -39.68 28.46 10.62
N TYR A 309 -39.79 29.19 11.72
CA TYR A 309 -40.22 30.58 11.72
C TYR A 309 -39.47 31.42 10.70
N GLU A 310 -38.14 31.32 10.69
CA GLU A 310 -37.33 32.25 9.90
C GLU A 310 -37.40 31.99 8.40
N GLN A 311 -37.41 30.71 8.02
CA GLN A 311 -37.60 30.34 6.61
C GLN A 311 -38.85 31.03 6.08
N GLN A 312 -39.92 30.99 6.88
CA GLN A 312 -41.21 31.57 6.51
C GLN A 312 -41.14 33.09 6.48
N LYS A 313 -40.66 33.69 7.57
CA LYS A 313 -40.45 35.13 7.62
C LYS A 313 -39.82 35.60 6.33
N ASN A 314 -38.81 34.85 5.88
CA ASN A 314 -38.15 35.14 4.59
C ASN A 314 -39.03 34.81 3.37
N VAL A 315 -39.79 33.72 3.42
CA VAL A 315 -40.70 33.41 2.33
C VAL A 315 -41.62 34.61 2.13
N PHE A 316 -42.30 35.02 3.21
CA PHE A 316 -43.26 36.12 3.15
C PHE A 316 -42.60 37.47 2.84
N LYS A 317 -41.41 37.70 3.39
CA LYS A 317 -40.62 38.89 3.04
C LYS A 317 -40.40 38.97 1.54
N HIS A 318 -39.85 37.88 0.97
CA HIS A 318 -39.48 37.83 -0.43
C HIS A 318 -40.63 38.07 -1.35
N HIS A 319 -41.75 37.38 -1.08
CA HIS A 319 -42.91 37.45 -1.95
C HIS A 319 -43.72 38.70 -1.82
N PHE A 320 -44.03 39.10 -0.59
CA PHE A 320 -45.01 40.18 -0.37
C PHE A 320 -44.44 41.60 -0.32
N GLU A 321 -43.16 41.76 -0.03
CA GLU A 321 -42.60 43.11 0.06
C GLU A 321 -42.74 43.84 -1.28
N ARG A 322 -42.43 43.13 -2.37
CA ARG A 322 -42.45 43.72 -3.72
C ARG A 322 -43.81 44.25 -4.15
N GLN A 323 -44.88 43.64 -3.66
CA GLN A 323 -46.24 44.03 -4.03
C GLN A 323 -46.68 45.32 -3.33
N GLY A 324 -45.90 45.80 -2.36
CA GLY A 324 -46.17 47.05 -1.66
C GLY A 324 -46.45 46.90 -0.17
N TYR A 325 -46.49 45.66 0.31
CA TYR A 325 -46.82 45.37 1.70
C TYR A 325 -45.63 45.59 2.62
N SER A 326 -45.94 45.84 3.89
CA SER A 326 -44.96 45.91 4.95
C SER A 326 -44.90 44.52 5.59
N VAL A 327 -43.75 43.86 5.48
CA VAL A 327 -43.55 42.50 6.00
C VAL A 327 -42.42 42.46 7.04
N GLN A 328 -42.78 42.39 8.32
CA GLN A 328 -41.80 42.21 9.40
C GLN A 328 -42.00 40.89 10.11
N GLY A 329 -40.96 40.49 10.85
CA GLY A 329 -41.01 39.25 11.64
C GLY A 329 -40.46 39.47 13.04
N ILE A 330 -41.35 39.39 14.03
CA ILE A 330 -40.97 39.53 15.44
C ILE A 330 -40.60 38.15 15.99
N SER A 331 -39.59 38.09 16.85
CA SER A 331 -39.13 36.81 17.42
C SER A 331 -38.32 36.98 18.72
N GLY A 332 -38.06 35.86 19.39
CA GLY A 332 -37.30 35.84 20.64
C GLY A 332 -36.19 36.86 20.72
N GLU A 333 -35.45 37.03 19.62
CA GLU A 333 -34.35 37.99 19.56
C GLU A 333 -34.84 39.36 19.08
N SER A 339 -40.22 46.33 20.85
CA SER A 339 -41.65 46.60 21.02
C SER A 339 -42.49 45.72 20.10
N VAL A 340 -43.69 45.37 20.54
CA VAL A 340 -44.66 44.62 19.74
C VAL A 340 -45.63 45.57 19.06
N GLU A 341 -46.15 46.53 19.84
CA GLU A 341 -47.17 47.46 19.38
C GLU A 341 -46.96 48.04 17.98
N LYS A 342 -45.88 48.80 17.79
CA LYS A 342 -45.63 49.47 16.51
C LYS A 342 -45.39 48.46 15.38
N VAL A 343 -44.51 47.48 15.64
CA VAL A 343 -44.22 46.41 14.67
C VAL A 343 -45.52 45.85 14.11
N ILE A 344 -46.51 45.64 14.99
CA ILE A 344 -47.80 45.10 14.59
C ILE A 344 -48.61 46.06 13.74
N GLU A 345 -48.73 47.33 14.14
CA GLU A 345 -49.57 48.26 13.38
C GLU A 345 -48.86 48.88 12.17
N ASP A 346 -47.54 48.85 12.15
CA ASP A 346 -46.78 49.26 10.96
C ASP A 346 -46.70 48.13 9.93
N SER A 347 -46.97 46.90 10.36
CA SER A 347 -46.88 45.72 9.48
C SER A 347 -48.21 45.31 8.85
N ASP A 348 -48.15 44.89 7.60
CA ASP A 348 -49.30 44.33 6.89
C ASP A 348 -49.31 42.80 7.07
N ILE A 349 -48.12 42.18 7.10
CA ILE A 349 -47.96 40.77 7.44
C ILE A 349 -46.93 40.61 8.56
N ILE A 350 -47.24 39.80 9.58
CA ILE A 350 -46.31 39.54 10.69
C ILE A 350 -46.09 38.05 10.92
N VAL A 351 -44.86 37.60 10.69
CA VAL A 351 -44.47 36.23 10.96
C VAL A 351 -43.87 36.22 12.37
N VAL A 352 -44.30 35.25 13.20
CA VAL A 352 -44.06 35.32 14.65
C VAL A 352 -43.94 33.95 15.33
N THR A 353 -43.18 33.91 16.42
CA THR A 353 -43.20 32.81 17.39
C THR A 353 -44.45 32.96 18.25
N PRO A 354 -45.10 31.85 18.61
CA PRO A 354 -46.36 31.99 19.35
C PRO A 354 -46.21 32.58 20.75
N GLN A 355 -45.11 32.24 21.41
CA GLN A 355 -44.89 32.66 22.78
C GLN A 355 -44.72 34.17 22.89
N ILE A 356 -44.36 34.81 21.78
CA ILE A 356 -44.21 36.26 21.75
C ILE A 356 -45.56 36.94 21.91
N LEU A 357 -46.57 36.45 21.20
CA LEU A 357 -47.91 36.99 21.37
C LEU A 357 -48.40 36.70 22.79
N VAL A 358 -48.38 35.44 23.20
CA VAL A 358 -48.84 35.04 24.54
C VAL A 358 -48.27 35.94 25.65
N ASN A 359 -46.95 36.12 25.66
CA ASN A 359 -46.28 36.99 26.62
C ASN A 359 -46.76 38.43 26.49
N SER A 360 -46.66 39.00 25.29
CA SER A 360 -47.07 40.39 25.06
C SER A 360 -48.60 40.52 24.97
N PHE A 361 -49.34 39.51 25.44
CA PHE A 361 -50.78 39.64 25.72
C PHE A 361 -50.99 39.69 27.23
N GLU A 362 -50.47 38.67 27.93
CA GLU A 362 -50.48 38.60 29.39
C GLU A 362 -49.79 39.83 30.00
N ASP A 363 -48.69 40.25 29.36
CA ASP A 363 -47.95 41.45 29.73
C ASP A 363 -48.82 42.69 29.72
N GLY A 364 -49.55 42.90 28.63
CA GLY A 364 -50.39 44.09 28.48
C GLY A 364 -50.09 44.93 27.25
N THR A 365 -49.01 44.61 26.55
CA THR A 365 -48.66 45.28 25.29
C THR A 365 -49.76 45.21 24.23
N LEU A 366 -50.68 44.25 24.37
CA LEU A 366 -51.73 44.03 23.40
C LEU A 366 -52.85 43.24 24.07
N THR A 367 -54.08 43.76 24.07
CA THR A 367 -55.23 43.02 24.61
C THR A 367 -56.46 43.22 23.76
N SER A 368 -56.33 42.83 22.49
CA SER A 368 -57.42 42.87 21.53
C SER A 368 -56.97 42.01 20.35
N LEU A 369 -57.53 40.81 20.24
CA LEU A 369 -57.17 39.90 19.15
C LEU A 369 -57.88 40.31 17.85
N SER A 370 -58.79 41.28 17.96
CA SER A 370 -59.48 41.88 16.83
C SER A 370 -58.55 42.61 15.87
N ILE A 371 -57.29 42.83 16.27
CA ILE A 371 -56.33 43.57 15.46
C ILE A 371 -56.15 42.91 14.11
N PHE A 372 -56.03 41.58 14.14
CA PHE A 372 -55.72 40.81 12.94
C PHE A 372 -56.99 40.38 12.20
N THR A 373 -56.91 40.30 10.87
CA THR A 373 -58.01 39.79 10.07
C THR A 373 -57.80 38.33 9.68
N LEU A 374 -56.59 37.82 9.90
CA LEU A 374 -56.23 36.44 9.55
C LEU A 374 -55.06 35.95 10.42
N MET A 375 -55.28 34.88 11.16
CA MET A 375 -54.17 34.18 11.82
C MET A 375 -53.93 32.84 11.11
N ILE A 376 -52.69 32.64 10.66
CA ILE A 376 -52.27 31.38 10.08
C ILE A 376 -51.49 30.62 11.15
N PHE A 377 -51.83 29.36 11.35
CA PHE A 377 -51.17 28.52 12.37
C PHE A 377 -50.39 27.37 11.74
N ASP A 378 -49.07 27.53 11.65
CA ASP A 378 -48.22 26.48 11.10
C ASP A 378 -48.00 25.40 12.16
N GLU A 379 -48.10 24.15 11.74
CA GLU A 379 -48.01 22.99 12.64
C GLU A 379 -49.08 23.08 13.72
N CYS A 380 -50.30 23.33 13.27
CA CYS A 380 -51.43 23.66 14.15
C CYS A 380 -51.92 22.50 15.04
N HIS A 381 -51.49 21.28 14.74
CA HIS A 381 -51.84 20.13 15.59
C HIS A 381 -51.26 20.28 16.97
N ASN A 382 -50.28 21.16 17.12
CA ASN A 382 -49.81 21.58 18.45
C ASN A 382 -50.84 22.33 19.34
N THR A 383 -52.02 22.67 18.82
CA THR A 383 -53.03 23.40 19.60
C THR A 383 -53.77 22.51 20.61
N THR A 384 -53.06 22.13 21.68
CA THR A 384 -53.61 21.34 22.78
C THR A 384 -52.85 21.69 24.05
N GLY A 385 -53.47 21.46 25.19
CA GLY A 385 -52.80 21.66 26.48
C GLY A 385 -52.19 23.04 26.60
N ASN A 386 -50.98 23.09 27.16
CA ASN A 386 -50.35 24.37 27.49
C ASN A 386 -49.69 25.08 26.31
N HIS A 387 -49.63 24.42 25.16
CA HIS A 387 -48.98 25.01 23.99
C HIS A 387 -49.53 26.38 23.72
N PRO A 388 -48.65 27.35 23.37
CA PRO A 388 -49.09 28.72 23.20
C PRO A 388 -50.21 28.95 22.17
N TYR A 389 -50.22 28.18 21.08
CA TYR A 389 -51.36 28.22 20.14
C TYR A 389 -52.68 28.03 20.86
N ASN A 390 -52.72 27.07 21.78
CA ASN A 390 -53.91 26.79 22.59
C ASN A 390 -54.18 27.89 23.63
N VAL A 391 -53.10 28.49 24.13
CA VAL A 391 -53.19 29.64 25.02
C VAL A 391 -53.67 30.87 24.25
N LEU A 392 -53.21 31.02 23.01
CA LEU A 392 -53.68 32.09 22.13
C LEU A 392 -55.11 31.87 21.66
N MET A 393 -55.48 30.61 21.44
CA MET A 393 -56.84 30.27 21.02
C MET A 393 -57.83 30.26 22.17
N THR A 394 -57.33 30.03 23.39
CA THR A 394 -58.13 30.20 24.59
C THR A 394 -58.70 31.62 24.64
N ARG A 395 -57.81 32.59 24.43
CA ARG A 395 -58.16 34.01 24.36
C ARG A 395 -59.10 34.34 23.21
N TYR A 396 -58.87 33.72 22.05
CA TYR A 396 -59.75 33.86 20.88
C TYR A 396 -61.17 33.42 21.18
N LEU A 397 -61.30 32.33 21.94
CA LEU A 397 -62.61 31.74 22.22
C LEU A 397 -63.44 32.57 23.19
N GLU A 398 -62.81 33.28 24.12
CA GLU A 398 -63.56 34.19 24.98
C GLU A 398 -63.92 35.50 24.27
N GLN A 399 -63.13 35.90 23.28
CA GLN A 399 -63.48 37.08 22.47
C GLN A 399 -64.64 36.80 21.51
N LYS A 400 -64.85 35.51 21.22
CA LYS A 400 -66.00 35.07 20.42
C LYS A 400 -67.23 35.16 21.28
N PHE A 401 -67.12 34.58 22.46
CA PHE A 401 -68.20 34.46 23.42
C PHE A 401 -68.58 35.81 23.99
N ASN A 402 -67.68 36.39 24.77
CA ASN A 402 -67.99 37.59 25.55
C ASN A 402 -68.27 38.80 24.69
N SER A 403 -67.23 39.32 24.03
CA SER A 403 -67.31 40.62 23.37
C SER A 403 -68.21 40.65 22.13
N ALA A 404 -68.28 39.54 21.41
CA ALA A 404 -69.05 39.48 20.17
C ALA A 404 -68.70 40.62 19.21
N SER A 405 -67.41 40.96 19.14
CA SER A 405 -66.93 42.02 18.26
C SER A 405 -66.53 41.42 16.90
N GLN A 406 -65.24 41.46 16.58
CA GLN A 406 -64.75 41.04 15.27
C GLN A 406 -63.52 40.19 15.44
N LEU A 407 -63.68 38.89 15.26
CA LEU A 407 -62.54 37.98 15.36
C LEU A 407 -61.91 37.78 13.99
N PRO A 408 -60.60 37.43 13.96
CA PRO A 408 -59.96 37.13 12.70
C PRO A 408 -60.36 35.76 12.17
N GLN A 409 -60.08 35.55 10.90
CA GLN A 409 -60.19 34.25 10.27
C GLN A 409 -58.99 33.39 10.74
N ILE A 410 -59.26 32.12 11.02
CA ILE A 410 -58.21 31.18 11.39
C ILE A 410 -57.86 30.30 10.19
N LEU A 411 -56.57 29.99 10.05
CA LEU A 411 -56.08 29.02 9.06
C LEU A 411 -55.09 28.07 9.75
N GLY A 412 -55.41 26.78 9.74
CA GLY A 412 -54.53 25.79 10.34
C GLY A 412 -53.76 25.01 9.29
N LEU A 413 -52.44 24.96 9.44
CA LEU A 413 -51.62 24.17 8.54
C LEU A 413 -50.98 23.01 9.31
N THR A 414 -51.05 21.82 8.72
CA THR A 414 -50.50 20.62 9.33
C THR A 414 -50.23 19.52 8.29
N ALA A 415 -49.24 18.69 8.58
CA ALA A 415 -48.99 17.48 7.82
C ALA A 415 -50.06 16.45 8.15
N SER A 416 -50.29 16.25 9.45
CA SER A 416 -51.23 15.24 9.94
C SER A 416 -51.85 15.68 11.29
N VAL A 417 -53.18 15.65 11.35
CA VAL A 417 -53.94 16.06 12.55
C VAL A 417 -53.81 15.08 13.72
N GLY A 418 -53.27 13.90 13.45
CA GLY A 418 -52.95 12.95 14.50
C GLY A 418 -54.16 12.10 14.82
N VAL A 419 -53.97 11.19 15.78
CA VAL A 419 -55.04 10.32 16.27
C VAL A 419 -55.08 10.23 17.81
N GLY A 420 -54.11 10.83 18.50
CA GLY A 420 -54.20 11.04 19.95
C GLY A 420 -53.94 9.77 20.73
N ASN A 421 -55.00 9.16 21.27
CA ASN A 421 -54.94 7.80 21.82
C ASN A 421 -56.06 6.93 21.25
N ALA A 422 -56.58 7.34 20.10
CA ALA A 422 -57.78 6.72 19.56
C ALA A 422 -57.45 5.33 19.05
N LYS A 423 -58.26 4.36 19.45
CA LYS A 423 -58.18 3.01 18.93
C LYS A 423 -59.07 2.82 17.69
N ASN A 424 -60.22 3.50 17.67
CA ASN A 424 -61.20 3.37 16.60
C ASN A 424 -61.24 4.58 15.69
N ILE A 425 -61.92 4.40 14.57
CA ILE A 425 -62.22 5.51 13.69
C ILE A 425 -63.19 6.43 14.45
N GLU A 426 -64.01 5.85 15.32
CA GLU A 426 -64.88 6.62 16.22
C GLU A 426 -64.10 7.53 17.16
N GLU A 427 -63.18 6.95 17.92
CA GLU A 427 -62.37 7.73 18.87
C GLU A 427 -61.57 8.79 18.13
N THR A 428 -61.06 8.42 16.96
CA THR A 428 -60.31 9.36 16.10
C THR A 428 -61.15 10.59 15.70
N ILE A 429 -62.34 10.36 15.15
CA ILE A 429 -63.26 11.45 14.80
C ILE A 429 -63.40 12.43 15.95
N GLU A 430 -63.55 11.87 17.16
CA GLU A 430 -63.71 12.65 18.38
C GLU A 430 -62.44 13.44 18.65
N HIS A 431 -61.27 12.85 18.37
CA HIS A 431 -60.00 13.56 18.49
C HIS A 431 -59.87 14.64 17.46
N ILE A 432 -60.07 14.29 16.20
CA ILE A 432 -59.91 15.24 15.12
C ILE A 432 -60.84 16.44 15.36
N CYS A 433 -62.10 16.16 15.69
CA CYS A 433 -63.06 17.22 16.01
C CYS A 433 -62.58 18.13 17.14
N SER A 434 -62.11 17.50 18.21
CA SER A 434 -61.63 18.23 19.37
C SER A 434 -60.57 19.25 18.97
N LEU A 435 -59.61 18.85 18.13
CA LEU A 435 -58.59 19.78 17.64
C LEU A 435 -59.26 20.94 16.93
N CYS A 436 -60.18 20.60 16.03
CA CYS A 436 -60.88 21.61 15.25
C CYS A 436 -61.66 22.59 16.13
N SER A 437 -62.14 22.10 17.28
CA SER A 437 -62.82 22.96 18.24
C SER A 437 -61.84 23.99 18.80
N TYR A 438 -60.67 23.53 19.26
CA TYR A 438 -59.67 24.41 19.87
C TYR A 438 -59.30 25.57 18.96
N LEU A 439 -59.21 25.30 17.66
CA LEU A 439 -58.87 26.32 16.66
C LEU A 439 -60.09 27.07 16.12
N ASP A 440 -61.27 26.49 16.31
CA ASP A 440 -62.54 27.04 15.82
C ASP A 440 -62.64 26.94 14.31
N ILE A 441 -62.41 25.72 13.82
CA ILE A 441 -62.45 25.42 12.40
C ILE A 441 -63.90 25.20 11.94
N GLN A 442 -64.18 25.55 10.68
CA GLN A 442 -65.46 25.31 10.06
C GLN A 442 -65.40 24.27 8.93
N ALA A 443 -64.21 24.04 8.38
CA ALA A 443 -64.03 23.01 7.36
C ALA A 443 -62.59 22.49 7.36
N ILE A 444 -62.45 21.18 7.15
CA ILE A 444 -61.15 20.53 7.04
C ILE A 444 -60.84 20.34 5.57
N SER A 445 -59.81 21.04 5.10
CA SER A 445 -59.46 21.04 3.68
C SER A 445 -58.32 20.06 3.39
N THR A 446 -58.64 19.02 2.64
CA THR A 446 -57.68 18.00 2.22
C THR A 446 -57.93 17.73 0.75
N VAL A 447 -56.89 17.39 0.01
CA VAL A 447 -57.07 17.13 -1.43
C VAL A 447 -57.96 15.90 -1.61
N ARG A 448 -59.03 16.07 -2.37
CA ARG A 448 -60.03 15.02 -2.60
C ARG A 448 -60.45 14.86 -4.06
N GLU A 449 -60.43 15.96 -4.82
CA GLU A 449 -60.75 15.92 -6.23
C GLU A 449 -59.50 15.70 -7.08
N ASN A 450 -58.40 16.32 -6.67
CA ASN A 450 -57.13 16.23 -7.38
C ASN A 450 -56.15 15.29 -6.69
N ILE A 451 -56.65 14.17 -6.21
CA ILE A 451 -55.81 13.19 -5.53
C ILE A 451 -54.83 12.70 -6.59
N GLN A 452 -55.38 12.43 -7.77
CA GLN A 452 -54.60 12.06 -8.94
C GLN A 452 -53.39 12.98 -9.09
N GLU A 453 -53.64 14.28 -9.18
CA GLU A 453 -52.58 15.27 -9.43
C GLU A 453 -51.59 15.36 -8.26
N LEU A 454 -52.07 15.26 -7.03
CA LEU A 454 -51.17 15.32 -5.87
C LEU A 454 -50.24 14.12 -5.92
N GLN A 455 -50.82 12.93 -5.94
CA GLN A 455 -50.01 11.72 -5.87
C GLN A 455 -48.98 11.67 -6.97
N ARG A 456 -49.33 12.13 -8.16
CA ARG A 456 -48.34 12.28 -9.23
C ARG A 456 -47.23 13.25 -8.80
N PHE A 457 -47.59 14.35 -8.15
CA PHE A 457 -46.63 15.39 -7.78
C PHE A 457 -45.67 14.99 -6.66
N MET A 458 -45.98 13.88 -5.99
CA MET A 458 -45.08 13.34 -4.99
C MET A 458 -45.35 11.85 -4.78
N ASN A 459 -44.54 11.02 -5.41
CA ASN A 459 -44.73 9.58 -5.26
C ASN A 459 -44.25 9.12 -3.89
N LYS A 460 -45.16 9.24 -2.93
CA LYS A 460 -45.02 8.57 -1.64
C LYS A 460 -44.75 7.11 -1.92
N PRO A 461 -43.50 6.67 -1.67
CA PRO A 461 -43.21 5.30 -1.99
C PRO A 461 -43.98 4.41 -1.05
N GLU A 462 -44.48 3.29 -1.56
CA GLU A 462 -44.91 2.22 -0.68
C GLU A 462 -43.62 1.70 -0.04
N ILE A 463 -43.71 1.37 1.25
CA ILE A 463 -42.55 0.91 1.96
C ILE A 463 -42.70 -0.56 2.30
N ASP A 464 -42.34 -1.39 1.33
CA ASP A 464 -42.16 -2.82 1.54
C ASP A 464 -41.06 -2.98 2.57
N VAL A 465 -41.41 -3.50 3.75
CA VAL A 465 -40.51 -3.62 4.91
C VAL A 465 -40.15 -5.07 5.21
N ARG A 466 -38.87 -5.39 5.23
CA ARG A 466 -38.42 -6.77 5.42
C ARG A 466 -37.73 -6.96 6.77
N LEU A 467 -38.08 -8.01 7.49
CA LEU A 467 -37.33 -8.44 8.65
C LEU A 467 -36.20 -9.29 8.15
N VAL A 468 -35.12 -9.38 8.90
CA VAL A 468 -33.92 -10.03 8.42
C VAL A 468 -33.17 -10.56 9.61
N LYS A 469 -32.93 -11.87 9.68
CA LYS A 469 -32.21 -12.40 10.84
C LYS A 469 -30.79 -11.88 10.81
N ARG A 470 -30.25 -11.54 11.98
CA ARG A 470 -28.88 -11.06 12.05
C ARG A 470 -27.94 -12.15 12.58
N ARG A 471 -26.68 -11.76 12.76
CA ARG A 471 -25.63 -12.60 13.33
C ARG A 471 -25.86 -12.86 14.82
N ILE A 472 -26.10 -14.10 15.22
CA ILE A 472 -26.28 -14.31 16.63
C ILE A 472 -25.05 -14.06 17.47
N HIS A 473 -23.86 -14.61 17.17
CA HIS A 473 -22.67 -14.19 17.96
C HIS A 473 -21.65 -13.48 17.11
N ASN A 474 -20.96 -12.50 17.69
CA ASN A 474 -20.09 -11.62 16.94
C ASN A 474 -18.83 -11.39 17.76
N PRO A 475 -17.99 -12.40 17.87
CA PRO A 475 -16.90 -12.36 18.85
C PRO A 475 -15.88 -11.30 18.48
N PHE A 476 -15.79 -10.95 17.21
CA PHE A 476 -15.02 -9.77 16.81
C PHE A 476 -15.51 -8.57 17.59
N ALA A 477 -16.82 -8.42 17.62
CA ALA A 477 -17.47 -7.33 18.33
C ALA A 477 -16.97 -7.23 19.77
N ALA A 478 -17.04 -8.35 20.46
CA ALA A 478 -16.63 -8.40 21.85
C ALA A 478 -15.14 -8.12 22.03
N ILE A 479 -14.31 -8.60 21.11
CA ILE A 479 -12.88 -8.32 21.20
C ILE A 479 -12.59 -6.82 21.04
N ILE A 480 -13.34 -6.16 20.15
CA ILE A 480 -13.15 -4.74 19.93
C ILE A 480 -13.66 -3.96 21.13
N SER A 481 -14.88 -4.29 21.56
CA SER A 481 -15.51 -3.62 22.70
C SER A 481 -14.54 -3.49 23.85
N ASN A 482 -13.90 -4.59 24.24
CA ASN A 482 -12.94 -4.54 25.32
C ASN A 482 -11.82 -3.53 25.09
N LEU A 483 -11.33 -3.45 23.85
CA LEU A 483 -10.31 -2.44 23.54
C LEU A 483 -10.91 -1.04 23.69
N MET A 484 -12.15 -0.86 23.24
CA MET A 484 -12.82 0.43 23.43
C MET A 484 -12.89 0.76 24.92
N SER A 485 -13.23 -0.21 25.74
CA SER A 485 -13.33 0.03 27.16
C SER A 485 -11.99 0.36 27.77
N GLU A 486 -10.94 -0.35 27.35
CA GLU A 486 -9.60 -0.05 27.84
C GLU A 486 -9.26 1.38 27.45
N THR A 487 -9.42 1.68 26.16
CA THR A 487 -9.07 3.00 25.61
C THR A 487 -9.80 4.13 26.30
N GLU A 488 -11.10 3.95 26.53
CA GLU A 488 -11.89 4.89 27.34
C GLU A 488 -11.22 5.12 28.71
N ALA A 489 -10.90 4.03 29.40
CA ALA A 489 -10.34 4.12 30.74
C ALA A 489 -8.93 4.69 30.72
N LEU A 490 -8.22 4.50 29.62
CA LEU A 490 -6.93 5.15 29.43
C LEU A 490 -7.10 6.66 29.23
N MET A 491 -8.16 7.02 28.52
CA MET A 491 -8.50 8.41 28.27
C MET A 491 -8.93 9.08 29.57
N ARG A 492 -9.56 8.31 30.46
CA ARG A 492 -9.90 8.80 31.79
C ARG A 492 -8.63 9.09 32.60
N THR A 493 -7.55 8.35 32.36
CA THR A 493 -6.23 8.67 32.96
C THR A 493 -5.68 10.03 32.55
N ILE A 494 -6.11 10.53 31.40
CA ILE A 494 -5.56 11.73 30.82
C ILE A 494 -6.52 12.92 30.96
N ASP A 507 -22.36 0.89 25.55
CA ASP A 507 -23.13 1.67 24.59
C ASP A 507 -22.41 1.88 23.22
N PHE A 508 -21.51 0.95 22.88
CA PHE A 508 -20.67 1.06 21.71
C PHE A 508 -21.38 0.66 20.38
N GLY A 509 -20.67 0.78 19.27
CA GLY A 509 -21.21 0.39 17.96
C GLY A 509 -22.44 1.16 17.51
N THR A 510 -22.52 2.42 17.91
CA THR A 510 -23.74 3.18 17.71
C THR A 510 -23.50 4.60 17.24
N GLN A 511 -24.48 5.12 16.52
CA GLN A 511 -24.45 6.49 16.09
C GLN A 511 -24.69 7.42 17.26
N ASN A 512 -25.14 6.86 18.40
CA ASN A 512 -25.06 7.57 19.68
C ASN A 512 -23.61 7.87 20.05
N TYR A 513 -22.78 6.84 19.97
CA TYR A 513 -21.38 6.98 20.30
C TYR A 513 -20.74 7.97 19.35
N GLU A 514 -21.05 7.82 18.08
CA GLU A 514 -20.51 8.71 17.05
C GLU A 514 -20.74 10.12 17.49
N HIS A 515 -22.00 10.44 17.77
CA HIS A 515 -22.41 11.77 18.18
C HIS A 515 -21.74 12.19 19.49
N TRP A 516 -21.49 11.22 20.37
CA TRP A 516 -20.80 11.49 21.64
C TRP A 516 -19.40 11.90 21.44
N ILE A 517 -18.73 11.33 20.44
CA ILE A 517 -17.36 11.69 20.14
C ILE A 517 -17.35 13.12 19.58
N VAL A 518 -18.22 13.40 18.64
CA VAL A 518 -18.36 14.73 18.08
C VAL A 518 -18.59 15.77 19.19
N VAL A 519 -19.35 15.38 20.22
CA VAL A 519 -19.61 16.27 21.34
C VAL A 519 -18.39 16.41 22.26
N THR A 520 -17.69 15.31 22.55
CA THR A 520 -16.50 15.35 23.39
C THR A 520 -15.36 16.09 22.71
N GLN A 521 -15.26 15.96 21.39
CA GLN A 521 -14.19 16.59 20.64
C GLN A 521 -14.37 18.10 20.63
N ARG A 522 -15.58 18.58 20.35
CA ARG A 522 -15.84 20.02 20.39
C ARG A 522 -15.51 20.60 21.77
N LYS A 523 -15.57 19.78 22.81
CA LYS A 523 -15.17 20.21 24.15
C LYS A 523 -13.67 20.41 24.31
N CYS A 524 -12.84 19.57 23.70
CA CYS A 524 -11.39 19.78 23.73
C CYS A 524 -10.97 20.94 22.86
N ARG A 525 -11.63 21.08 21.71
CA ARG A 525 -11.44 22.22 20.84
C ARG A 525 -11.49 23.50 21.67
N LEU A 526 -12.45 23.56 22.59
CA LEU A 526 -12.61 24.69 23.51
C LEU A 526 -11.49 24.72 24.57
N LEU A 527 -11.63 23.96 25.65
CA LEU A 527 -10.74 24.07 26.82
C LEU A 527 -9.98 25.42 26.95
N GLN A 528 -8.73 25.48 26.48
CA GLN A 528 -7.87 26.66 26.63
C GLN A 528 -7.61 27.05 28.10
N LEU A 529 -7.26 26.06 28.93
CA LEU A 529 -7.18 26.24 30.39
C LEU A 529 -5.77 26.33 30.98
N GLU A 530 -5.39 27.52 31.43
CA GLU A 530 -4.19 27.78 32.25
C GLU A 530 -2.84 27.32 31.66
N ASP A 531 -2.28 26.20 32.15
CA ASP A 531 -0.98 25.71 31.67
C ASP A 531 -1.11 25.27 30.22
N LYS A 532 -0.89 26.18 29.28
CA LYS A 532 -1.07 25.87 27.87
C LYS A 532 -0.25 24.65 27.41
N GLU A 533 0.94 24.45 27.99
CA GLU A 533 1.80 23.32 27.61
C GLU A 533 1.22 21.99 28.11
N GLU A 534 0.79 21.98 29.37
CA GLU A 534 0.06 20.83 29.94
C GLU A 534 -1.30 20.66 29.25
N GLU A 535 -1.93 21.78 28.88
CA GLU A 535 -3.22 21.78 28.21
C GLU A 535 -3.05 21.36 26.76
N SER A 536 -1.91 21.69 26.17
CA SER A 536 -1.59 21.27 24.82
C SER A 536 -1.48 19.74 24.74
N ARG A 537 -0.82 19.13 25.73
CA ARG A 537 -0.64 17.67 25.79
C ARG A 537 -1.92 16.91 26.14
N ILE A 538 -2.75 17.50 27.00
CA ILE A 538 -3.98 16.85 27.42
C ILE A 538 -4.98 16.76 26.27
N CYS A 539 -5.09 17.83 25.49
CA CYS A 539 -5.99 17.83 24.33
C CYS A 539 -5.44 16.94 23.22
N ARG A 540 -4.18 17.16 22.86
CA ARG A 540 -3.49 16.29 21.90
C ARG A 540 -3.88 14.84 22.15
N ALA A 541 -3.81 14.42 23.41
CA ALA A 541 -4.11 13.07 23.86
C ALA A 541 -5.58 12.72 23.72
N LEU A 542 -6.44 13.63 24.17
CA LEU A 542 -7.88 13.41 24.10
C LEU A 542 -8.33 13.20 22.66
N PHE A 543 -7.72 13.92 21.74
CA PHE A 543 -8.05 13.79 20.32
C PHE A 543 -7.59 12.49 19.72
N ILE A 544 -6.37 12.07 20.06
CA ILE A 544 -5.89 10.77 19.66
C ILE A 544 -6.94 9.73 20.07
N CYS A 545 -7.19 9.65 21.38
CA CYS A 545 -8.10 8.64 21.91
C CYS A 545 -9.48 8.65 21.25
N THR A 546 -10.12 9.81 21.22
CA THR A 546 -11.43 9.91 20.62
C THR A 546 -11.36 9.46 19.18
N GLU A 547 -10.25 9.77 18.49
CA GLU A 547 -10.13 9.35 17.09
C GLU A 547 -10.11 7.85 17.03
N HIS A 548 -9.32 7.21 17.88
CA HIS A 548 -9.28 5.74 17.92
C HIS A 548 -10.62 5.14 18.27
N LEU A 549 -11.24 5.67 19.32
CA LEU A 549 -12.53 5.14 19.73
C LEU A 549 -13.48 5.20 18.54
N ARG A 550 -13.47 6.33 17.86
CA ARG A 550 -14.36 6.52 16.73
C ARG A 550 -14.15 5.46 15.66
N LYS A 551 -12.88 5.11 15.43
CA LYS A 551 -12.51 4.09 14.44
C LYS A 551 -13.04 2.75 14.90
N TYR A 552 -12.68 2.35 16.11
CA TYR A 552 -13.20 1.11 16.68
C TYR A 552 -14.73 1.07 16.58
N ASN A 553 -15.36 2.15 17.05
CA ASN A 553 -16.82 2.30 16.95
C ASN A 553 -17.26 1.98 15.54
N ASP A 554 -16.66 2.66 14.57
CA ASP A 554 -17.03 2.44 13.16
C ASP A 554 -16.83 0.99 12.74
N ALA A 555 -15.83 0.34 13.35
CA ALA A 555 -15.45 -1.03 13.01
C ALA A 555 -16.49 -2.01 13.49
N LEU A 556 -17.01 -1.79 14.70
CA LEU A 556 -18.08 -2.66 15.23
C LEU A 556 -19.25 -2.66 14.28
N ILE A 557 -19.68 -1.46 13.92
CA ILE A 557 -20.81 -1.30 13.00
C ILE A 557 -20.53 -2.08 11.74
N ILE A 558 -19.34 -1.90 11.16
CA ILE A 558 -19.00 -2.62 9.94
C ILE A 558 -19.22 -4.09 10.19
N SER A 559 -18.82 -4.58 11.36
CA SER A 559 -18.92 -6.00 11.64
C SER A 559 -20.36 -6.47 11.73
N GLU A 560 -21.29 -5.57 12.06
CA GLU A 560 -22.69 -5.98 12.32
C GLU A 560 -23.61 -5.94 11.11
N ASP A 561 -23.31 -5.05 10.17
CA ASP A 561 -24.09 -4.91 8.95
C ASP A 561 -23.39 -5.49 7.76
N ALA A 562 -22.05 -5.48 7.78
CA ALA A 562 -21.27 -6.11 6.71
C ALA A 562 -20.54 -7.36 7.24
N ARG A 563 -19.48 -7.79 6.55
CA ARG A 563 -18.75 -9.00 6.94
C ARG A 563 -17.73 -8.68 7.99
N ILE A 564 -17.21 -9.70 8.67
CA ILE A 564 -16.18 -9.45 9.68
C ILE A 564 -14.83 -9.07 9.08
N ILE A 565 -14.53 -9.55 7.87
CA ILE A 565 -13.27 -9.19 7.22
C ILE A 565 -13.24 -7.71 6.88
N ASP A 566 -14.36 -7.20 6.42
CA ASP A 566 -14.48 -5.77 6.21
C ASP A 566 -14.23 -5.01 7.48
N ALA A 567 -14.65 -5.54 8.62
CA ALA A 567 -14.44 -4.86 9.90
C ALA A 567 -12.98 -4.83 10.23
N LEU A 568 -12.33 -5.98 10.04
CA LEU A 568 -10.94 -6.11 10.48
C LEU A 568 -10.09 -5.24 9.60
N SER A 569 -10.17 -5.48 8.30
CA SER A 569 -9.55 -4.63 7.29
C SER A 569 -9.59 -3.15 7.74
N TYR A 570 -10.80 -2.69 8.01
CA TYR A 570 -11.03 -1.28 8.24
C TYR A 570 -10.13 -0.79 9.33
N LEU A 571 -9.99 -1.55 10.39
CA LEU A 571 -9.04 -1.16 11.44
C LEU A 571 -7.57 -1.36 11.00
N THR A 572 -7.28 -2.46 10.31
CA THR A 572 -5.92 -2.75 9.91
C THR A 572 -5.38 -1.56 9.16
N GLU A 573 -6.14 -1.12 8.16
CA GLU A 573 -5.73 -0.01 7.29
C GLU A 573 -5.55 1.29 8.09
N PHE A 574 -6.34 1.46 9.14
CA PHE A 574 -6.18 2.58 10.04
C PHE A 574 -4.82 2.54 10.70
N PHE A 575 -4.53 1.47 11.44
CA PHE A 575 -3.26 1.42 12.15
C PHE A 575 -2.06 1.50 11.21
N THR A 576 -2.17 0.90 10.03
CA THR A 576 -1.08 1.02 9.08
C THR A 576 -0.84 2.49 8.76
N ASN A 577 -1.88 3.31 8.88
CA ASN A 577 -1.72 4.76 8.84
C ASN A 577 -1.13 5.29 10.12
N VAL A 578 -1.83 5.12 11.24
CA VAL A 578 -1.32 5.57 12.54
C VAL A 578 0.19 5.48 12.65
N LYS A 579 0.74 4.35 12.18
CA LYS A 579 2.18 4.08 12.13
C LYS A 579 2.96 5.00 11.18
N ASN A 580 2.40 5.25 10.00
CA ASN A 580 3.02 6.17 9.06
C ASN A 580 2.87 7.65 9.48
N GLY A 581 1.97 7.92 10.40
CA GLY A 581 1.72 9.28 10.86
C GLY A 581 2.82 9.81 11.77
N PRO A 582 2.45 10.62 12.77
CA PRO A 582 3.47 11.12 13.69
C PRO A 582 3.85 10.04 14.70
N TYR A 583 2.96 9.07 14.88
CA TYR A 583 3.22 7.90 15.69
C TYR A 583 3.72 8.29 17.08
N THR A 584 2.86 9.02 17.78
CA THR A 584 3.13 9.46 19.16
C THR A 584 3.36 8.33 20.16
N GLU A 585 3.93 8.70 21.31
CA GLU A 585 4.11 7.78 22.42
C GLU A 585 2.80 7.04 22.69
N LEU A 586 1.70 7.79 22.72
CA LEU A 586 0.37 7.22 22.95
C LEU A 586 -0.03 6.34 21.77
N GLU A 587 -0.06 6.94 20.58
CA GLU A 587 -0.42 6.21 19.38
C GLU A 587 0.26 4.83 19.32
N GLN A 588 1.52 4.76 19.76
CA GLN A 588 2.26 3.49 19.82
C GLN A 588 1.53 2.51 20.73
N HIS A 589 1.28 2.94 21.96
CA HIS A 589 0.63 2.12 22.93
C HIS A 589 -0.60 1.52 22.35
N LEU A 590 -1.52 2.37 21.93
CA LEU A 590 -2.80 1.91 21.40
C LEU A 590 -2.61 0.90 20.27
N THR A 591 -1.83 1.29 19.27
CA THR A 591 -1.48 0.41 18.15
C THR A 591 -0.92 -0.93 18.67
N ALA A 592 -0.15 -0.87 19.73
CA ALA A 592 0.41 -2.07 20.30
C ALA A 592 -0.72 -2.90 20.85
N LYS A 593 -1.54 -2.24 21.68
CA LYS A 593 -2.64 -2.88 22.41
C LYS A 593 -3.64 -3.58 21.50
N PHE A 594 -3.86 -2.97 20.33
CA PHE A 594 -4.61 -3.60 19.24
C PHE A 594 -3.91 -4.86 18.73
N GLN A 595 -2.64 -4.73 18.43
CA GLN A 595 -1.90 -5.80 17.75
C GLN A 595 -1.74 -7.04 18.63
N GLU A 596 -1.83 -6.84 19.93
CA GLU A 596 -1.91 -7.92 20.91
C GLU A 596 -3.10 -8.81 20.54
N LYS A 597 -4.21 -8.16 20.25
CA LYS A 597 -5.48 -8.81 19.96
C LYS A 597 -5.59 -9.19 18.48
N GLU A 598 -4.78 -8.56 17.64
CA GLU A 598 -4.86 -8.77 16.19
C GLU A 598 -5.08 -10.22 15.82
N PRO A 599 -4.16 -11.10 16.18
CA PRO A 599 -4.21 -12.41 15.59
C PRO A 599 -5.47 -13.22 15.90
N GLU A 600 -6.25 -12.79 16.89
CA GLU A 600 -7.56 -13.40 17.15
C GLU A 600 -8.50 -12.94 16.09
N LEU A 601 -8.61 -11.63 15.94
CA LEU A 601 -9.47 -11.03 14.92
C LEU A 601 -9.17 -11.58 13.52
N ILE A 602 -7.88 -11.69 13.17
CA ILE A 602 -7.50 -12.25 11.89
C ILE A 602 -8.16 -13.60 11.73
N ALA A 603 -7.93 -14.45 12.73
CA ALA A 603 -8.50 -15.80 12.75
C ALA A 603 -10.02 -15.82 12.66
N LEU A 604 -10.67 -14.79 13.18
CA LEU A 604 -12.13 -14.69 13.09
C LEU A 604 -12.58 -14.44 11.66
N SER A 605 -11.88 -13.56 10.95
CA SER A 605 -12.18 -13.30 9.53
C SER A 605 -12.06 -14.56 8.67
N LYS A 606 -11.06 -15.37 8.95
CA LYS A 606 -10.82 -16.58 8.18
C LYS A 606 -11.89 -17.69 8.35
N ASP A 607 -12.78 -17.54 9.31
CA ASP A 607 -13.82 -18.54 9.52
C ASP A 607 -14.95 -18.42 8.52
N GLU A 608 -15.49 -19.57 8.10
CA GLU A 608 -16.78 -19.60 7.41
C GLU A 608 -17.89 -19.29 8.44
N THR A 609 -17.47 -19.13 9.70
CA THR A 609 -18.20 -18.48 10.80
C THR A 609 -18.40 -16.93 10.76
N ASN A 610 -17.70 -16.22 9.87
CA ASN A 610 -17.88 -14.75 9.79
C ASN A 610 -18.91 -14.28 8.72
N GLU A 611 -19.58 -15.24 8.08
CA GLU A 611 -20.76 -15.02 7.23
C GLU A 611 -21.85 -14.28 8.02
N ASN A 612 -22.48 -13.27 7.43
CA ASN A 612 -23.40 -12.37 8.16
C ASN A 612 -24.80 -12.36 7.56
N PRO A 613 -25.68 -13.24 8.03
CA PRO A 613 -26.98 -13.45 7.38
C PRO A 613 -27.73 -12.17 7.00
N LYS A 614 -27.73 -11.18 7.88
CA LYS A 614 -28.29 -9.89 7.55
C LYS A 614 -27.86 -9.48 6.13
N LEU A 615 -26.57 -9.59 5.87
CA LEU A 615 -26.00 -9.31 4.57
C LEU A 615 -26.51 -10.29 3.52
N GLU A 616 -26.46 -11.58 3.83
CA GLU A 616 -26.94 -12.61 2.90
C GLU A 616 -28.37 -12.33 2.45
N GLU A 617 -29.16 -11.79 3.37
CA GLU A 617 -30.56 -11.47 3.11
C GLU A 617 -30.68 -10.30 2.15
N LEU A 618 -29.87 -9.26 2.37
CA LEU A 618 -29.81 -8.10 1.47
C LEU A 618 -29.40 -8.51 0.04
N VAL A 619 -28.40 -9.37 -0.07
CA VAL A 619 -27.97 -9.88 -1.36
C VAL A 619 -29.09 -10.68 -2.05
N CYS A 620 -29.93 -11.33 -1.25
CA CYS A 620 -31.05 -12.10 -1.81
C CYS A 620 -32.24 -11.22 -2.14
N ILE A 621 -32.36 -10.09 -1.45
CA ILE A 621 -33.39 -9.08 -1.79
C ILE A 621 -33.05 -8.41 -3.10
N LEU A 622 -31.75 -8.12 -3.26
CA LEU A 622 -31.22 -7.53 -4.48
C LEU A 622 -31.33 -8.49 -5.65
N ASP A 623 -30.93 -9.74 -5.46
CA ASP A 623 -31.03 -10.73 -6.55
C ASP A 623 -32.48 -10.94 -7.01
N ASP A 624 -33.43 -10.83 -6.09
CA ASP A 624 -34.86 -10.85 -6.45
C ASP A 624 -35.26 -9.57 -7.17
N ALA A 625 -34.58 -8.48 -6.85
CA ALA A 625 -34.81 -7.18 -7.45
C ALA A 625 -34.19 -7.02 -8.83
N TYR A 626 -33.55 -8.06 -9.36
CA TYR A 626 -32.98 -8.01 -10.71
C TYR A 626 -33.44 -9.20 -11.56
N ARG A 627 -34.65 -9.67 -11.29
CA ARG A 627 -35.27 -10.73 -12.08
C ARG A 627 -36.70 -10.37 -12.46
N TYR A 628 -37.44 -9.78 -11.53
CA TYR A 628 -38.73 -9.16 -11.86
C TYR A 628 -38.45 -7.91 -12.68
N ASN A 629 -37.21 -7.40 -12.59
CA ASN A 629 -36.72 -6.37 -13.51
C ASN A 629 -35.20 -6.30 -13.51
N PRO A 630 -34.54 -6.89 -14.52
CA PRO A 630 -33.07 -6.87 -14.57
C PRO A 630 -32.44 -5.58 -15.10
N GLN A 631 -33.28 -4.66 -15.60
CA GLN A 631 -32.80 -3.32 -15.96
C GLN A 631 -33.06 -2.33 -14.82
N THR A 632 -33.16 -2.86 -13.60
CA THR A 632 -33.40 -2.07 -12.39
C THR A 632 -32.19 -1.23 -12.06
N ARG A 633 -32.43 -0.04 -11.50
CA ARG A 633 -31.35 0.85 -11.13
C ARG A 633 -31.40 1.23 -9.64
N THR A 634 -30.79 0.39 -8.81
CA THR A 634 -30.98 0.43 -7.36
C THR A 634 -30.08 1.42 -6.65
N LEU A 635 -30.63 2.06 -5.62
CA LEU A 635 -29.86 2.88 -4.71
C LEU A 635 -30.03 2.30 -3.32
N LEU A 636 -28.90 2.03 -2.65
CA LEU A 636 -28.86 1.36 -1.34
C LEU A 636 -28.25 2.25 -0.30
N PHE A 637 -28.98 2.51 0.77
CA PHE A 637 -28.46 3.32 1.87
C PHE A 637 -27.85 2.47 3.01
N ALA A 638 -26.59 2.72 3.30
CA ALA A 638 -25.94 2.07 4.42
C ALA A 638 -25.84 3.05 5.57
N LYS A 639 -25.55 2.51 6.74
CA LYS A 639 -25.58 3.24 7.99
C LYS A 639 -24.47 4.31 8.05
N THR A 640 -23.24 3.93 7.77
CA THR A 640 -22.08 4.82 7.91
C THR A 640 -21.40 4.96 6.54
N ARG A 641 -20.37 5.80 6.45
CA ARG A 641 -19.52 5.82 5.26
C ARG A 641 -18.78 4.50 5.21
N ALA A 642 -18.02 4.21 6.27
CA ALA A 642 -17.27 2.95 6.42
C ALA A 642 -17.99 1.75 5.78
N LEU A 643 -19.29 1.65 6.06
CA LEU A 643 -20.11 0.57 5.55
C LEU A 643 -20.34 0.63 4.06
N VAL A 644 -20.40 1.82 3.47
CA VAL A 644 -20.59 1.90 2.03
C VAL A 644 -19.41 1.21 1.37
N SER A 645 -18.21 1.52 1.82
CA SER A 645 -17.04 0.92 1.23
C SER A 645 -16.93 -0.56 1.54
N ALA A 646 -17.36 -0.95 2.74
CA ALA A 646 -17.37 -2.37 3.12
C ALA A 646 -18.36 -3.12 2.23
N LEU A 647 -19.59 -2.63 2.16
CA LEU A 647 -20.60 -3.24 1.32
C LEU A 647 -20.21 -3.27 -0.15
N LYS A 648 -19.47 -2.28 -0.64
CA LYS A 648 -19.07 -2.29 -2.04
C LYS A 648 -18.28 -3.56 -2.32
N LYS A 649 -17.32 -3.88 -1.45
CA LYS A 649 -16.55 -5.11 -1.63
C LYS A 649 -17.48 -6.30 -1.57
N CYS A 650 -18.32 -6.35 -0.56
CA CYS A 650 -19.24 -7.48 -0.37
C CYS A 650 -20.11 -7.82 -1.58
N MET A 651 -20.52 -6.80 -2.33
CA MET A 651 -21.32 -7.00 -3.53
C MET A 651 -20.43 -7.46 -4.68
N GLU A 652 -19.25 -6.84 -4.79
CA GLU A 652 -18.28 -7.22 -5.81
C GLU A 652 -17.95 -8.71 -5.70
N GLU A 653 -17.66 -9.16 -4.49
CA GLU A 653 -17.23 -10.55 -4.26
C GLU A 653 -18.33 -11.62 -4.31
N ASN A 654 -19.60 -11.23 -4.21
CA ASN A 654 -20.69 -12.20 -4.13
C ASN A 654 -21.04 -12.72 -5.51
N PRO A 655 -21.19 -14.07 -5.64
CA PRO A 655 -21.58 -14.71 -6.90
C PRO A 655 -23.04 -14.52 -7.29
N ILE A 656 -23.87 -14.11 -6.34
CA ILE A 656 -25.31 -13.91 -6.57
C ILE A 656 -25.51 -12.59 -7.33
N LEU A 657 -24.88 -11.52 -6.83
CA LEU A 657 -24.66 -10.31 -7.60
C LEU A 657 -23.30 -10.45 -8.31
N ASN A 658 -23.16 -11.56 -9.02
CA ASN A 658 -22.03 -11.83 -9.89
C ASN A 658 -22.06 -10.79 -10.99
N TYR A 659 -23.20 -10.76 -11.69
CA TYR A 659 -23.44 -9.87 -12.84
C TYR A 659 -23.29 -8.37 -12.54
N ILE A 660 -23.57 -7.95 -11.31
CA ILE A 660 -23.65 -6.53 -10.96
C ILE A 660 -22.38 -5.93 -10.41
N LYS A 661 -21.87 -4.87 -11.04
CA LYS A 661 -20.73 -4.12 -10.48
C LYS A 661 -21.26 -2.83 -9.84
N PRO A 662 -20.97 -2.64 -8.53
CA PRO A 662 -21.58 -1.56 -7.76
C PRO A 662 -20.74 -0.28 -7.65
N GLY A 663 -21.36 0.86 -7.94
CA GLY A 663 -20.73 2.17 -7.76
C GLY A 663 -20.91 2.70 -6.35
N VAL A 664 -20.35 3.87 -6.08
CA VAL A 664 -20.39 4.45 -4.74
C VAL A 664 -20.52 5.98 -4.81
N LEU A 665 -21.15 6.57 -3.81
CA LEU A 665 -21.31 8.02 -3.72
C LEU A 665 -20.84 8.54 -2.35
N ASP A 694 -23.98 1.86 -16.97
CA ASP A 694 -22.81 1.26 -16.33
C ASP A 694 -23.11 0.70 -14.94
N ASN A 695 -23.48 1.57 -14.00
CA ASN A 695 -23.71 1.18 -12.61
C ASN A 695 -25.19 1.14 -12.26
N ARG A 696 -25.68 -0.05 -11.91
CA ARG A 696 -27.10 -0.25 -11.61
C ARG A 696 -27.33 -0.52 -10.14
N LEU A 697 -26.31 -0.29 -9.33
CA LEU A 697 -26.42 -0.43 -7.88
C LEU A 697 -25.47 0.54 -7.21
N LEU A 698 -25.95 1.76 -6.99
CA LEU A 698 -25.13 2.79 -6.36
C LEU A 698 -25.34 2.69 -4.88
N ILE A 699 -24.27 2.78 -4.11
CA ILE A 699 -24.35 2.73 -2.64
C ILE A 699 -23.99 4.09 -2.05
N ALA A 700 -24.93 4.72 -1.37
CA ALA A 700 -24.67 5.96 -0.67
C ALA A 700 -25.02 5.79 0.81
N THR A 701 -24.83 6.84 1.60
CA THR A 701 -25.00 6.73 3.04
C THR A 701 -26.08 7.68 3.52
N SER A 702 -26.55 7.46 4.75
CA SER A 702 -27.52 8.36 5.45
C SER A 702 -27.00 9.78 5.75
N VAL A 703 -26.97 10.53 4.65
CA VAL A 703 -27.28 11.98 4.52
C VAL A 703 -27.37 12.77 5.86
N ILE A 710 -28.39 13.97 -6.15
CA ILE A 710 -29.74 13.59 -6.56
C ILE A 710 -29.66 12.63 -7.75
N VAL A 711 -29.32 11.38 -7.44
CA VAL A 711 -29.10 10.34 -8.44
C VAL A 711 -30.41 9.70 -8.90
N GLN A 712 -30.54 9.57 -10.23
CA GLN A 712 -31.72 8.97 -10.84
C GLN A 712 -31.72 7.47 -10.64
N CYS A 713 -32.90 6.95 -10.35
CA CYS A 713 -33.04 5.78 -9.55
C CYS A 713 -34.42 5.18 -9.72
N ASN A 714 -34.61 4.02 -9.15
CA ASN A 714 -35.62 3.07 -9.61
C ASN A 714 -36.30 2.37 -8.45
N LEU A 715 -35.48 1.65 -7.66
CA LEU A 715 -35.84 1.04 -6.38
C LEU A 715 -34.85 1.54 -5.33
N VAL A 716 -35.33 1.91 -4.15
CA VAL A 716 -34.44 2.34 -3.06
C VAL A 716 -34.47 1.31 -1.94
N VAL A 717 -33.31 1.00 -1.37
CA VAL A 717 -33.22 -0.01 -0.32
C VAL A 717 -32.46 0.58 0.86
N LEU A 718 -33.16 0.73 1.99
CA LEU A 718 -32.57 1.25 3.22
C LEU A 718 -32.18 0.07 4.07
N TYR A 719 -30.90 0.03 4.43
CA TYR A 719 -30.30 -1.12 5.09
C TYR A 719 -30.04 -0.78 6.56
N GLU A 720 -31.04 -1.12 7.38
CA GLU A 720 -31.08 -0.78 8.79
C GLU A 720 -31.23 0.72 8.97
N TYR A 721 -32.32 1.33 8.51
CA TYR A 721 -32.46 2.73 8.86
C TYR A 721 -33.23 2.89 10.16
N SER A 722 -32.48 3.24 11.20
CA SER A 722 -33.06 3.52 12.51
C SER A 722 -33.83 4.82 12.44
N GLY A 723 -35.14 4.71 12.26
CA GLY A 723 -36.00 5.88 12.16
C GLY A 723 -36.94 5.78 10.97
N ASN A 724 -37.80 6.78 10.81
CA ASN A 724 -38.82 6.77 9.75
C ASN A 724 -38.18 7.03 8.39
N VAL A 725 -38.92 6.72 7.34
CA VAL A 725 -38.33 6.58 6.00
C VAL A 725 -38.74 7.65 4.99
N THR A 726 -40.04 7.80 4.73
CA THR A 726 -40.48 8.77 3.71
C THR A 726 -39.67 10.07 3.81
N LYS A 727 -39.32 10.47 5.03
CA LYS A 727 -38.50 11.67 5.27
C LYS A 727 -37.07 11.53 4.77
N MET A 728 -36.46 10.38 5.07
CA MET A 728 -35.12 10.06 4.57
C MET A 728 -35.11 10.04 3.06
N ILE A 729 -36.18 9.52 2.48
CA ILE A 729 -36.18 9.13 1.07
C ILE A 729 -36.15 10.33 0.10
N GLN A 730 -36.67 11.46 0.54
CA GLN A 730 -36.62 12.68 -0.26
C GLN A 730 -35.32 13.48 0.04
N VAL A 731 -34.18 12.79 -0.22
CA VAL A 731 -32.78 13.28 -0.14
C VAL A 731 -31.90 12.33 0.69
N GLY A 739 -41.71 7.13 -11.56
CA GLY A 739 -40.88 6.34 -10.66
C GLY A 739 -41.68 5.79 -9.49
N SER A 740 -41.00 5.02 -8.61
CA SER A 740 -41.49 4.59 -7.25
C SER A 740 -41.16 3.17 -6.84
N LYS A 741 -40.46 2.97 -5.72
CA LYS A 741 -40.30 1.60 -5.11
C LYS A 741 -39.30 1.58 -3.94
N CYS A 742 -39.72 1.16 -2.75
CA CYS A 742 -38.81 1.25 -1.58
C CYS A 742 -38.86 0.14 -0.51
N ILE A 743 -37.71 -0.50 -0.28
CA ILE A 743 -37.56 -1.61 0.66
C ILE A 743 -36.78 -1.16 1.89
N LEU A 744 -37.11 -1.75 3.03
CA LEU A 744 -36.49 -1.38 4.29
C LEU A 744 -36.06 -2.64 4.98
N VAL A 745 -34.77 -2.90 4.99
CA VAL A 745 -34.24 -4.11 5.61
C VAL A 745 -33.76 -3.76 7.02
N THR A 746 -34.52 -4.19 8.02
CA THR A 746 -34.09 -4.10 9.44
C THR A 746 -33.97 -5.46 10.08
N SER A 747 -33.16 -5.51 11.13
CA SER A 747 -33.13 -6.65 12.02
C SER A 747 -33.96 -6.41 13.28
N LYS A 748 -34.29 -5.15 13.54
CA LYS A 748 -35.06 -4.79 14.73
C LYS A 748 -36.55 -4.90 14.46
N THR A 749 -37.22 -5.82 15.16
CA THR A 749 -38.68 -5.94 15.10
C THR A 749 -39.32 -4.65 15.58
N GLU A 750 -38.73 -4.08 16.62
CA GLU A 750 -39.15 -2.79 17.14
C GLU A 750 -39.59 -1.84 16.04
N VAL A 751 -38.79 -1.72 14.97
CA VAL A 751 -39.09 -0.76 13.90
C VAL A 751 -40.08 -1.32 12.87
N VAL A 752 -40.11 -2.64 12.70
CA VAL A 752 -41.12 -3.26 11.86
C VAL A 752 -42.50 -3.11 12.47
N GLU A 753 -42.63 -3.28 13.79
CA GLU A 753 -43.94 -3.11 14.47
C GLU A 753 -44.23 -1.66 14.86
N ASN A 754 -43.20 -0.81 14.81
CA ASN A 754 -43.39 0.62 14.94
C ASN A 754 -44.00 1.15 13.67
N GLU A 755 -43.29 1.04 12.54
CA GLU A 755 -43.78 1.58 11.26
C GLU A 755 -44.89 0.74 10.60
N LYS A 756 -45.38 -0.26 11.31
CA LYS A 756 -46.67 -0.90 11.04
C LYS A 756 -47.75 -0.14 11.79
N CYS A 757 -47.42 0.28 13.01
CA CYS A 757 -48.36 1.01 13.87
C CYS A 757 -48.63 2.40 13.33
N ASN A 758 -47.70 2.98 12.59
CA ASN A 758 -47.94 4.25 11.94
C ASN A 758 -48.92 4.12 10.78
N ARG A 759 -48.58 3.28 9.80
CA ARG A 759 -49.48 2.99 8.68
C ARG A 759 -50.93 2.93 9.12
N TYR A 760 -51.17 2.21 10.22
CA TYR A 760 -52.50 2.01 10.72
C TYR A 760 -53.10 3.31 11.24
N LYS A 761 -52.31 4.08 12.00
CA LYS A 761 -52.81 5.31 12.59
C LYS A 761 -53.01 6.39 11.54
N GLU A 762 -52.19 6.41 10.50
CA GLU A 762 -52.40 7.36 9.42
C GLU A 762 -53.63 6.95 8.59
N GLU A 763 -53.70 5.68 8.22
CA GLU A 763 -54.81 5.15 7.45
C GLU A 763 -56.14 5.32 8.17
N MET A 764 -56.09 5.26 9.51
CA MET A 764 -57.29 5.45 10.34
C MET A 764 -57.70 6.91 10.38
N MET A 765 -56.71 7.78 10.61
CA MET A 765 -56.90 9.22 10.55
C MET A 765 -57.63 9.65 9.27
N ASN A 766 -57.20 9.13 8.12
CA ASN A 766 -57.83 9.47 6.84
C ASN A 766 -59.28 9.04 6.75
N LYS A 767 -59.57 7.81 7.17
CA LYS A 767 -60.95 7.33 7.23
C LYS A 767 -61.80 8.28 8.07
N ALA A 768 -61.26 8.72 9.21
CA ALA A 768 -61.94 9.69 10.06
C ALA A 768 -62.18 11.01 9.32
N VAL A 769 -61.11 11.59 8.81
CA VAL A 769 -61.17 12.91 8.19
C VAL A 769 -62.17 12.94 7.03
N GLU A 770 -62.13 11.92 6.17
CA GLU A 770 -63.07 11.83 5.06
C GLU A 770 -64.50 11.67 5.55
N LYS A 771 -64.68 10.90 6.61
CA LYS A 771 -66.00 10.72 7.21
C LYS A 771 -66.56 12.04 7.78
N ILE A 772 -65.69 12.76 8.50
CA ILE A 772 -66.02 14.11 8.99
C ILE A 772 -66.35 15.05 7.83
N GLN A 773 -65.53 14.99 6.78
CA GLN A 773 -65.71 15.83 5.60
C GLN A 773 -67.06 15.59 4.91
N LYS A 774 -67.61 14.39 5.05
CA LYS A 774 -68.89 14.07 4.42
C LYS A 774 -70.12 14.55 5.21
N TRP A 775 -69.90 15.15 6.38
CA TRP A 775 -70.97 15.85 7.08
C TRP A 775 -71.36 17.10 6.35
N ASP A 776 -72.52 17.64 6.69
CA ASP A 776 -72.92 18.94 6.19
C ASP A 776 -72.57 20.02 7.21
N GLU A 777 -72.07 21.14 6.70
CA GLU A 777 -71.73 22.33 7.50
C GLU A 777 -72.41 22.36 8.86
N GLU A 778 -73.74 22.29 8.84
CA GLU A 778 -74.56 22.36 10.05
C GLU A 778 -74.04 21.43 11.13
N THR A 779 -74.06 20.12 10.85
CA THR A 779 -73.64 19.13 11.84
C THR A 779 -72.24 19.48 12.35
N PHE A 780 -71.33 19.72 11.40
CA PHE A 780 -69.92 19.98 11.69
C PHE A 780 -69.72 21.21 12.59
N ALA A 781 -70.27 22.35 12.18
CA ALA A 781 -70.15 23.58 12.96
C ALA A 781 -70.82 23.45 14.34
N LYS A 782 -71.86 22.61 14.42
CA LYS A 782 -72.52 22.32 15.69
C LYS A 782 -71.70 21.41 16.60
N LYS A 783 -71.21 20.31 16.05
CA LYS A 783 -70.36 19.41 16.83
C LYS A 783 -69.23 20.20 17.49
N ILE A 784 -68.49 20.96 16.69
CA ILE A 784 -67.40 21.82 17.18
C ILE A 784 -67.89 22.70 18.32
N HIS A 785 -68.99 23.40 18.06
CA HIS A 785 -69.57 24.33 19.01
C HIS A 785 -69.88 23.69 20.35
N ASN A 786 -70.29 22.43 20.33
CA ASN A 786 -70.56 21.70 21.58
C ASN A 786 -69.31 21.53 22.41
N LEU A 787 -68.27 21.01 21.77
CA LEU A 787 -67.01 20.73 22.46
C LEU A 787 -66.39 21.97 23.08
N GLN A 788 -66.59 23.13 22.44
CA GLN A 788 -66.14 24.41 22.99
C GLN A 788 -66.95 24.74 24.25
N MET A 789 -68.22 24.37 24.21
CA MET A 789 -69.15 24.66 25.29
C MET A 789 -68.83 23.82 26.52
N LYS A 790 -68.69 22.51 26.32
CA LYS A 790 -68.33 21.60 27.39
C LYS A 790 -67.09 22.12 28.12
N GLU A 791 -66.20 22.79 27.39
CA GLU A 791 -64.97 23.33 27.96
C GLU A 791 -65.17 24.49 28.95
N ARG A 792 -66.09 25.41 28.62
CA ARG A 792 -66.44 26.49 29.57
C ARG A 792 -67.19 25.92 30.77
N VAL A 793 -67.93 24.84 30.55
CA VAL A 793 -68.66 24.16 31.62
C VAL A 793 -67.71 23.45 32.58
N LEU A 794 -66.50 23.13 32.10
CA LEU A 794 -65.43 22.56 32.94
C LEU A 794 -64.44 23.61 33.44
N ARG A 795 -64.60 24.86 33.00
CA ARG A 795 -63.88 26.00 33.56
C ARG A 795 -64.58 26.55 34.79
N ASP A 796 -65.91 26.47 34.81
CA ASP A 796 -66.71 26.91 35.96
C ASP A 796 -66.74 25.88 37.10
N SER A 797 -66.17 24.70 36.85
CA SER A 797 -66.02 23.66 37.86
C SER A 797 -64.56 23.23 37.96
N GLY B 4 -19.53 -55.38 -9.27
CA GLY B 4 -20.73 -55.70 -8.44
C GLY B 4 -21.42 -54.46 -7.94
N THR B 5 -22.05 -54.56 -6.77
CA THR B 5 -22.66 -53.42 -6.07
C THR B 5 -22.24 -53.37 -4.60
N ALA B 6 -22.23 -54.53 -3.92
CA ALA B 6 -21.66 -54.65 -2.57
C ALA B 6 -20.13 -54.77 -2.59
N ASP B 7 -19.56 -55.04 -3.77
CA ASP B 7 -18.11 -55.03 -3.99
C ASP B 7 -17.58 -53.61 -4.21
N GLU B 8 -18.34 -52.82 -4.97
CA GLU B 8 -18.02 -51.43 -5.26
C GLU B 8 -18.06 -50.56 -4.00
N LYS B 9 -18.82 -50.99 -2.99
CA LYS B 9 -18.89 -50.29 -1.70
C LYS B 9 -17.81 -50.75 -0.71
N ARG B 10 -17.35 -52.00 -0.83
CA ARG B 10 -16.22 -52.49 -0.02
C ARG B 10 -14.89 -51.93 -0.54
N SER B 11 -14.78 -51.81 -1.85
CA SER B 11 -13.55 -51.33 -2.50
C SER B 11 -13.41 -49.80 -2.42
N LEU B 12 -14.52 -49.09 -2.24
CA LEU B 12 -14.53 -47.64 -2.06
C LEU B 12 -14.37 -47.27 -0.57
N GLN B 13 -14.54 -48.26 0.29
CA GLN B 13 -14.35 -48.10 1.73
C GLN B 13 -12.90 -48.37 2.11
N CYS B 14 -12.26 -49.32 1.43
CA CYS B 14 -10.87 -49.66 1.73
C CYS B 14 -9.91 -48.59 1.23
N TYR B 15 -10.24 -47.95 0.11
CA TYR B 15 -9.47 -46.84 -0.43
C TYR B 15 -10.12 -45.47 -0.08
N ARG B 16 -10.98 -45.48 0.93
CA ARG B 16 -11.61 -44.28 1.50
C ARG B 16 -10.67 -43.08 1.51
N ARG B 17 -9.53 -43.26 2.20
CA ARG B 17 -8.60 -42.18 2.46
C ARG B 17 -8.22 -41.34 1.24
N TYR B 18 -7.88 -42.00 0.12
CA TYR B 18 -7.40 -41.29 -1.07
C TYR B 18 -8.44 -40.34 -1.66
N ILE B 19 -9.70 -40.75 -1.65
CA ILE B 19 -10.78 -39.95 -2.22
C ILE B 19 -11.09 -38.72 -1.39
N GLU B 20 -11.23 -38.91 -0.09
CA GLU B 20 -11.54 -37.80 0.82
C GLU B 20 -10.39 -36.78 0.95
N ARG B 21 -9.18 -37.17 0.56
CA ARG B 21 -8.01 -36.29 0.56
C ARG B 21 -7.64 -35.81 -0.85
N SER B 22 -8.67 -35.37 -1.59
CA SER B 22 -8.49 -34.87 -2.95
C SER B 22 -9.77 -34.23 -3.51
N LEU B 23 -10.89 -34.92 -3.33
CA LEU B 23 -12.16 -34.44 -3.85
C LEU B 23 -12.77 -33.39 -2.93
N ASN B 24 -13.11 -32.24 -3.48
CA ASN B 24 -14.00 -31.30 -2.84
C ASN B 24 -15.38 -31.58 -3.41
N PRO B 25 -16.27 -32.18 -2.60
CA PRO B 25 -17.55 -32.71 -3.09
C PRO B 25 -18.51 -31.67 -3.68
N VAL B 26 -18.45 -30.43 -3.21
CA VAL B 26 -19.37 -29.37 -3.67
C VAL B 26 -19.21 -29.02 -5.18
N TYR B 27 -18.27 -29.70 -5.86
CA TYR B 27 -18.05 -29.56 -7.29
C TYR B 27 -18.73 -30.65 -8.13
N VAL B 28 -18.86 -31.85 -7.56
CA VAL B 28 -19.44 -32.99 -8.26
C VAL B 28 -20.89 -33.25 -7.84
N LEU B 29 -21.47 -32.33 -7.05
CA LEU B 29 -22.82 -32.49 -6.52
C LEU B 29 -23.91 -32.09 -7.53
N GLY B 30 -23.55 -31.27 -8.52
CA GLY B 30 -24.46 -30.94 -9.62
C GLY B 30 -24.76 -32.16 -10.47
N ASN B 31 -23.75 -33.01 -10.64
CA ASN B 31 -23.86 -34.24 -11.42
C ASN B 31 -24.04 -35.47 -10.53
N MET B 32 -24.55 -35.25 -9.32
CA MET B 32 -25.00 -36.32 -8.44
C MET B 32 -26.48 -36.03 -8.13
N THR B 33 -27.15 -35.45 -9.12
CA THR B 33 -28.45 -34.82 -8.88
C THR B 33 -29.59 -35.80 -8.58
N ASP B 34 -29.44 -37.05 -9.03
CA ASP B 34 -30.51 -38.04 -8.89
C ASP B 34 -30.40 -38.85 -7.59
N TRP B 35 -29.20 -39.31 -7.29
CA TRP B 35 -29.01 -40.37 -6.30
C TRP B 35 -29.00 -39.86 -4.89
N LEU B 36 -28.54 -38.64 -4.70
CA LEU B 36 -28.56 -37.99 -3.39
C LEU B 36 -29.80 -37.09 -3.27
N PRO B 37 -30.38 -37.00 -2.06
CA PRO B 37 -31.47 -36.04 -1.84
C PRO B 37 -31.00 -34.59 -1.74
N ASP B 38 -31.95 -33.65 -1.70
CA ASP B 38 -31.64 -32.22 -1.67
C ASP B 38 -31.27 -31.75 -0.27
N GLU B 39 -31.56 -32.56 0.74
CA GLU B 39 -31.15 -32.27 2.11
C GLU B 39 -29.69 -32.67 2.37
N LEU B 40 -29.22 -33.70 1.66
CA LEU B 40 -27.85 -34.22 1.80
C LEU B 40 -26.84 -33.46 0.90
N ARG B 41 -27.32 -32.88 -0.19
CA ARG B 41 -26.49 -31.98 -0.99
C ARG B 41 -26.30 -30.61 -0.29
N GLU B 42 -27.18 -30.30 0.65
CA GLU B 42 -27.11 -29.04 1.42
C GLU B 42 -26.32 -29.22 2.72
N ARG B 43 -26.54 -30.35 3.40
CA ARG B 43 -25.82 -30.62 4.65
C ARG B 43 -24.35 -30.97 4.39
N ILE B 44 -24.01 -31.33 3.15
CA ILE B 44 -22.62 -31.48 2.74
C ILE B 44 -21.96 -30.09 2.56
N ARG B 45 -22.67 -29.18 1.90
CA ARG B 45 -22.15 -27.84 1.61
C ARG B 45 -22.00 -26.96 2.86
N LYS B 46 -22.70 -27.30 3.94
CA LYS B 46 -22.48 -26.63 5.23
C LYS B 46 -21.25 -27.21 5.95
N GLU B 47 -20.94 -28.48 5.65
CA GLU B 47 -19.75 -29.15 6.18
C GLU B 47 -18.48 -28.77 5.41
N GLU B 48 -18.62 -28.42 4.12
CA GLU B 48 -17.50 -27.88 3.35
C GLU B 48 -16.99 -26.60 4.02
N GLU B 49 -17.90 -25.83 4.59
CA GLU B 49 -17.57 -24.63 5.34
C GLU B 49 -16.80 -24.89 6.64
N ARG B 50 -16.65 -26.16 7.03
CA ARG B 50 -15.85 -26.51 8.19
C ARG B 50 -14.63 -27.30 7.75
N GLY B 51 -14.87 -28.42 7.07
CA GLY B 51 -13.80 -29.27 6.56
C GLY B 51 -14.02 -29.60 5.08
N VAL B 52 -13.06 -29.23 4.24
CA VAL B 52 -13.09 -29.62 2.83
C VAL B 52 -12.89 -31.13 2.72
N SER B 53 -12.16 -31.70 3.68
CA SER B 53 -12.04 -33.16 3.82
C SER B 53 -13.10 -33.72 4.76
N GLY B 54 -13.58 -32.91 5.68
CA GLY B 54 -14.75 -33.27 6.48
C GLY B 54 -16.00 -33.41 5.63
N ALA B 55 -16.11 -32.59 4.60
CA ALA B 55 -17.22 -32.67 3.65
C ALA B 55 -17.07 -33.89 2.76
N ALA B 56 -15.84 -34.23 2.39
CA ALA B 56 -15.55 -35.41 1.58
C ALA B 56 -15.62 -36.72 2.37
N ALA B 57 -15.93 -36.64 3.67
CA ALA B 57 -16.20 -37.82 4.49
C ALA B 57 -17.71 -38.00 4.80
N LEU B 58 -18.50 -36.96 4.53
CA LEU B 58 -19.97 -37.00 4.67
C LEU B 58 -20.64 -37.38 3.34
N PHE B 59 -20.02 -36.94 2.24
CA PHE B 59 -20.42 -37.36 0.90
C PHE B 59 -20.11 -38.83 0.68
N LEU B 60 -18.94 -39.26 1.15
CA LEU B 60 -18.51 -40.65 0.98
C LEU B 60 -19.32 -41.61 1.86
N ASP B 61 -19.84 -41.12 2.99
CA ASP B 61 -20.71 -41.91 3.85
C ASP B 61 -22.11 -42.14 3.26
N ALA B 62 -22.78 -41.06 2.89
CA ALA B 62 -24.13 -41.12 2.33
C ALA B 62 -24.17 -41.57 0.86
N VAL B 63 -23.04 -42.02 0.34
CA VAL B 63 -22.95 -42.70 -0.97
C VAL B 63 -22.75 -44.21 -0.79
N LEU B 64 -21.97 -44.61 0.22
CA LEU B 64 -21.75 -46.04 0.50
C LEU B 64 -22.96 -46.75 1.12
N GLN B 65 -23.93 -46.00 1.62
CA GLN B 65 -25.21 -46.57 2.07
C GLN B 65 -26.27 -46.57 0.97
N LEU B 66 -25.97 -45.87 -0.13
CA LEU B 66 -26.91 -45.70 -1.24
C LEU B 66 -27.02 -47.01 -2.02
N GLU B 67 -28.17 -47.20 -2.66
CA GLU B 67 -28.41 -48.40 -3.49
C GLU B 67 -29.07 -48.10 -4.84
N ALA B 68 -29.41 -46.85 -5.12
CA ALA B 68 -30.14 -46.48 -6.36
C ALA B 68 -29.38 -46.93 -7.61
N ARG B 69 -30.14 -47.12 -8.70
CA ARG B 69 -29.61 -47.70 -9.95
C ARG B 69 -28.25 -47.14 -10.37
N GLY B 70 -27.19 -47.86 -10.01
CA GLY B 70 -25.84 -47.54 -10.46
C GLY B 70 -25.36 -46.14 -10.14
N TRP B 71 -25.56 -45.70 -8.91
CA TRP B 71 -25.03 -44.41 -8.43
C TRP B 71 -23.54 -44.33 -8.63
N PHE B 72 -22.87 -45.48 -8.58
CA PHE B 72 -21.43 -45.57 -8.79
C PHE B 72 -21.00 -45.10 -10.17
N ARG B 73 -21.84 -45.34 -11.18
CA ARG B 73 -21.54 -44.93 -12.55
C ARG B 73 -21.78 -43.43 -12.76
N GLY B 74 -22.76 -42.88 -12.05
CA GLY B 74 -23.01 -41.43 -12.03
C GLY B 74 -21.96 -40.64 -11.27
N MET B 75 -21.29 -41.30 -10.32
CA MET B 75 -20.21 -40.71 -9.56
C MET B 75 -18.98 -40.51 -10.46
N LEU B 76 -18.50 -41.61 -11.02
CA LEU B 76 -17.37 -41.55 -11.95
C LEU B 76 -17.61 -40.55 -13.09
N ASP B 77 -18.83 -40.52 -13.61
CA ASP B 77 -19.22 -39.57 -14.67
C ASP B 77 -19.22 -38.15 -14.11
N ALA B 78 -19.71 -38.00 -12.87
CA ALA B 78 -19.75 -36.71 -12.19
C ALA B 78 -18.35 -36.21 -11.79
N MET B 79 -17.44 -37.14 -11.48
CA MET B 79 -16.06 -36.79 -11.13
C MET B 79 -15.27 -36.31 -12.35
N LEU B 80 -15.35 -37.06 -13.43
CA LEU B 80 -14.84 -36.59 -14.72
C LEU B 80 -15.50 -35.25 -15.09
N ALA B 81 -16.78 -35.10 -14.72
CA ALA B 81 -17.53 -33.85 -14.92
C ALA B 81 -16.92 -32.65 -14.21
N ALA B 82 -16.56 -32.83 -12.94
CA ALA B 82 -15.95 -31.76 -12.14
C ALA B 82 -14.54 -31.46 -12.62
N GLY B 83 -13.83 -32.48 -13.09
CA GLY B 83 -12.44 -32.34 -13.52
C GLY B 83 -11.47 -33.25 -12.77
N TYR B 84 -12.00 -34.21 -12.02
CA TYR B 84 -11.16 -35.16 -11.27
C TYR B 84 -10.83 -36.40 -12.13
N THR B 85 -9.91 -36.23 -13.08
CA THR B 85 -9.53 -37.28 -14.04
C THR B 85 -8.68 -38.39 -13.42
N GLY B 86 -7.78 -38.04 -12.52
CA GLY B 86 -6.92 -39.02 -11.85
C GLY B 86 -7.61 -39.79 -10.75
N LEU B 87 -8.71 -39.25 -10.24
CA LEU B 87 -9.57 -39.97 -9.30
C LEU B 87 -10.46 -40.95 -10.05
N ALA B 88 -11.04 -40.49 -11.16
CA ALA B 88 -11.89 -41.33 -12.00
C ALA B 88 -11.15 -42.59 -12.46
N GLU B 89 -9.90 -42.43 -12.88
CA GLU B 89 -9.03 -43.56 -13.26
C GLU B 89 -8.64 -44.41 -12.04
N ALA B 90 -8.26 -43.75 -10.95
CA ALA B 90 -7.85 -44.43 -9.75
C ALA B 90 -8.97 -45.33 -9.23
N ILE B 91 -10.19 -44.82 -9.17
CA ILE B 91 -11.33 -45.59 -8.62
C ILE B 91 -12.07 -46.46 -9.65
N GLU B 92 -11.71 -46.35 -10.93
CA GLU B 92 -12.32 -47.16 -11.99
C GLU B 92 -11.41 -48.32 -12.40
N ASN B 93 -10.09 -48.12 -12.33
CA ASN B 93 -9.13 -49.21 -12.48
C ASN B 93 -8.78 -49.79 -11.11
N TRP B 94 -9.48 -49.33 -10.09
CA TRP B 94 -9.14 -49.67 -8.73
C TRP B 94 -7.65 -49.77 -8.58
N ASP B 95 -6.96 -48.75 -9.09
CA ASP B 95 -5.52 -48.60 -8.99
C ASP B 95 -5.18 -47.15 -8.63
N PHE B 96 -4.78 -46.92 -7.38
CA PHE B 96 -4.53 -45.57 -6.87
C PHE B 96 -3.05 -45.19 -6.87
N SER B 97 -2.21 -45.97 -7.58
CA SER B 97 -0.77 -45.76 -7.56
C SER B 97 -0.32 -44.34 -7.98
N LYS B 98 -1.11 -43.67 -8.83
CA LYS B 98 -0.80 -42.29 -9.24
C LYS B 98 -1.09 -41.27 -8.14
N LEU B 99 -2.26 -41.40 -7.51
CA LEU B 99 -2.65 -40.51 -6.42
C LEU B 99 -1.75 -40.70 -5.20
N GLU B 100 -1.26 -41.92 -5.03
CA GLU B 100 -0.32 -42.25 -3.96
C GLU B 100 1.03 -41.55 -4.15
N LYS B 101 1.56 -41.58 -5.37
CA LYS B 101 2.87 -40.97 -5.68
C LYS B 101 2.89 -39.44 -5.54
N LEU B 102 1.71 -38.80 -5.58
CA LEU B 102 1.57 -37.38 -5.26
C LEU B 102 1.79 -37.09 -3.79
N GLU B 103 1.44 -38.07 -2.95
CA GLU B 103 1.37 -37.87 -1.51
C GLU B 103 2.71 -37.60 -0.83
N LEU B 104 3.82 -37.74 -1.58
CA LEU B 104 5.14 -37.23 -1.13
C LEU B 104 5.34 -35.76 -1.51
N HIS B 105 4.84 -35.38 -2.68
CA HIS B 105 4.93 -33.99 -3.14
C HIS B 105 4.02 -33.08 -2.35
N ARG B 106 2.85 -33.60 -2.00
CA ARG B 106 1.93 -32.87 -1.15
C ARG B 106 2.57 -32.59 0.21
N GLN B 107 3.18 -33.62 0.81
CA GLN B 107 3.91 -33.48 2.08
C GLN B 107 5.07 -32.48 1.97
N LEU B 108 5.66 -32.37 0.79
CA LEU B 108 6.74 -31.42 0.53
C LEU B 108 6.20 -30.00 0.40
N LEU B 109 5.19 -29.81 -0.44
CA LEU B 109 4.65 -28.47 -0.67
C LEU B 109 4.31 -27.85 0.66
N LYS B 110 3.44 -28.47 1.43
CA LYS B 110 3.08 -27.93 2.72
C LYS B 110 4.34 -27.61 3.53
N ARG B 111 5.34 -28.47 3.42
CA ARG B 111 6.63 -28.22 4.08
C ARG B 111 7.30 -26.89 3.64
N ILE B 112 7.28 -26.61 2.34
CA ILE B 112 7.92 -25.41 1.75
C ILE B 112 6.97 -24.19 1.59
N GLU B 113 5.73 -24.33 2.06
CA GLU B 113 4.71 -23.30 1.89
C GLU B 113 5.24 -21.93 2.30
N ALA B 114 5.96 -21.90 3.42
CA ALA B 114 6.57 -20.68 3.91
C ALA B 114 7.39 -19.95 2.84
N THR B 115 7.89 -20.68 1.84
CA THR B 115 8.65 -20.09 0.74
C THR B 115 7.74 -19.34 -0.23
N MET B 116 6.53 -19.87 -0.42
CA MET B 116 5.61 -19.37 -1.44
C MET B 116 4.92 -18.06 -1.07
N LEU B 117 4.75 -17.82 0.23
CA LEU B 117 3.94 -16.71 0.73
C LEU B 117 3.93 -15.54 -0.24
N GLU B 118 5.10 -15.07 -0.64
CA GLU B 118 5.18 -13.88 -1.47
C GLU B 118 5.08 -14.14 -2.96
N VAL B 119 4.87 -15.40 -3.39
CA VAL B 119 4.67 -15.71 -4.82
C VAL B 119 3.27 -15.28 -5.22
N ASP B 120 3.15 -14.78 -6.45
CA ASP B 120 1.89 -14.24 -6.94
C ASP B 120 1.03 -15.35 -7.56
N PRO B 121 -0.12 -15.64 -6.94
CA PRO B 121 -0.95 -16.74 -7.41
C PRO B 121 -1.55 -16.49 -8.80
N VAL B 122 -1.88 -15.22 -9.08
CA VAL B 122 -2.43 -14.84 -10.39
C VAL B 122 -1.48 -15.23 -11.53
N ALA B 123 -0.23 -14.77 -11.43
CA ALA B 123 0.78 -15.03 -12.46
C ALA B 123 1.13 -16.52 -12.60
N LEU B 124 0.80 -17.30 -11.57
CA LEU B 124 1.09 -18.73 -11.53
C LEU B 124 -0.03 -19.55 -12.19
N ILE B 125 -1.26 -19.05 -12.08
CA ILE B 125 -2.49 -19.80 -12.44
C ILE B 125 -2.52 -20.46 -13.82
N PRO B 126 -2.09 -19.73 -14.88
CA PRO B 126 -2.22 -20.34 -16.19
C PRO B 126 -1.35 -21.58 -16.33
N TYR B 127 -0.16 -21.57 -15.73
CA TYR B 127 0.79 -22.69 -15.85
C TYR B 127 0.42 -23.93 -15.03
N ILE B 128 -0.32 -23.70 -13.95
CA ILE B 128 -0.73 -24.77 -13.07
C ILE B 128 -2.22 -25.11 -13.27
N SER B 129 -2.82 -24.57 -14.32
CA SER B 129 -4.28 -24.58 -14.46
C SER B 129 -4.89 -25.98 -14.59
N THR B 130 -4.25 -26.85 -15.38
CA THR B 130 -4.78 -28.20 -15.62
C THR B 130 -4.71 -29.09 -14.38
N CYS B 131 -3.97 -28.64 -13.36
CA CYS B 131 -3.87 -29.34 -12.09
C CYS B 131 -5.09 -29.04 -11.21
N LEU B 132 -5.48 -27.77 -11.16
CA LEU B 132 -6.61 -27.33 -10.33
C LEU B 132 -7.93 -27.46 -11.07
N ILE B 133 -9.01 -27.55 -10.31
CA ILE B 133 -10.35 -27.72 -10.88
C ILE B 133 -10.87 -26.36 -11.39
N ASP B 134 -11.95 -26.40 -12.18
CA ASP B 134 -12.56 -25.19 -12.73
C ASP B 134 -12.73 -24.12 -11.69
N ARG B 135 -13.60 -24.38 -10.71
CA ARG B 135 -13.98 -23.36 -9.75
C ARG B 135 -12.93 -23.11 -8.67
N GLU B 136 -11.91 -23.96 -8.62
CA GLU B 136 -10.73 -23.71 -7.78
C GLU B 136 -9.92 -22.57 -8.37
N CYS B 137 -9.61 -22.66 -9.67
CA CYS B 137 -8.88 -21.60 -10.40
C CYS B 137 -9.47 -20.19 -10.18
N GLU B 138 -10.79 -20.08 -10.31
CA GLU B 138 -11.48 -18.78 -10.23
C GLU B 138 -11.78 -18.32 -8.81
N GLU B 139 -11.69 -19.23 -7.84
CA GLU B 139 -11.81 -18.82 -6.45
C GLU B 139 -10.54 -18.09 -6.01
N ILE B 140 -9.38 -18.66 -6.33
CA ILE B 140 -8.08 -18.04 -6.03
C ILE B 140 -8.10 -16.61 -6.54
N GLN B 141 -8.33 -16.47 -7.84
CA GLN B 141 -8.41 -15.16 -8.50
C GLN B 141 -9.21 -14.14 -7.69
N GLN B 142 -10.34 -14.57 -7.14
CA GLN B 142 -11.16 -13.68 -6.32
C GLN B 142 -10.41 -13.28 -5.06
N ILE B 143 -9.98 -14.27 -4.29
CA ILE B 143 -9.26 -14.02 -3.03
C ILE B 143 -8.06 -13.12 -3.32
N SER B 144 -7.33 -13.48 -4.37
CA SER B 144 -6.09 -12.81 -4.72
C SER B 144 -6.30 -11.33 -5.04
N GLU B 145 -7.35 -11.01 -5.79
CA GLU B 145 -7.64 -9.61 -6.11
C GLU B 145 -8.31 -8.95 -4.92
N ASN B 146 -9.51 -9.44 -4.61
CA ASN B 146 -10.40 -8.80 -3.66
C ASN B 146 -9.81 -8.60 -2.28
N ARG B 147 -9.04 -9.60 -1.83
CA ARG B 147 -8.65 -9.74 -0.42
C ARG B 147 -7.13 -9.50 -0.24
N SER B 148 -6.30 -10.43 -0.68
CA SER B 148 -4.84 -10.25 -0.63
C SER B 148 -4.12 -11.36 -1.37
N LYS B 149 -2.93 -11.01 -1.85
CA LYS B 149 -2.14 -11.88 -2.73
C LYS B 149 -1.53 -13.06 -1.97
N ALA B 150 -1.31 -12.87 -0.67
CA ALA B 150 -0.85 -13.93 0.23
C ALA B 150 -1.98 -14.88 0.52
N ALA B 151 -3.13 -14.34 0.90
CA ALA B 151 -4.34 -15.14 1.10
C ALA B 151 -4.64 -15.92 -0.17
N GLY B 152 -4.30 -15.33 -1.31
CA GLY B 152 -4.39 -16.00 -2.60
C GLY B 152 -3.51 -17.23 -2.73
N ILE B 153 -2.20 -17.04 -2.59
CA ILE B 153 -1.28 -18.14 -2.79
C ILE B 153 -1.47 -19.27 -1.77
N THR B 154 -1.98 -18.91 -0.59
CA THR B 154 -2.31 -19.89 0.43
C THR B 154 -3.47 -20.79 -0.01
N LYS B 155 -4.49 -20.19 -0.61
CA LYS B 155 -5.61 -20.96 -1.15
C LYS B 155 -5.17 -21.87 -2.30
N LEU B 156 -4.35 -21.32 -3.21
CA LEU B 156 -3.85 -22.08 -4.34
C LEU B 156 -3.18 -23.35 -3.86
N ILE B 157 -2.27 -23.22 -2.88
CA ILE B 157 -1.51 -24.39 -2.45
C ILE B 157 -2.36 -25.35 -1.64
N GLU B 158 -3.48 -24.87 -1.09
CA GLU B 158 -4.47 -25.78 -0.52
C GLU B 158 -4.94 -26.73 -1.61
N CYS B 159 -5.47 -26.13 -2.68
CA CYS B 159 -6.07 -26.86 -3.79
C CYS B 159 -5.10 -27.74 -4.55
N LEU B 160 -3.84 -27.32 -4.62
CA LEU B 160 -2.80 -28.07 -5.31
C LEU B 160 -2.46 -29.37 -4.55
N CYS B 161 -2.68 -29.38 -3.23
CA CYS B 161 -2.60 -30.61 -2.44
C CYS B 161 -3.81 -31.52 -2.66
N ARG B 162 -4.97 -30.88 -2.85
CA ARG B 162 -6.20 -31.58 -3.20
C ARG B 162 -6.25 -31.93 -4.69
N SER B 163 -5.14 -31.67 -5.41
CA SER B 163 -5.03 -32.03 -6.80
C SER B 163 -4.82 -33.53 -6.92
N ASP B 164 -5.43 -34.10 -7.94
CA ASP B 164 -5.47 -35.55 -8.14
C ASP B 164 -4.79 -35.93 -9.45
N LYS B 165 -3.84 -35.13 -9.89
CA LYS B 165 -3.34 -35.24 -11.25
C LYS B 165 -1.82 -35.41 -11.27
N GLU B 166 -1.40 -36.66 -11.48
CA GLU B 166 0.00 -37.09 -11.46
C GLU B 166 1.00 -36.11 -12.10
N HIS B 167 0.53 -35.35 -13.09
CA HIS B 167 1.38 -34.41 -13.80
C HIS B 167 1.69 -33.13 -13.04
N TRP B 168 0.99 -32.85 -11.93
CA TRP B 168 1.06 -31.51 -11.30
C TRP B 168 2.39 -31.10 -10.72
N PRO B 169 3.06 -31.97 -9.93
CA PRO B 169 4.36 -31.49 -9.41
C PRO B 169 5.32 -31.05 -10.52
N LYS B 170 5.28 -31.73 -11.66
CA LYS B 170 6.02 -31.28 -12.83
C LYS B 170 5.54 -29.91 -13.32
N SER B 171 4.22 -29.72 -13.40
CA SER B 171 3.62 -28.45 -13.88
C SER B 171 3.95 -27.27 -13.00
N LEU B 172 4.04 -27.54 -11.70
CA LEU B 172 4.42 -26.55 -10.72
C LEU B 172 5.86 -26.10 -10.93
N GLN B 173 6.75 -27.07 -11.14
CA GLN B 173 8.17 -26.80 -11.30
C GLN B 173 8.42 -25.91 -12.51
N LEU B 174 7.67 -26.16 -13.58
CA LEU B 174 7.75 -25.34 -14.78
C LEU B 174 7.00 -24.02 -14.56
N ALA B 175 5.94 -24.05 -13.74
CA ALA B 175 5.24 -22.83 -13.34
C ALA B 175 6.16 -21.86 -12.60
N LEU B 176 6.82 -22.36 -11.55
CA LEU B 176 7.78 -21.57 -10.76
C LEU B 176 8.98 -21.10 -11.59
N ASP B 177 9.46 -21.96 -12.50
CA ASP B 177 10.60 -21.63 -13.35
C ASP B 177 10.27 -20.45 -14.27
N THR B 178 9.13 -20.53 -14.96
CA THR B 178 8.79 -19.55 -15.99
C THR B 178 8.29 -18.23 -15.43
N THR B 179 7.60 -18.28 -14.29
CA THR B 179 7.15 -17.04 -13.62
C THR B 179 8.28 -16.41 -12.82
N GLY B 180 9.48 -16.99 -12.88
CA GLY B 180 10.69 -16.38 -12.33
C GLY B 180 10.77 -16.42 -10.81
N TYR B 181 10.45 -17.58 -10.23
CA TYR B 181 10.59 -17.78 -8.80
C TYR B 181 11.67 -18.84 -8.55
N TYR B 182 12.85 -18.55 -9.10
CA TYR B 182 13.99 -19.47 -9.14
C TYR B 182 14.35 -20.08 -7.79
N ARG B 183 14.19 -19.30 -6.72
CA ARG B 183 14.50 -19.78 -5.37
C ARG B 183 13.59 -20.92 -4.97
N ALA B 184 12.29 -20.68 -5.05
CA ALA B 184 11.31 -21.71 -4.70
C ALA B 184 11.38 -22.88 -5.68
N SER B 185 11.65 -22.58 -6.95
CA SER B 185 11.75 -23.61 -8.00
C SER B 185 12.91 -24.57 -7.76
N GLU B 186 14.09 -23.98 -7.58
CA GLU B 186 15.32 -24.69 -7.23
C GLU B 186 15.11 -25.59 -6.01
N LEU B 187 14.28 -25.11 -5.07
CA LEU B 187 13.96 -25.84 -3.84
C LEU B 187 12.81 -26.84 -4.00
N TRP B 188 12.29 -27.01 -5.21
CA TRP B 188 11.10 -27.87 -5.42
C TRP B 188 11.43 -29.28 -5.84
N ASP B 189 12.37 -29.45 -6.79
CA ASP B 189 12.86 -30.78 -7.22
C ASP B 189 12.17 -31.97 -6.57
N LYS B 248 42.65 -14.96 -40.56
CA LYS B 248 44.09 -14.89 -40.33
C LYS B 248 44.37 -13.78 -39.32
N ALA B 249 45.49 -13.89 -38.60
CA ALA B 249 45.86 -13.06 -37.44
C ALA B 249 45.68 -11.54 -37.59
N ARG B 250 45.73 -10.87 -36.44
CA ARG B 250 45.83 -9.42 -36.40
C ARG B 250 47.29 -9.04 -36.33
N SER B 251 47.57 -7.75 -36.51
CA SER B 251 48.94 -7.26 -36.63
C SER B 251 49.69 -7.47 -35.32
N TYR B 252 49.06 -7.12 -34.19
CA TYR B 252 49.71 -7.28 -32.90
C TYR B 252 50.00 -8.77 -32.61
N GLN B 253 49.12 -9.67 -33.05
CA GLN B 253 49.32 -11.11 -32.85
C GLN B 253 50.54 -11.63 -33.59
N ILE B 254 50.72 -11.18 -34.84
CA ILE B 254 51.91 -11.52 -35.60
C ILE B 254 53.13 -11.03 -34.85
N GLU B 255 53.11 -9.76 -34.46
CA GLU B 255 54.20 -9.13 -33.71
C GLU B 255 54.59 -9.94 -32.48
N LEU B 256 53.59 -10.43 -31.74
CA LEU B 256 53.82 -11.28 -30.56
C LEU B 256 54.55 -12.59 -30.92
N ALA B 257 54.17 -13.18 -32.06
CA ALA B 257 54.69 -14.48 -32.48
C ALA B 257 56.09 -14.41 -33.10
N GLN B 258 56.44 -13.28 -33.70
CA GLN B 258 57.67 -13.18 -34.50
C GLN B 258 58.92 -13.84 -33.90
N PRO B 259 59.34 -13.43 -32.69
CA PRO B 259 60.57 -14.02 -32.16
C PRO B 259 60.49 -15.55 -32.00
N ALA B 260 59.31 -16.06 -31.65
CA ALA B 260 59.12 -17.51 -31.53
C ALA B 260 59.12 -18.20 -32.90
N ILE B 261 58.60 -17.51 -33.92
CA ILE B 261 58.68 -18.03 -35.30
C ILE B 261 60.14 -18.06 -35.76
N ASN B 262 60.95 -17.15 -35.23
CA ASN B 262 62.39 -17.10 -35.49
C ASN B 262 63.19 -18.00 -34.53
N GLY B 263 62.50 -18.99 -33.93
CA GLY B 263 63.16 -20.05 -33.16
C GLY B 263 63.57 -19.73 -31.73
N LYS B 264 63.27 -18.52 -31.27
CA LYS B 264 63.77 -18.05 -29.98
C LYS B 264 62.83 -18.42 -28.85
N ASN B 265 63.40 -18.86 -27.71
CA ASN B 265 62.61 -19.17 -26.53
C ASN B 265 61.86 -17.92 -26.07
N ALA B 266 60.56 -17.89 -26.33
CA ALA B 266 59.78 -16.70 -26.07
C ALA B 266 59.02 -16.77 -24.76
N LEU B 267 58.66 -15.60 -24.25
CA LEU B 267 57.73 -15.48 -23.15
C LEU B 267 56.76 -14.39 -23.56
N ILE B 268 55.59 -14.81 -24.05
CA ILE B 268 54.55 -13.89 -24.52
C ILE B 268 53.79 -13.33 -23.30
N CYS B 269 54.05 -12.06 -22.99
CA CYS B 269 53.27 -11.35 -21.98
C CYS B 269 52.29 -10.45 -22.71
N ALA B 270 51.05 -10.91 -22.77
CA ALA B 270 49.96 -10.14 -23.33
C ALA B 270 48.73 -10.32 -22.42
N PRO B 271 47.83 -9.34 -22.40
CA PRO B 271 46.69 -9.38 -21.49
C PRO B 271 45.68 -10.47 -21.88
N THR B 272 44.83 -10.87 -20.93
CA THR B 272 43.87 -11.94 -21.19
C THR B 272 42.85 -11.49 -22.22
N GLY B 273 42.57 -12.37 -23.17
CA GLY B 273 41.57 -12.10 -24.19
C GLY B 273 42.15 -11.51 -25.46
N SER B 274 43.42 -11.12 -25.42
CA SER B 274 44.13 -10.69 -26.63
C SER B 274 44.45 -11.88 -27.53
N GLY B 275 44.34 -13.10 -26.96
CA GLY B 275 44.42 -14.33 -27.74
C GLY B 275 45.79 -14.96 -27.76
N LYS B 276 46.26 -15.38 -26.58
CA LYS B 276 47.57 -16.01 -26.46
C LYS B 276 47.53 -17.44 -27.03
N THR B 277 46.45 -18.17 -26.75
CA THR B 277 46.24 -19.52 -27.30
C THR B 277 46.22 -19.51 -28.83
N PHE B 278 45.77 -18.41 -29.41
CA PHE B 278 45.80 -18.25 -30.86
C PHE B 278 47.21 -18.08 -31.37
N VAL B 279 47.93 -17.09 -30.84
CA VAL B 279 49.32 -16.90 -31.25
C VAL B 279 50.11 -18.18 -31.06
N SER B 280 49.82 -18.94 -30.00
CA SER B 280 50.49 -20.21 -29.77
C SER B 280 50.19 -21.25 -30.87
N ILE B 281 48.99 -21.22 -31.46
CA ILE B 281 48.68 -22.11 -32.57
C ILE B 281 49.26 -21.55 -33.90
N LEU B 282 49.48 -20.24 -33.96
CA LEU B 282 50.17 -19.63 -35.11
C LEU B 282 51.61 -20.07 -35.12
N ILE B 283 52.27 -19.95 -33.96
CA ILE B 283 53.65 -20.41 -33.76
C ILE B 283 53.82 -21.89 -34.11
N CYS B 284 52.78 -22.68 -33.82
CA CYS B 284 52.78 -24.10 -34.16
C CYS B 284 52.72 -24.33 -35.65
N GLU B 285 51.72 -23.76 -36.35
CA GLU B 285 51.68 -23.99 -37.80
C GLU B 285 52.88 -23.35 -38.56
N HIS B 286 53.67 -22.52 -37.88
CA HIS B 286 54.96 -22.04 -38.41
C HIS B 286 56.14 -22.83 -37.90
N HIS B 287 55.87 -23.84 -37.08
CA HIS B 287 56.92 -24.69 -36.50
C HIS B 287 57.03 -25.96 -37.27
N PHE B 288 55.89 -26.55 -37.62
CA PHE B 288 55.84 -27.74 -38.47
C PHE B 288 56.26 -27.39 -39.89
N GLN B 289 55.96 -26.15 -40.28
CA GLN B 289 56.21 -25.66 -41.61
C GLN B 289 57.71 -25.50 -41.84
N ASN B 290 58.38 -24.85 -40.90
CA ASN B 290 59.82 -24.61 -40.98
C ASN B 290 60.62 -25.65 -40.15
N MET B 291 60.15 -26.90 -40.14
CA MET B 291 60.87 -27.99 -39.49
C MET B 291 61.83 -28.66 -40.48
N PRO B 292 63.14 -28.56 -40.22
CA PRO B 292 64.10 -28.98 -41.23
C PRO B 292 64.37 -30.48 -41.23
N ALA B 293 64.93 -30.94 -42.35
CA ALA B 293 65.55 -32.28 -42.45
C ALA B 293 64.66 -33.42 -41.98
N GLY B 294 65.26 -34.42 -41.35
CA GLY B 294 64.55 -35.60 -40.91
C GLY B 294 63.60 -35.32 -39.76
N ARG B 295 64.14 -34.74 -38.68
CA ARG B 295 63.43 -34.62 -37.41
C ARG B 295 61.93 -34.27 -37.58
N LYS B 296 61.08 -35.14 -37.02
CA LYS B 296 59.65 -34.90 -36.90
C LYS B 296 59.43 -34.03 -35.68
N ALA B 297 58.47 -33.11 -35.77
CA ALA B 297 58.15 -32.22 -34.68
C ALA B 297 57.10 -32.84 -33.76
N LYS B 298 57.32 -32.69 -32.45
CA LYS B 298 56.28 -32.89 -31.44
C LYS B 298 56.11 -31.62 -30.63
N VAL B 299 54.90 -31.35 -30.18
CA VAL B 299 54.60 -30.16 -29.40
C VAL B 299 53.89 -30.56 -28.11
N VAL B 300 54.21 -29.88 -27.01
CA VAL B 300 53.56 -30.14 -25.72
C VAL B 300 52.90 -28.88 -25.20
N PHE B 301 51.59 -28.89 -25.08
CA PHE B 301 50.88 -27.75 -24.50
C PHE B 301 50.53 -28.01 -23.04
N LEU B 302 51.31 -27.41 -22.13
CA LEU B 302 51.11 -27.59 -20.70
C LEU B 302 50.15 -26.53 -20.15
N ALA B 303 49.10 -26.98 -19.48
CA ALA B 303 48.17 -26.07 -18.79
C ALA B 303 48.03 -26.47 -17.34
N THR B 304 47.98 -25.47 -16.47
CA THR B 304 47.93 -25.70 -15.02
C THR B 304 46.69 -26.47 -14.62
N LYS B 305 45.53 -25.81 -14.70
CA LYS B 305 44.29 -26.34 -14.12
C LYS B 305 43.66 -27.41 -15.02
N VAL B 306 42.79 -28.24 -14.44
CA VAL B 306 42.14 -29.32 -15.18
C VAL B 306 41.17 -28.83 -16.27
N PRO B 307 40.35 -27.80 -15.99
CA PRO B 307 39.45 -27.29 -17.04
C PRO B 307 40.18 -26.49 -18.12
N VAL B 308 41.00 -25.52 -17.69
CA VAL B 308 41.89 -24.75 -18.57
C VAL B 308 42.53 -25.69 -19.59
N TYR B 309 43.12 -26.77 -19.09
CA TYR B 309 43.69 -27.85 -19.91
C TYR B 309 42.73 -28.32 -20.99
N GLU B 310 41.49 -28.60 -20.62
CA GLU B 310 40.56 -29.28 -21.52
C GLU B 310 40.00 -28.36 -22.62
N GLN B 311 39.75 -27.10 -22.27
CA GLN B 311 39.39 -26.10 -23.28
C GLN B 311 40.43 -26.09 -24.39
N GLN B 312 41.70 -26.12 -24.00
CA GLN B 312 42.84 -26.07 -24.93
C GLN B 312 42.97 -27.38 -25.72
N LYS B 313 42.98 -28.49 -25.01
CA LYS B 313 42.95 -29.81 -25.65
C LYS B 313 41.94 -29.80 -26.80
N ASN B 314 40.76 -29.27 -26.52
CA ASN B 314 39.72 -29.13 -27.53
C ASN B 314 40.07 -28.07 -28.60
N VAL B 315 40.64 -26.95 -28.20
CA VAL B 315 41.06 -25.93 -29.19
C VAL B 315 41.99 -26.57 -30.21
N PHE B 316 43.04 -27.23 -29.71
CA PHE B 316 44.05 -27.87 -30.57
C PHE B 316 43.51 -29.07 -31.33
N LYS B 317 42.62 -29.84 -30.71
CA LYS B 317 41.89 -30.92 -31.38
C LYS B 317 41.14 -30.38 -32.61
N HIS B 318 40.31 -29.37 -32.37
CA HIS B 318 39.43 -28.79 -33.39
C HIS B 318 40.22 -28.27 -34.56
N HIS B 319 41.26 -27.48 -34.28
CA HIS B 319 42.02 -26.81 -35.33
C HIS B 319 42.98 -27.70 -36.08
N PHE B 320 43.75 -28.53 -35.35
CA PHE B 320 44.87 -29.26 -35.97
C PHE B 320 44.55 -30.67 -36.50
N GLU B 321 43.49 -31.30 -36.02
CA GLU B 321 43.13 -32.63 -36.51
C GLU B 321 42.84 -32.62 -38.01
N ARG B 322 42.06 -31.63 -38.46
CA ARG B 322 41.67 -31.52 -39.87
C ARG B 322 42.84 -31.40 -40.86
N GLN B 323 43.94 -30.78 -40.41
CA GLN B 323 45.11 -30.56 -41.28
C GLN B 323 45.95 -31.82 -41.47
N GLY B 324 45.63 -32.87 -40.72
CA GLY B 324 46.28 -34.18 -40.86
C GLY B 324 47.07 -34.63 -39.62
N TYR B 325 47.13 -33.78 -38.61
CA TYR B 325 47.92 -34.07 -37.41
C TYR B 325 47.18 -34.99 -36.46
N SER B 326 47.96 -35.69 -35.63
CA SER B 326 47.43 -36.49 -34.55
C SER B 326 47.44 -35.62 -33.29
N VAL B 327 46.26 -35.34 -32.75
CA VAL B 327 46.12 -34.47 -31.57
C VAL B 327 45.45 -35.20 -30.42
N GLN B 328 46.23 -35.60 -29.43
CA GLN B 328 45.69 -36.21 -28.21
C GLN B 328 45.96 -35.33 -26.99
N GLY B 329 45.25 -35.64 -25.91
CA GLY B 329 45.44 -34.94 -24.64
C GLY B 329 45.48 -35.90 -23.47
N ILE B 330 46.65 -36.02 -22.84
CA ILE B 330 46.83 -36.85 -21.65
C ILE B 330 46.52 -36.03 -20.39
N SER B 331 45.90 -36.65 -19.39
CA SER B 331 45.53 -35.96 -18.14
C SER B 331 45.27 -36.91 -16.97
N GLY B 332 45.13 -36.33 -15.78
CA GLY B 332 44.87 -37.08 -14.56
C GLY B 332 43.98 -38.31 -14.72
N GLU B 333 42.93 -38.18 -15.53
CA GLU B 333 42.01 -39.29 -15.79
C GLU B 333 42.44 -40.11 -17.00
N SER B 339 48.95 -45.27 -20.51
CA SER B 339 50.35 -45.16 -20.91
C SER B 339 50.68 -43.76 -21.43
N VAL B 340 51.91 -43.31 -21.17
CA VAL B 340 52.42 -42.04 -21.68
C VAL B 340 53.19 -42.28 -22.97
N GLU B 341 54.06 -43.29 -22.97
CA GLU B 341 54.93 -43.59 -24.11
C GLU B 341 54.30 -43.52 -25.50
N LYS B 342 53.32 -44.39 -25.76
CA LYS B 342 52.69 -44.46 -27.09
C LYS B 342 51.95 -43.18 -27.43
N VAL B 343 51.11 -42.71 -26.49
CA VAL B 343 50.36 -41.47 -26.66
C VAL B 343 51.28 -40.35 -27.14
N ILE B 344 52.49 -40.29 -26.59
CA ILE B 344 53.48 -39.27 -26.97
C ILE B 344 54.05 -39.47 -28.38
N GLU B 345 54.45 -40.69 -28.73
CA GLU B 345 55.07 -40.90 -30.05
C GLU B 345 54.05 -41.09 -31.18
N ASP B 346 52.81 -41.44 -30.83
CA ASP B 346 51.73 -41.48 -31.81
C ASP B 346 51.15 -40.08 -32.07
N SER B 347 51.40 -39.14 -31.15
CA SER B 347 50.83 -37.78 -31.24
C SER B 347 51.78 -36.78 -31.88
N ASP B 348 51.22 -35.88 -32.68
CA ASP B 348 51.96 -34.76 -33.26
C ASP B 348 51.88 -33.54 -32.33
N ILE B 349 50.73 -33.36 -31.68
CA ILE B 349 50.55 -32.34 -30.61
C ILE B 349 49.94 -32.99 -29.35
N ILE B 350 50.50 -32.67 -28.19
CA ILE B 350 50.02 -33.23 -26.91
C ILE B 350 49.72 -32.11 -25.91
N VAL B 351 48.44 -31.97 -25.56
CA VAL B 351 48.01 -31.05 -24.52
C VAL B 351 47.97 -31.83 -23.20
N VAL B 352 48.56 -31.27 -22.14
CA VAL B 352 48.89 -32.05 -20.94
C VAL B 352 48.84 -31.23 -19.65
N THR B 353 48.54 -31.90 -18.53
CA THR B 353 48.77 -31.35 -17.18
C THR B 353 50.26 -31.51 -16.87
N PRO B 354 50.87 -30.53 -16.19
CA PRO B 354 52.32 -30.63 -15.97
C PRO B 354 52.79 -31.78 -15.07
N GLN B 355 51.96 -32.13 -14.08
CA GLN B 355 52.30 -33.20 -13.11
C GLN B 355 52.35 -34.58 -13.75
N ILE B 356 51.69 -34.73 -14.90
CA ILE B 356 51.72 -35.98 -15.65
C ILE B 356 53.09 -36.24 -16.21
N LEU B 357 53.71 -35.22 -16.80
CA LEU B 357 55.08 -35.35 -17.28
C LEU B 357 56.05 -35.59 -16.11
N VAL B 358 56.00 -34.71 -15.11
CA VAL B 358 56.86 -34.84 -13.90
C VAL B 358 56.85 -36.26 -13.31
N ASN B 359 55.65 -36.79 -13.07
CA ASN B 359 55.50 -38.15 -12.55
C ASN B 359 56.08 -39.18 -13.53
N SER B 360 55.61 -39.17 -14.77
CA SER B 360 56.09 -40.11 -15.79
C SER B 360 57.48 -39.76 -16.32
N PHE B 361 58.20 -38.90 -15.61
CA PHE B 361 59.64 -38.72 -15.81
C PHE B 361 60.38 -39.37 -14.63
N GLU B 362 60.03 -38.96 -13.42
CA GLU B 362 60.58 -39.55 -12.19
C GLU B 362 60.31 -41.05 -12.14
N ASP B 363 59.11 -41.43 -12.61
CA ASP B 363 58.70 -42.83 -12.73
C ASP B 363 59.66 -43.65 -13.60
N GLY B 364 59.97 -43.13 -14.79
CA GLY B 364 60.84 -43.83 -15.74
C GLY B 364 60.21 -44.08 -17.10
N THR B 365 58.91 -43.78 -17.24
CA THR B 365 58.19 -43.90 -18.51
C THR B 365 58.82 -43.06 -19.63
N LEU B 366 59.60 -42.05 -19.25
CA LEU B 366 60.21 -41.13 -20.20
C LEU B 366 61.38 -40.42 -19.55
N THR B 367 62.59 -40.54 -20.13
CA THR B 367 63.76 -39.83 -19.59
C THR B 367 64.61 -39.27 -20.73
N SER B 368 63.97 -38.43 -21.54
CA SER B 368 64.62 -37.72 -22.63
C SER B 368 63.70 -36.57 -23.04
N LEU B 369 64.03 -35.35 -22.63
CA LEU B 369 63.19 -34.20 -22.96
C LEU B 369 63.44 -33.77 -24.42
N SER B 370 64.42 -34.40 -25.06
CA SER B 370 64.70 -34.19 -26.48
C SER B 370 63.56 -34.65 -27.40
N ILE B 371 62.59 -35.38 -26.87
CA ILE B 371 61.48 -35.91 -27.66
C ILE B 371 60.76 -34.79 -28.40
N PHE B 372 60.48 -33.72 -27.65
CA PHE B 372 59.66 -32.61 -28.14
C PHE B 372 60.52 -31.60 -28.87
N THR B 373 59.95 -30.94 -29.89
CA THR B 373 60.63 -29.82 -30.57
C THR B 373 60.09 -28.47 -30.09
N LEU B 374 59.00 -28.48 -29.32
CA LEU B 374 58.38 -27.26 -28.80
C LEU B 374 57.55 -27.55 -27.55
N MET B 375 57.89 -26.90 -26.44
CA MET B 375 57.04 -26.93 -25.25
C MET B 375 56.40 -25.55 -25.08
N ILE B 376 55.07 -25.53 -25.04
CA ILE B 376 54.30 -24.33 -24.75
C ILE B 376 53.86 -24.39 -23.29
N PHE B 377 54.11 -23.32 -22.55
CA PHE B 377 53.78 -23.24 -21.12
C PHE B 377 52.70 -22.20 -20.84
N ASP B 378 51.46 -22.66 -20.66
CA ASP B 378 50.36 -21.77 -20.37
C ASP B 378 50.43 -21.36 -18.91
N GLU B 379 50.19 -20.08 -18.64
CA GLU B 379 50.31 -19.51 -17.28
C GLU B 379 51.70 -19.77 -16.72
N CYS B 380 52.70 -19.44 -17.53
CA CYS B 380 54.09 -19.80 -17.26
C CYS B 380 54.74 -19.07 -16.07
N HIS B 381 54.08 -18.03 -15.57
CA HIS B 381 54.58 -17.34 -14.37
C HIS B 381 54.60 -18.27 -13.17
N ASN B 382 53.84 -19.36 -13.25
CA ASN B 382 53.95 -20.45 -12.26
C ASN B 382 55.29 -21.16 -12.17
N THR B 383 56.23 -20.89 -13.07
CA THR B 383 57.53 -21.57 -13.08
C THR B 383 58.45 -21.04 -11.97
N THR B 384 58.12 -21.39 -10.72
CA THR B 384 58.92 -21.05 -9.55
C THR B 384 58.74 -22.14 -8.48
N GLY B 385 59.73 -22.29 -7.60
CA GLY B 385 59.61 -23.19 -6.46
C GLY B 385 59.26 -24.59 -6.89
N ASN B 386 58.34 -25.23 -6.17
CA ASN B 386 58.03 -26.63 -6.40
C ASN B 386 57.04 -26.90 -7.54
N HIS B 387 56.50 -25.85 -8.14
CA HIS B 387 55.56 -26.03 -9.25
C HIS B 387 56.13 -26.90 -10.33
N PRO B 388 55.33 -27.84 -10.85
CA PRO B 388 55.84 -28.81 -11.83
C PRO B 388 56.52 -28.23 -13.08
N TYR B 389 56.05 -27.09 -13.58
CA TYR B 389 56.76 -26.37 -14.66
C TYR B 389 58.23 -26.16 -14.31
N ASN B 390 58.48 -25.74 -13.07
CA ASN B 390 59.84 -25.53 -12.58
C ASN B 390 60.58 -26.84 -12.37
N VAL B 391 59.84 -27.88 -11.99
CA VAL B 391 60.40 -29.23 -11.88
C VAL B 391 60.73 -29.78 -13.27
N LEU B 392 59.86 -29.49 -14.23
CA LEU B 392 60.09 -29.88 -15.63
C LEU B 392 61.22 -29.07 -16.26
N MET B 393 61.33 -27.79 -15.89
CA MET B 393 62.39 -26.93 -16.41
C MET B 393 63.73 -27.15 -15.71
N THR B 394 63.69 -27.66 -14.47
CA THR B 394 64.89 -28.11 -13.77
C THR B 394 65.60 -29.18 -14.59
N ARG B 395 64.80 -30.15 -15.05
CA ARG B 395 65.29 -31.22 -15.93
C ARG B 395 65.77 -30.70 -17.28
N TYR B 396 65.05 -29.74 -17.85
CA TYR B 396 65.45 -29.09 -19.11
C TYR B 396 66.81 -28.44 -18.99
N LEU B 397 67.08 -27.84 -17.84
CA LEU B 397 68.33 -27.08 -17.65
C LEU B 397 69.56 -27.99 -17.50
N GLU B 398 69.39 -29.19 -16.95
CA GLU B 398 70.52 -30.12 -16.90
C GLU B 398 70.76 -30.83 -18.24
N GLN B 399 69.72 -30.95 -19.06
CA GLN B 399 69.87 -31.48 -20.42
C GLN B 399 70.52 -30.46 -21.36
N LYS B 400 70.48 -29.19 -20.99
CA LYS B 400 71.19 -28.14 -21.72
C LYS B 400 72.67 -28.24 -21.39
N PHE B 401 72.92 -28.29 -20.08
CA PHE B 401 74.25 -28.33 -19.50
C PHE B 401 74.95 -29.63 -19.83
N ASN B 402 74.48 -30.72 -19.25
CA ASN B 402 75.21 -31.98 -19.31
C ASN B 402 75.29 -32.55 -20.72
N SER B 403 74.16 -32.98 -21.26
CA SER B 403 74.15 -33.77 -22.50
C SER B 403 74.53 -33.00 -23.77
N ALA B 404 74.23 -31.70 -23.81
CA ALA B 404 74.49 -30.89 -25.01
C ALA B 404 73.95 -31.55 -26.28
N SER B 405 72.77 -32.16 -26.17
CA SER B 405 72.12 -32.81 -27.31
C SER B 405 71.18 -31.81 -27.99
N GLN B 406 69.88 -32.08 -27.94
CA GLN B 406 68.91 -31.29 -28.67
C GLN B 406 67.75 -30.99 -27.76
N LEU B 407 67.65 -29.75 -27.30
CA LEU B 407 66.51 -29.35 -26.47
C LEU B 407 65.40 -28.77 -27.34
N PRO B 408 64.15 -28.82 -26.84
CA PRO B 408 63.05 -28.19 -27.56
C PRO B 408 63.07 -26.68 -27.40
N GLN B 409 62.31 -26.02 -28.27
CA GLN B 409 62.02 -24.58 -28.13
C GLN B 409 61.01 -24.39 -27.01
N ILE B 410 61.20 -23.35 -26.20
CA ILE B 410 60.26 -23.01 -25.13
C ILE B 410 59.39 -21.82 -25.53
N LEU B 411 58.11 -21.87 -25.17
CA LEU B 411 57.19 -20.76 -25.36
C LEU B 411 56.41 -20.57 -24.06
N GLY B 412 56.53 -19.38 -23.47
CA GLY B 412 55.82 -19.05 -22.24
C GLY B 412 54.64 -18.14 -22.52
N LEU B 413 53.47 -18.53 -22.03
CA LEU B 413 52.28 -17.69 -22.14
C LEU B 413 51.82 -17.24 -20.74
N THR B 414 51.54 -15.95 -20.64
CA THR B 414 51.10 -15.37 -19.38
C THR B 414 50.37 -14.06 -19.58
N ALA B 415 49.45 -13.76 -18.67
CA ALA B 415 48.81 -12.47 -18.62
C ALA B 415 49.79 -11.43 -18.10
N SER B 416 50.46 -11.76 -17.01
CA SER B 416 51.38 -10.86 -16.32
C SER B 416 52.48 -11.61 -15.57
N VAL B 417 53.74 -11.26 -15.86
CA VAL B 417 54.91 -11.95 -15.28
C VAL B 417 55.09 -11.69 -13.79
N GLY B 418 54.37 -10.71 -13.26
CA GLY B 418 54.34 -10.47 -11.83
C GLY B 418 55.46 -9.56 -11.40
N VAL B 419 55.53 -9.26 -10.11
CA VAL B 419 56.61 -8.44 -9.56
C VAL B 419 57.20 -9.01 -8.26
N GLY B 420 56.64 -10.13 -7.78
CA GLY B 420 57.30 -10.91 -6.72
C GLY B 420 57.20 -10.28 -5.35
N ASN B 421 58.29 -9.66 -4.90
CA ASN B 421 58.28 -8.77 -3.74
C ASN B 421 59.02 -7.46 -4.06
N ALA B 422 59.11 -7.14 -5.35
CA ALA B 422 59.92 -6.02 -5.79
C ALA B 422 59.28 -4.68 -5.43
N LYS B 423 60.05 -3.82 -4.77
CA LYS B 423 59.59 -2.48 -4.47
C LYS B 423 59.92 -1.53 -5.62
N ASN B 424 61.05 -1.77 -6.27
CA ASN B 424 61.55 -0.86 -7.32
C ASN B 424 61.38 -1.47 -8.69
N ILE B 425 61.64 -0.64 -9.69
CA ILE B 425 61.74 -1.11 -11.06
C ILE B 425 63.01 -1.95 -11.19
N GLU B 426 64.02 -1.62 -10.39
CA GLU B 426 65.23 -2.43 -10.28
C GLU B 426 64.96 -3.86 -9.77
N GLU B 427 64.36 -3.96 -8.59
CA GLU B 427 64.04 -5.28 -8.01
C GLU B 427 63.16 -6.08 -8.96
N THR B 428 62.21 -5.39 -9.59
CA THR B 428 61.31 -6.00 -10.57
C THR B 428 62.06 -6.63 -11.74
N ILE B 429 62.97 -5.86 -12.36
CA ILE B 429 63.82 -6.36 -13.45
C ILE B 429 64.52 -7.64 -13.06
N GLU B 430 65.02 -7.66 -11.83
CA GLU B 430 65.68 -8.84 -11.28
C GLU B 430 64.70 -10.01 -11.14
N HIS B 431 63.46 -9.70 -10.77
CA HIS B 431 62.39 -10.72 -10.72
C HIS B 431 62.01 -11.21 -12.08
N ILE B 432 61.65 -10.28 -12.96
CA ILE B 432 61.25 -10.65 -14.31
C ILE B 432 62.34 -11.51 -14.95
N CYS B 433 63.60 -11.07 -14.86
CA CYS B 433 64.72 -11.84 -15.39
C CYS B 433 64.76 -13.24 -14.81
N SER B 434 64.65 -13.32 -13.49
CA SER B 434 64.74 -14.60 -12.79
C SER B 434 63.74 -15.60 -13.37
N LEU B 435 62.50 -15.16 -13.61
CA LEU B 435 61.52 -16.03 -14.22
C LEU B 435 62.02 -16.50 -15.57
N CYS B 436 62.50 -15.57 -16.38
CA CYS B 436 62.98 -15.87 -17.72
C CYS B 436 64.15 -16.86 -17.71
N SER B 437 64.94 -16.83 -16.65
CA SER B 437 66.01 -17.81 -16.45
C SER B 437 65.46 -19.21 -16.25
N TYR B 438 64.50 -19.35 -15.36
CA TYR B 438 63.89 -20.64 -15.07
C TYR B 438 63.33 -21.32 -16.32
N LEU B 439 62.75 -20.54 -17.23
CA LEU B 439 62.19 -21.06 -18.47
C LEU B 439 63.19 -21.08 -19.62
N ASP B 440 64.29 -20.35 -19.47
CA ASP B 440 65.36 -20.25 -20.48
C ASP B 440 64.87 -19.45 -21.68
N ILE B 441 64.34 -18.28 -21.40
CA ILE B 441 63.82 -17.39 -22.42
C ILE B 441 64.97 -16.60 -23.05
N GLN B 442 64.82 -16.26 -24.33
CA GLN B 442 65.77 -15.40 -25.04
C GLN B 442 65.16 -14.05 -25.44
N ALA B 443 63.83 -13.95 -25.48
CA ALA B 443 63.15 -12.68 -25.74
C ALA B 443 61.75 -12.64 -25.11
N ILE B 444 61.40 -11.49 -24.54
CA ILE B 444 60.08 -11.25 -23.95
C ILE B 444 59.21 -10.52 -24.96
N SER B 445 58.20 -11.20 -25.47
CA SER B 445 57.35 -10.66 -26.54
C SER B 445 56.07 -10.02 -26.01
N THR B 446 55.99 -8.69 -26.12
CA THR B 446 54.84 -7.93 -25.68
C THR B 446 54.49 -6.96 -26.80
N VAL B 447 53.20 -6.65 -26.98
CA VAL B 447 52.81 -5.74 -28.06
C VAL B 447 53.39 -4.34 -27.82
N ARG B 448 54.15 -3.84 -28.81
CA ARG B 448 54.85 -2.56 -28.70
C ARG B 448 54.70 -1.67 -29.93
N GLU B 449 54.54 -2.26 -31.10
CA GLU B 449 54.33 -1.53 -32.35
C GLU B 449 52.83 -1.36 -32.64
N ASN B 450 52.05 -2.38 -32.31
CA ASN B 450 50.61 -2.36 -32.49
C ASN B 450 49.87 -2.18 -31.17
N ILE B 451 50.35 -1.26 -30.33
CA ILE B 451 49.69 -0.93 -29.07
C ILE B 451 48.35 -0.30 -29.42
N GLN B 452 48.39 0.59 -30.42
CA GLN B 452 47.19 1.18 -30.99
C GLN B 452 46.11 0.12 -31.26
N GLU B 453 46.48 -0.87 -32.07
CA GLU B 453 45.52 -1.90 -32.51
C GLU B 453 44.99 -2.75 -31.36
N LEU B 454 45.83 -3.01 -30.36
CA LEU B 454 45.42 -3.82 -29.19
C LEU B 454 44.38 -3.11 -28.34
N GLN B 455 44.55 -1.80 -28.15
CA GLN B 455 43.62 -1.03 -27.32
C GLN B 455 42.27 -0.84 -28.00
N ARG B 456 42.25 -0.79 -29.33
CA ARG B 456 40.98 -0.67 -30.06
C ARG B 456 40.24 -2.00 -30.03
N PHE B 457 41.00 -3.10 -30.02
CA PHE B 457 40.42 -4.45 -29.98
C PHE B 457 39.79 -4.74 -28.64
N MET B 458 40.41 -4.24 -27.59
CA MET B 458 39.91 -4.43 -26.25
C MET B 458 40.14 -3.18 -25.43
N ASN B 459 39.16 -2.81 -24.62
CA ASN B 459 39.19 -1.53 -23.96
C ASN B 459 38.91 -1.68 -22.48
N LYS B 460 39.91 -2.20 -21.77
CA LYS B 460 39.90 -2.24 -20.32
C LYS B 460 39.34 -0.92 -19.81
N PRO B 461 38.13 -0.93 -19.24
CA PRO B 461 37.65 0.33 -18.71
C PRO B 461 38.56 0.84 -17.61
N GLU B 462 38.92 2.12 -17.66
CA GLU B 462 39.77 2.72 -16.63
C GLU B 462 38.99 2.70 -15.32
N ILE B 463 39.50 1.95 -14.35
CA ILE B 463 38.76 1.64 -13.14
C ILE B 463 38.99 2.70 -12.08
N ASP B 464 37.93 3.41 -11.72
CA ASP B 464 38.01 4.43 -10.69
C ASP B 464 37.41 3.93 -9.39
N VAL B 465 38.24 3.75 -8.37
CA VAL B 465 37.77 3.29 -7.06
C VAL B 465 37.48 4.53 -6.22
N ARG B 466 36.39 4.49 -5.47
CA ARG B 466 36.02 5.58 -4.58
C ARG B 466 35.54 5.08 -3.22
N LEU B 467 36.38 5.27 -2.22
CA LEU B 467 36.07 4.89 -0.86
C LEU B 467 35.09 5.89 -0.31
N VAL B 468 33.82 5.52 -0.36
CA VAL B 468 32.78 6.27 0.30
C VAL B 468 32.75 5.79 1.74
N LYS B 469 32.70 6.70 2.70
CA LYS B 469 32.62 6.33 4.13
C LYS B 469 31.21 6.54 4.63
N ARG B 470 30.79 5.65 5.52
CA ARG B 470 29.37 5.37 5.74
C ARG B 470 28.79 5.92 7.05
N ARG B 471 27.48 5.71 7.24
CA ARG B 471 26.79 6.04 8.49
C ARG B 471 27.68 5.75 9.66
N ILE B 472 27.79 6.71 10.56
CA ILE B 472 28.63 6.52 11.71
C ILE B 472 28.23 5.18 12.35
N HIS B 473 26.92 4.98 12.44
CA HIS B 473 26.23 3.88 13.17
C HIS B 473 24.93 3.51 12.51
N ASN B 474 24.47 2.28 12.73
CA ASN B 474 23.30 1.75 12.03
C ASN B 474 22.42 1.03 13.05
N PRO B 475 21.72 1.81 13.89
CA PRO B 475 21.03 1.19 15.03
C PRO B 475 19.86 0.31 14.62
N PHE B 476 19.29 0.59 13.45
CA PHE B 476 18.34 -0.34 12.82
C PHE B 476 18.99 -1.71 12.67
N ALA B 477 20.20 -1.71 12.13
CA ALA B 477 20.93 -2.94 11.90
C ALA B 477 20.98 -3.74 13.20
N ALA B 478 21.46 -3.09 14.27
CA ALA B 478 21.62 -3.76 15.56
C ALA B 478 20.28 -4.30 16.06
N ILE B 479 19.22 -3.53 15.90
CA ILE B 479 17.89 -3.97 16.33
C ILE B 479 17.47 -5.25 15.60
N ILE B 480 17.77 -5.29 14.29
CA ILE B 480 17.43 -6.45 13.47
C ILE B 480 18.30 -7.61 13.85
N SER B 481 19.61 -7.38 13.94
CA SER B 481 20.52 -8.45 14.31
C SER B 481 20.00 -9.24 15.50
N ASN B 482 19.66 -8.54 16.57
CA ASN B 482 19.19 -9.21 17.77
C ASN B 482 17.99 -10.09 17.50
N LEU B 483 17.06 -9.63 16.66
CA LEU B 483 15.93 -10.48 16.29
C LEU B 483 16.44 -11.70 15.53
N MET B 484 17.43 -11.50 14.66
CA MET B 484 18.02 -12.61 13.91
C MET B 484 18.60 -13.64 14.86
N SER B 485 19.29 -13.16 15.90
CA SER B 485 19.88 -14.05 16.90
C SER B 485 18.84 -14.78 17.73
N GLU B 486 17.78 -14.08 18.12
CA GLU B 486 16.67 -14.73 18.81
C GLU B 486 16.11 -15.83 17.90
N THR B 487 15.75 -15.44 16.67
CA THR B 487 15.12 -16.35 15.71
C THR B 487 15.97 -17.57 15.43
N GLU B 488 17.27 -17.37 15.25
CA GLU B 488 18.21 -18.49 15.15
C GLU B 488 18.09 -19.43 16.35
N ALA B 489 18.13 -18.86 17.56
CA ALA B 489 18.09 -19.65 18.79
C ALA B 489 16.73 -20.34 19.00
N LEU B 490 15.68 -19.71 18.48
CA LEU B 490 14.36 -20.32 18.48
C LEU B 490 14.32 -21.49 17.51
N MET B 491 15.01 -21.34 16.39
CA MET B 491 15.14 -22.40 15.38
C MET B 491 15.96 -23.56 15.94
N ARG B 492 16.93 -23.26 16.78
CA ARG B 492 17.69 -24.29 17.50
C ARG B 492 16.81 -25.08 18.48
N THR B 493 15.77 -24.45 19.02
CA THR B 493 14.76 -25.15 19.81
C THR B 493 13.98 -26.20 19.01
N ILE B 494 13.90 -26.00 17.70
CA ILE B 494 13.08 -26.83 16.83
C ILE B 494 13.90 -27.82 15.98
N ASP B 507 27.54 -12.90 11.92
CA ASP B 507 27.84 -13.05 10.49
C ASP B 507 26.67 -12.68 9.56
N PHE B 508 25.78 -11.81 10.06
CA PHE B 508 24.54 -11.45 9.37
C PHE B 508 24.75 -10.40 8.27
N GLY B 509 23.67 -10.05 7.57
CA GLY B 509 23.70 -9.01 6.53
C GLY B 509 24.61 -9.31 5.35
N THR B 510 24.74 -10.59 5.01
CA THR B 510 25.72 -11.00 4.03
C THR B 510 25.16 -11.99 3.03
N GLN B 511 25.79 -12.03 1.86
CA GLN B 511 25.49 -13.04 0.85
C GLN B 511 26.06 -14.39 1.26
N ASN B 512 26.94 -14.40 2.26
CA ASN B 512 27.30 -15.63 2.98
C ASN B 512 26.08 -16.22 3.65
N TYR B 513 25.38 -15.39 4.40
CA TYR B 513 24.18 -15.83 5.11
C TYR B 513 23.14 -16.26 4.10
N GLU B 514 22.96 -15.49 3.04
CA GLU B 514 22.02 -15.85 2.00
C GLU B 514 22.29 -17.28 1.56
N HIS B 515 23.54 -17.53 1.18
CA HIS B 515 23.94 -18.85 0.70
C HIS B 515 23.78 -19.92 1.76
N TRP B 516 23.95 -19.55 3.03
CA TRP B 516 23.77 -20.47 4.17
C TRP B 516 22.34 -20.91 4.32
N ILE B 517 21.42 -20.01 4.05
CA ILE B 517 19.99 -20.33 4.13
C ILE B 517 19.66 -21.30 3.00
N VAL B 518 20.10 -20.96 1.80
CA VAL B 518 19.90 -21.84 0.65
C VAL B 518 20.43 -23.25 0.95
N VAL B 519 21.57 -23.33 1.66
CA VAL B 519 22.16 -24.62 2.03
C VAL B 519 21.35 -25.30 3.12
N THR B 520 20.92 -24.55 4.14
CA THR B 520 20.14 -25.14 5.23
C THR B 520 18.79 -25.61 4.72
N GLN B 521 18.21 -24.86 3.77
CA GLN B 521 16.89 -25.18 3.25
C GLN B 521 16.92 -26.47 2.44
N ARG B 522 17.88 -26.59 1.55
CA ARG B 522 18.01 -27.83 0.80
C ARG B 522 18.17 -29.04 1.73
N LYS B 523 18.69 -28.82 2.94
CA LYS B 523 18.79 -29.90 3.93
C LYS B 523 17.43 -30.33 4.49
N CYS B 524 16.52 -29.38 4.71
CA CYS B 524 15.16 -29.72 5.17
C CYS B 524 14.39 -30.40 4.05
N ARG B 525 14.53 -29.86 2.85
CA ARG B 525 13.92 -30.47 1.68
C ARG B 525 14.19 -31.97 1.72
N LEU B 526 15.41 -32.36 2.07
CA LEU B 526 15.80 -33.77 2.17
C LEU B 526 15.15 -34.45 3.39
N LEU B 527 15.73 -34.29 4.57
CA LEU B 527 15.36 -35.06 5.78
C LEU B 527 14.61 -36.38 5.49
N GLN B 528 13.28 -36.35 5.54
CA GLN B 528 12.43 -37.56 5.39
C GLN B 528 12.68 -38.63 6.47
N LEU B 529 12.76 -38.21 7.73
CA LEU B 529 13.21 -39.08 8.83
C LEU B 529 12.11 -39.60 9.77
N GLU B 530 11.84 -40.91 9.68
CA GLU B 530 11.01 -41.66 10.65
C GLU B 530 9.58 -41.12 10.89
N ASP B 531 9.34 -40.48 12.03
CA ASP B 531 7.99 -39.98 12.35
C ASP B 531 7.58 -38.89 11.38
N LYS B 532 6.97 -39.27 10.27
CA LYS B 532 6.64 -38.28 9.23
C LYS B 532 5.79 -37.09 9.75
N GLU B 533 4.94 -37.33 10.74
CA GLU B 533 4.11 -36.25 11.30
C GLU B 533 4.92 -35.28 12.17
N GLU B 534 5.81 -35.82 13.01
CA GLU B 534 6.81 -35.01 13.74
C GLU B 534 7.84 -34.36 12.80
N GLU B 535 8.18 -35.07 11.73
CA GLU B 535 9.12 -34.60 10.73
C GLU B 535 8.47 -33.53 9.85
N SER B 536 7.18 -33.70 9.59
CA SER B 536 6.41 -32.71 8.85
C SER B 536 6.40 -31.36 9.59
N ARG B 537 6.20 -31.40 10.90
CA ARG B 537 6.17 -30.19 11.72
C ARG B 537 7.55 -29.57 11.88
N ILE B 538 8.58 -30.39 12.00
CA ILE B 538 9.94 -29.88 12.21
C ILE B 538 10.44 -29.13 10.99
N CYS B 539 10.15 -29.65 9.81
CA CYS B 539 10.55 -28.98 8.57
C CYS B 539 9.71 -27.73 8.31
N ARG B 540 8.39 -27.89 8.37
CA ARG B 540 7.47 -26.75 8.29
C ARG B 540 8.03 -25.57 9.06
N ALA B 541 8.47 -25.83 10.29
CA ALA B 541 9.01 -24.80 11.19
C ALA B 541 10.37 -24.27 10.72
N LEU B 542 11.25 -25.18 10.32
CA LEU B 542 12.57 -24.80 9.85
C LEU B 542 12.46 -23.85 8.66
N PHE B 543 11.52 -24.15 7.77
CA PHE B 543 11.30 -23.32 6.60
C PHE B 543 10.77 -21.93 6.95
N ILE B 544 9.78 -21.88 7.84
CA ILE B 544 9.31 -20.61 8.33
C ILE B 544 10.52 -19.78 8.80
N CYS B 545 11.24 -20.32 9.79
CA CYS B 545 12.38 -19.60 10.39
C CYS B 545 13.39 -19.11 9.37
N THR B 546 13.88 -20.02 8.53
CA THR B 546 14.86 -19.66 7.53
C THR B 546 14.28 -18.57 6.63
N GLU B 547 12.98 -18.65 6.32
CA GLU B 547 12.38 -17.64 5.46
C GLU B 547 12.47 -16.31 6.15
N HIS B 548 12.14 -16.27 7.44
CA HIS B 548 12.23 -15.02 8.21
C HIS B 548 13.64 -14.52 8.31
N LEU B 549 14.56 -15.40 8.65
CA LEU B 549 15.94 -14.99 8.77
C LEU B 549 16.37 -14.36 7.46
N ARG B 550 16.01 -15.01 6.35
CA ARG B 550 16.39 -14.53 5.04
C ARG B 550 15.91 -13.11 4.79
N LYS B 551 14.67 -12.85 5.19
CA LYS B 551 14.06 -11.53 5.04
C LYS B 551 14.80 -10.50 5.87
N TYR B 552 14.97 -10.78 7.16
CA TYR B 552 15.79 -9.97 8.06
C TYR B 552 17.17 -9.71 7.47
N ASN B 553 17.84 -10.79 7.06
CA ASN B 553 19.12 -10.70 6.36
C ASN B 553 19.04 -9.69 5.22
N ASP B 554 18.06 -9.86 4.34
CA ASP B 554 17.90 -8.96 3.22
C ASP B 554 17.64 -7.51 3.68
N ALA B 555 17.01 -7.36 4.83
CA ALA B 555 16.66 -6.05 5.37
C ALA B 555 17.87 -5.29 5.87
N LEU B 556 18.80 -6.00 6.53
CA LEU B 556 20.05 -5.37 6.98
C LEU B 556 20.80 -4.79 5.81
N ILE B 557 20.97 -5.60 4.77
CA ILE B 557 21.64 -5.18 3.55
C ILE B 557 20.98 -3.93 2.99
N ILE B 558 19.65 -3.93 2.92
CA ILE B 558 18.91 -2.76 2.45
C ILE B 558 19.31 -1.57 3.30
N SER B 559 19.39 -1.75 4.60
CA SER B 559 19.72 -0.64 5.48
C SER B 559 21.14 -0.08 5.24
N GLU B 560 22.06 -0.91 4.77
CA GLU B 560 23.49 -0.53 4.67
C GLU B 560 23.84 0.12 3.34
N ASP B 561 23.15 -0.28 2.29
CA ASP B 561 23.43 0.26 0.97
C ASP B 561 22.38 1.27 0.52
N ALA B 562 21.15 1.11 1.00
CA ALA B 562 20.09 2.07 0.73
C ALA B 562 19.71 2.80 2.03
N ARG B 563 18.51 3.39 2.08
CA ARG B 563 18.07 4.15 3.24
C ARG B 563 17.46 3.25 4.30
N ILE B 564 17.34 3.74 5.53
CA ILE B 564 16.77 2.92 6.59
C ILE B 564 15.27 2.72 6.39
N ILE B 565 14.60 3.70 5.77
CA ILE B 565 13.16 3.57 5.52
C ILE B 565 12.89 2.42 4.55
N ASP B 566 13.72 2.33 3.53
CA ASP B 566 13.63 1.21 2.61
C ASP B 566 13.83 -0.12 3.31
N ALA B 567 14.67 -0.15 4.34
CA ALA B 567 14.89 -1.37 5.12
C ALA B 567 13.66 -1.74 5.93
N LEU B 568 13.07 -0.75 6.59
CA LEU B 568 11.94 -0.97 7.47
C LEU B 568 10.76 -1.39 6.63
N SER B 569 10.38 -0.51 5.71
CA SER B 569 9.37 -0.84 4.71
C SER B 569 9.46 -2.32 4.32
N TYR B 570 10.64 -2.72 3.86
CA TYR B 570 10.82 -4.05 3.29
C TYR B 570 10.35 -5.12 4.23
N LEU B 571 10.65 -4.97 5.51
CA LEU B 571 10.15 -5.93 6.49
C LEU B 571 8.66 -5.72 6.73
N THR B 572 8.21 -4.47 6.84
CA THR B 572 6.81 -4.19 7.15
C THR B 572 5.92 -4.92 6.18
N GLU B 573 6.23 -4.73 4.89
CA GLU B 573 5.42 -5.32 3.83
C GLU B 573 5.46 -6.85 3.88
N PHE B 574 6.56 -7.40 4.37
CA PHE B 574 6.66 -8.84 4.61
C PHE B 574 5.63 -9.28 5.66
N PHE B 575 5.72 -8.74 6.87
CA PHE B 575 4.84 -9.18 7.93
C PHE B 575 3.38 -8.96 7.57
N THR B 576 3.07 -7.84 6.90
CA THR B 576 1.71 -7.62 6.49
C THR B 576 1.26 -8.74 5.55
N ASN B 577 2.20 -9.41 4.89
CA ASN B 577 1.90 -10.66 4.18
C ASN B 577 1.80 -11.83 5.15
N VAL B 578 2.87 -12.11 5.90
CA VAL B 578 2.86 -13.18 6.90
C VAL B 578 1.49 -13.33 7.57
N LYS B 579 0.92 -12.19 7.95
CA LYS B 579 -0.43 -12.11 8.57
C LYS B 579 -1.58 -12.53 7.68
N ASN B 580 -1.52 -12.15 6.41
CA ASN B 580 -2.52 -12.57 5.44
C ASN B 580 -2.36 -14.02 4.99
N GLY B 581 -1.18 -14.59 5.21
CA GLY B 581 -0.89 -15.97 4.82
C GLY B 581 -1.62 -17.00 5.66
N PRO B 582 -0.94 -18.11 5.97
CA PRO B 582 -1.59 -19.10 6.82
C PRO B 582 -1.47 -18.71 8.27
N TYR B 583 -0.50 -17.86 8.57
CA TYR B 583 -0.35 -17.29 9.90
C TYR B 583 -0.34 -18.35 10.98
N THR B 584 0.62 -19.27 10.86
CA THR B 584 0.83 -20.33 11.83
C THR B 584 1.10 -19.84 13.25
N GLU B 585 0.97 -20.76 14.20
CA GLU B 585 1.29 -20.51 15.58
C GLU B 585 2.65 -19.80 15.65
N LEU B 586 3.65 -20.36 14.95
CA LEU B 586 5.02 -19.82 14.95
C LEU B 586 5.05 -18.44 14.28
N GLU B 587 4.57 -18.41 13.05
CA GLU B 587 4.51 -17.15 12.33
C GLU B 587 4.00 -16.02 13.24
N GLN B 588 2.98 -16.32 14.05
CA GLN B 588 2.41 -15.33 14.99
C GLN B 588 3.49 -14.81 15.90
N HIS B 589 4.16 -15.75 16.56
CA HIS B 589 5.20 -15.42 17.52
C HIS B 589 6.24 -14.51 16.94
N LEU B 590 6.80 -14.92 15.81
CA LEU B 590 7.81 -14.12 15.15
C LEU B 590 7.27 -12.73 14.83
N THR B 591 6.17 -12.68 14.09
CA THR B 591 5.52 -11.42 13.78
C THR B 591 5.34 -10.57 15.03
N ALA B 592 5.00 -11.22 16.14
CA ALA B 592 4.81 -10.52 17.38
C ALA B 592 6.14 -9.94 17.78
N LYS B 593 7.13 -10.81 17.85
CA LYS B 593 8.46 -10.48 18.36
C LYS B 593 9.07 -9.29 17.62
N PHE B 594 8.80 -9.23 16.32
CA PHE B 594 9.17 -8.09 15.52
C PHE B 594 8.44 -6.84 15.99
N GLN B 595 7.12 -6.95 16.12
CA GLN B 595 6.27 -5.79 16.38
C GLN B 595 6.54 -5.14 17.75
N GLU B 596 7.09 -5.94 18.65
CA GLU B 596 7.63 -5.46 19.91
C GLU B 596 8.66 -4.37 19.61
N LYS B 597 9.54 -4.67 18.66
CA LYS B 597 10.65 -3.80 18.30
C LYS B 597 10.22 -2.74 17.29
N GLU B 598 9.10 -2.96 16.61
CA GLU B 598 8.65 -2.11 15.50
C GLU B 598 8.82 -0.64 15.79
N PRO B 599 8.19 -0.15 16.87
CA PRO B 599 8.13 1.30 17.04
C PRO B 599 9.49 1.99 17.24
N GLU B 600 10.55 1.23 17.55
CA GLU B 600 11.90 1.79 17.57
C GLU B 600 12.33 2.01 16.15
N LEU B 601 12.25 0.96 15.34
CA LEU B 601 12.62 1.01 13.94
C LEU B 601 11.89 2.13 13.19
N ILE B 602 10.59 2.25 13.43
CA ILE B 602 9.80 3.31 12.82
C ILE B 602 10.42 4.66 13.12
N ALA B 603 10.66 4.92 14.40
CA ALA B 603 11.27 6.17 14.84
C ALA B 603 12.63 6.41 14.18
N LEU B 604 13.32 5.35 13.79
CA LEU B 604 14.60 5.48 13.11
C LEU B 604 14.45 5.89 11.63
N SER B 605 13.36 5.47 10.99
CA SER B 605 13.10 5.83 9.59
C SER B 605 12.84 7.32 9.46
N LYS B 606 12.14 7.90 10.42
CA LYS B 606 11.69 9.28 10.34
C LYS B 606 12.81 10.25 10.66
N ASP B 607 13.79 9.77 11.41
CA ASP B 607 15.01 10.54 11.73
C ASP B 607 15.70 10.98 10.45
N GLU B 608 16.28 12.17 10.46
CA GLU B 608 17.22 12.56 9.42
C GLU B 608 18.57 11.86 9.66
N THR B 609 18.68 11.15 10.78
CA THR B 609 19.75 10.15 11.03
C THR B 609 19.81 9.06 9.97
N ASN B 610 18.65 8.71 9.42
CA ASN B 610 18.54 7.62 8.44
C ASN B 610 19.17 7.93 7.05
N GLU B 611 19.55 9.19 6.83
CA GLU B 611 20.30 9.56 5.63
C GLU B 611 21.60 8.74 5.53
N ASN B 612 21.62 7.81 4.59
CA ASN B 612 22.82 7.05 4.22
C ASN B 612 23.74 7.88 3.31
N PRO B 613 24.96 8.23 3.79
CA PRO B 613 25.96 8.90 2.96
C PRO B 613 26.51 8.06 1.82
N LYS B 614 26.83 6.81 2.10
CA LYS B 614 27.21 5.87 1.05
C LYS B 614 26.31 6.08 -0.19
N LEU B 615 25.01 6.12 0.05
CA LEU B 615 24.03 6.37 -1.01
C LEU B 615 24.18 7.78 -1.58
N GLU B 616 24.27 8.76 -0.70
CA GLU B 616 24.42 10.17 -1.13
C GLU B 616 25.61 10.33 -2.08
N GLU B 617 26.67 9.57 -1.81
CA GLU B 617 27.88 9.58 -2.62
C GLU B 617 27.67 8.97 -3.99
N LEU B 618 26.96 7.85 -4.04
CA LEU B 618 26.58 7.22 -5.31
C LEU B 618 25.74 8.17 -6.17
N VAL B 619 24.77 8.84 -5.56
CA VAL B 619 23.92 9.81 -6.25
C VAL B 619 24.76 10.99 -6.80
N CYS B 620 25.83 11.33 -6.10
CA CYS B 620 26.73 12.40 -6.52
C CYS B 620 27.72 11.93 -7.58
N ILE B 621 28.07 10.65 -7.55
CA ILE B 621 28.89 10.05 -8.59
C ILE B 621 28.10 10.02 -9.88
N LEU B 622 26.84 9.62 -9.78
CA LEU B 622 25.93 9.58 -10.92
C LEU B 622 25.65 10.97 -11.48
N ASP B 623 25.36 11.93 -10.61
CA ASP B 623 25.12 13.30 -11.07
C ASP B 623 26.34 13.89 -11.78
N ASP B 624 27.55 13.50 -11.36
CA ASP B 624 28.78 13.88 -12.07
C ASP B 624 28.91 13.15 -13.42
N ALA B 625 28.36 11.94 -13.47
CA ALA B 625 28.39 11.11 -14.67
C ALA B 625 27.32 11.50 -15.72
N TYR B 626 26.55 12.55 -15.47
CA TYR B 626 25.55 13.02 -16.43
C TYR B 626 25.74 14.50 -16.74
N ARG B 627 26.98 14.97 -16.61
CA ARG B 627 27.32 16.37 -16.95
C ARG B 627 28.53 16.43 -17.86
N TYR B 628 29.54 15.60 -17.59
CA TYR B 628 30.62 15.38 -18.54
C TYR B 628 30.07 14.60 -19.73
N ASN B 629 28.92 13.93 -19.53
CA ASN B 629 28.13 13.36 -20.62
C ASN B 629 26.69 13.08 -20.18
N PRO B 630 25.74 13.96 -20.54
CA PRO B 630 24.33 13.76 -20.16
C PRO B 630 23.53 12.79 -21.05
N GLN B 631 24.15 12.31 -22.13
CA GLN B 631 23.58 11.21 -22.93
C GLN B 631 24.20 9.86 -22.51
N THR B 632 24.71 9.80 -21.28
CA THR B 632 25.33 8.59 -20.73
C THR B 632 24.27 7.53 -20.52
N ARG B 633 24.66 6.26 -20.64
CA ARG B 633 23.73 5.15 -20.43
C ARG B 633 24.30 4.18 -19.40
N THR B 634 24.00 4.46 -18.13
CA THR B 634 24.65 3.79 -16.99
C THR B 634 24.01 2.47 -16.57
N LEU B 635 24.87 1.53 -16.18
CA LEU B 635 24.46 0.28 -15.56
C LEU B 635 25.07 0.19 -14.18
N LEU B 636 24.22 -0.04 -13.17
CA LEU B 636 24.63 -0.03 -11.75
C LEU B 636 24.38 -1.38 -11.12
N PHE B 637 25.42 -1.98 -10.57
CA PHE B 637 25.27 -3.28 -9.92
C PHE B 637 25.12 -3.17 -8.41
N ALA B 638 24.00 -3.68 -7.90
CA ALA B 638 23.73 -3.69 -6.48
C ALA B 638 23.99 -5.08 -5.94
N LYS B 639 24.12 -5.13 -4.62
CA LYS B 639 24.56 -6.33 -3.92
C LYS B 639 23.52 -7.46 -4.03
N THR B 640 22.26 -7.16 -3.71
CA THR B 640 21.20 -8.18 -3.68
C THR B 640 20.10 -7.80 -4.67
N ARG B 641 19.07 -8.65 -4.81
CA ARG B 641 17.89 -8.26 -5.57
C ARG B 641 17.18 -7.19 -4.78
N ALA B 642 16.82 -7.52 -3.55
CA ALA B 642 16.21 -6.56 -2.61
C ALA B 642 16.70 -5.13 -2.81
N LEU B 643 18.02 -4.98 -2.92
CA LEU B 643 18.65 -3.69 -3.07
C LEU B 643 18.35 -3.01 -4.39
N VAL B 644 18.21 -3.79 -5.46
CA VAL B 644 17.94 -3.18 -6.76
C VAL B 644 16.61 -2.44 -6.67
N SER B 645 15.61 -3.07 -6.05
CA SER B 645 14.31 -2.44 -5.91
C SER B 645 14.30 -1.33 -4.86
N ALA B 646 15.17 -1.45 -3.86
CA ALA B 646 15.35 -0.37 -2.89
C ALA B 646 15.98 0.83 -3.56
N LEU B 647 17.10 0.59 -4.23
CA LEU B 647 17.80 1.65 -4.96
C LEU B 647 16.93 2.31 -6.03
N LYS B 648 16.05 1.55 -6.70
CA LYS B 648 15.22 2.12 -7.74
C LYS B 648 14.39 3.26 -7.16
N LYS B 649 13.78 3.03 -5.99
CA LYS B 649 13.00 4.07 -5.33
C LYS B 649 13.91 5.25 -5.04
N CYS B 650 15.03 4.95 -4.40
CA CYS B 650 15.98 5.99 -3.96
C CYS B 650 16.42 6.94 -5.05
N MET B 651 16.55 6.43 -6.28
CA MET B 651 16.91 7.27 -7.43
C MET B 651 15.69 8.05 -7.92
N GLU B 652 14.54 7.39 -7.94
CA GLU B 652 13.29 8.04 -8.31
C GLU B 652 13.03 9.26 -7.44
N GLU B 653 13.17 9.09 -6.12
CA GLU B 653 12.88 10.13 -5.14
C GLU B 653 13.92 11.26 -5.01
N ASN B 654 15.14 11.04 -5.50
CA ASN B 654 16.18 12.03 -5.30
C ASN B 654 16.04 13.17 -6.30
N PRO B 655 16.16 14.43 -5.82
CA PRO B 655 16.14 15.63 -6.69
C PRO B 655 17.40 15.85 -7.53
N ILE B 656 18.50 15.18 -7.19
CA ILE B 656 19.76 15.32 -7.91
C ILE B 656 19.71 14.51 -9.22
N LEU B 657 19.22 13.27 -9.12
CA LEU B 657 18.76 12.50 -10.26
C LEU B 657 17.25 12.74 -10.40
N ASN B 658 16.89 14.01 -10.40
CA ASN B 658 15.54 14.46 -10.67
C ASN B 658 15.18 14.06 -12.09
N TYR B 659 16.02 14.51 -13.02
CA TYR B 659 15.87 14.26 -14.45
C TYR B 659 15.79 12.77 -14.84
N ILE B 660 16.47 11.90 -14.09
CA ILE B 660 16.64 10.49 -14.50
C ILE B 660 15.62 9.53 -13.91
N LYS B 661 14.90 8.83 -14.78
CA LYS B 661 14.01 7.75 -14.35
C LYS B 661 14.70 6.40 -14.58
N PRO B 662 14.87 5.61 -13.50
CA PRO B 662 15.67 4.39 -13.56
C PRO B 662 14.90 3.09 -13.83
N GLY B 663 15.38 2.30 -14.78
CA GLY B 663 14.84 0.98 -15.07
C GLY B 663 15.50 -0.09 -14.22
N VAL B 664 15.04 -1.33 -14.36
CA VAL B 664 15.52 -2.44 -13.53
C VAL B 664 15.54 -3.75 -14.31
N LEU B 665 16.46 -4.64 -13.95
CA LEU B 665 16.63 -5.93 -14.61
C LEU B 665 16.65 -7.06 -13.59
N ASP B 694 14.87 5.82 -23.56
CA ASP B 694 14.00 5.91 -22.40
C ASP B 694 14.77 5.84 -21.07
N ASN B 695 15.39 4.69 -20.80
CA ASN B 695 16.07 4.43 -19.53
C ASN B 695 17.59 4.52 -19.66
N ARG B 696 18.18 5.49 -18.98
CA ARG B 696 19.62 5.75 -19.05
C ARG B 696 20.33 5.36 -17.76
N LEU B 697 19.63 4.62 -16.89
CA LEU B 697 20.22 4.12 -15.66
C LEU B 697 19.53 2.83 -15.29
N LEU B 698 20.03 1.72 -15.81
CA LEU B 698 19.45 0.42 -15.52
C LEU B 698 20.14 -0.12 -14.30
N ILE B 699 19.38 -0.71 -13.38
CA ILE B 699 19.93 -1.30 -12.14
C ILE B 699 19.73 -2.82 -12.14
N ALA B 700 20.83 -3.56 -12.17
CA ALA B 700 20.78 -5.01 -12.10
C ALA B 700 21.62 -5.47 -10.92
N THR B 701 21.64 -6.78 -10.70
CA THR B 701 22.31 -7.34 -9.53
C THR B 701 23.48 -8.25 -9.92
N VAL B 711 23.04 -6.23 -21.44
CA VAL B 711 22.79 -5.12 -22.37
C VAL B 711 24.10 -4.47 -22.79
N GLN B 712 24.00 -3.60 -23.80
CA GLN B 712 25.09 -2.69 -24.16
C GLN B 712 25.17 -1.59 -23.11
N CYS B 713 26.39 -1.24 -22.71
CA CYS B 713 26.61 -0.32 -21.59
C CYS B 713 27.61 0.79 -21.90
N ASN B 714 27.80 1.70 -20.95
CA ASN B 714 28.50 2.96 -21.20
C ASN B 714 29.31 3.46 -20.01
N LEU B 715 28.69 3.44 -18.83
CA LEU B 715 29.36 3.61 -17.53
C LEU B 715 28.84 2.55 -16.57
N VAL B 716 29.67 1.56 -16.24
CA VAL B 716 29.30 0.52 -15.26
C VAL B 716 29.64 1.00 -13.86
N VAL B 717 28.69 0.92 -12.93
CA VAL B 717 28.95 1.34 -11.57
C VAL B 717 28.70 0.19 -10.60
N LEU B 718 29.70 -0.11 -9.78
CA LEU B 718 29.69 -1.29 -8.96
C LEU B 718 29.55 -0.89 -7.50
N TYR B 719 28.35 -1.10 -6.97
CA TYR B 719 27.99 -0.61 -5.66
C TYR B 719 28.09 -1.72 -4.62
N GLU B 720 29.26 -1.79 -4.01
CA GLU B 720 29.58 -2.81 -3.00
C GLU B 720 29.51 -4.24 -3.56
N TYR B 721 29.88 -4.45 -4.83
CA TYR B 721 29.91 -5.81 -5.36
C TYR B 721 31.22 -6.47 -4.93
N SER B 722 31.06 -7.56 -4.19
CA SER B 722 32.15 -8.30 -3.56
C SER B 722 32.96 -9.09 -4.58
N GLY B 723 34.21 -9.42 -4.24
CA GLY B 723 35.14 -10.06 -5.17
C GLY B 723 35.87 -9.01 -5.98
N ASN B 724 36.53 -9.43 -7.06
CA ASN B 724 37.28 -8.48 -7.91
C ASN B 724 36.44 -7.97 -9.11
N VAL B 725 37.09 -7.25 -10.02
CA VAL B 725 36.40 -6.50 -11.09
C VAL B 725 36.58 -7.07 -12.51
N THR B 726 37.77 -7.58 -12.84
CA THR B 726 38.07 -8.08 -14.20
C THR B 726 36.97 -8.97 -14.80
N LYS B 727 36.48 -9.92 -14.00
CA LYS B 727 35.56 -10.97 -14.47
C LYS B 727 34.10 -10.67 -14.18
N MET B 728 33.85 -9.72 -13.27
CA MET B 728 32.51 -9.16 -13.06
C MET B 728 32.16 -8.14 -14.16
N ILE B 729 33.14 -7.76 -14.99
CA ILE B 729 32.88 -7.09 -16.28
C ILE B 729 33.22 -8.04 -17.44
N GLN B 730 34.48 -7.99 -17.92
CA GLN B 730 34.84 -8.61 -19.19
C GLN B 730 34.14 -9.93 -19.44
N GLY B 739 33.31 1.40 -26.81
CA GLY B 739 32.82 1.56 -25.45
C GLY B 739 33.96 1.66 -24.46
N SER B 740 33.61 1.78 -23.17
CA SER B 740 34.53 1.62 -21.98
C SER B 740 34.36 2.67 -20.88
N LYS B 741 34.06 2.23 -19.65
CA LYS B 741 34.13 3.10 -18.44
C LYS B 741 33.59 2.42 -17.18
N CYS B 742 34.38 2.35 -16.10
CA CYS B 742 33.92 1.62 -14.89
C CYS B 742 34.35 2.17 -13.50
N ILE B 743 33.34 2.42 -12.66
CA ILE B 743 33.55 2.96 -11.31
C ILE B 743 33.22 1.90 -10.30
N LEU B 744 33.95 1.90 -9.18
CA LEU B 744 33.75 0.92 -8.13
C LEU B 744 33.52 1.65 -6.82
N VAL B 745 32.25 1.76 -6.41
CA VAL B 745 31.91 2.43 -5.17
C VAL B 745 31.87 1.43 -4.05
N THR B 746 32.98 1.38 -3.33
CA THR B 746 33.16 0.46 -2.22
C THR B 746 33.38 1.27 -0.95
N SER B 747 32.88 0.72 0.15
CA SER B 747 33.01 1.37 1.46
C SER B 747 34.18 0.79 2.24
N LYS B 748 34.46 -0.50 2.07
CA LYS B 748 35.52 -1.18 2.83
C LYS B 748 36.90 -0.80 2.30
N THR B 749 37.77 -0.33 3.21
CA THR B 749 39.05 0.31 2.86
C THR B 749 40.13 -0.65 2.38
N GLU B 750 39.88 -1.96 2.45
CA GLU B 750 40.80 -2.93 1.85
C GLU B 750 40.86 -2.75 0.33
N VAL B 751 39.71 -2.91 -0.31
CA VAL B 751 39.64 -3.03 -1.77
C VAL B 751 40.23 -1.78 -2.42
N VAL B 752 39.99 -0.61 -1.82
CA VAL B 752 40.46 0.66 -2.36
C VAL B 752 41.97 0.62 -2.48
N GLU B 753 42.63 0.57 -1.32
CA GLU B 753 44.09 0.58 -1.24
C GLU B 753 44.69 -0.73 -1.73
N ASN B 754 43.82 -1.72 -1.96
CA ASN B 754 44.22 -2.93 -2.66
C ASN B 754 44.39 -2.63 -4.16
N GLU B 755 43.30 -2.24 -4.83
CA GLU B 755 43.35 -1.99 -6.28
C GLU B 755 44.03 -0.67 -6.67
N LYS B 756 44.61 0.01 -5.69
CA LYS B 756 45.61 1.05 -5.93
C LYS B 756 46.97 0.37 -6.00
N CYS B 757 47.17 -0.60 -5.12
CA CYS B 757 48.44 -1.31 -5.03
C CYS B 757 48.69 -2.14 -6.29
N ASN B 758 47.63 -2.61 -6.93
CA ASN B 758 47.77 -3.35 -8.18
C ASN B 758 48.22 -2.42 -9.30
N ARG B 759 47.44 -1.38 -9.58
CA ARG B 759 47.82 -0.38 -10.57
C ARG B 759 49.31 -0.11 -10.55
N TYR B 760 49.85 0.06 -9.35
CA TYR B 760 51.25 0.38 -9.17
C TYR B 760 52.17 -0.78 -9.56
N LYS B 761 51.81 -1.98 -9.14
CA LYS B 761 52.63 -3.16 -9.44
C LYS B 761 52.55 -3.57 -10.91
N GLU B 762 51.41 -3.34 -11.57
CA GLU B 762 51.32 -3.61 -13.01
C GLU B 762 52.11 -2.56 -13.79
N GLU B 763 51.89 -1.29 -13.45
CA GLU B 763 52.57 -0.15 -14.09
C GLU B 763 54.10 -0.21 -13.92
N MET B 764 54.54 -0.78 -12.79
CA MET B 764 55.96 -0.98 -12.51
C MET B 764 56.52 -2.14 -13.33
N MET B 765 55.77 -3.25 -13.35
CA MET B 765 56.10 -4.41 -14.19
C MET B 765 56.36 -3.99 -15.63
N ASN B 766 55.46 -3.18 -16.19
CA ASN B 766 55.62 -2.72 -17.57
C ASN B 766 56.88 -1.88 -17.80
N LYS B 767 57.15 -0.94 -16.90
CA LYS B 767 58.40 -0.17 -16.97
C LYS B 767 59.59 -1.13 -16.98
N ALA B 768 59.54 -2.16 -16.14
CA ALA B 768 60.59 -3.19 -16.09
C ALA B 768 60.73 -3.92 -17.42
N VAL B 769 59.61 -4.46 -17.90
CA VAL B 769 59.60 -5.27 -19.11
C VAL B 769 60.10 -4.51 -20.34
N GLU B 770 59.63 -3.28 -20.52
CA GLU B 770 60.09 -2.43 -21.63
C GLU B 770 61.59 -2.13 -21.50
N LYS B 771 62.05 -1.86 -20.27
CA LYS B 771 63.45 -1.60 -20.01
C LYS B 771 64.31 -2.80 -20.38
N ILE B 772 63.87 -3.99 -19.96
CA ILE B 772 64.51 -5.26 -20.32
C ILE B 772 64.51 -5.47 -21.84
N GLN B 773 63.37 -5.18 -22.45
CA GLN B 773 63.22 -5.32 -23.90
C GLN B 773 64.21 -4.45 -24.68
N LYS B 774 64.60 -3.31 -24.12
CA LYS B 774 65.52 -2.38 -24.79
C LYS B 774 66.99 -2.80 -24.69
N TRP B 775 67.28 -3.90 -23.99
CA TRP B 775 68.62 -4.48 -24.03
C TRP B 775 68.86 -5.12 -25.36
N ASP B 776 70.12 -5.38 -25.67
CA ASP B 776 70.47 -6.15 -26.87
C ASP B 776 70.66 -7.61 -26.51
N GLU B 777 70.14 -8.48 -27.37
CA GLU B 777 70.25 -9.94 -27.24
C GLU B 777 71.39 -10.41 -26.33
N GLU B 778 72.59 -9.93 -26.64
CA GLU B 778 73.79 -10.29 -25.89
C GLU B 778 73.57 -10.13 -24.39
N THR B 779 73.35 -8.89 -23.94
CA THR B 779 73.19 -8.60 -22.52
C THR B 779 72.14 -9.52 -21.93
N PHE B 780 70.98 -9.56 -22.58
CA PHE B 780 69.82 -10.33 -22.12
C PHE B 780 70.12 -11.83 -21.98
N ALA B 781 70.61 -12.45 -23.05
CA ALA B 781 70.93 -13.89 -23.02
C ALA B 781 72.05 -14.21 -22.02
N LYS B 782 72.93 -13.25 -21.76
CA LYS B 782 73.98 -13.37 -20.73
C LYS B 782 73.44 -13.24 -19.30
N LYS B 783 72.65 -12.20 -19.04
CA LYS B 783 72.02 -12.01 -17.73
C LYS B 783 71.32 -13.29 -17.31
N ILE B 784 70.43 -13.79 -18.18
CA ILE B 784 69.73 -15.05 -17.96
C ILE B 784 70.71 -16.16 -17.61
N HIS B 785 71.73 -16.30 -18.45
CA HIS B 785 72.72 -17.35 -18.29
C HIS B 785 73.41 -17.30 -16.95
N ASN B 786 73.63 -16.10 -16.41
CA ASN B 786 74.25 -15.97 -15.09
C ASN B 786 73.37 -16.57 -13.99
N LEU B 787 72.11 -16.14 -13.97
CA LEU B 787 71.16 -16.57 -12.95
C LEU B 787 70.94 -18.08 -12.92
N GLN B 788 71.06 -18.72 -14.09
CA GLN B 788 71.01 -20.19 -14.18
C GLN B 788 72.26 -20.79 -13.53
N MET B 789 73.38 -20.10 -13.69
CA MET B 789 74.67 -20.55 -13.20
C MET B 789 74.73 -20.48 -11.69
N LYS B 790 74.35 -19.33 -11.15
CA LYS B 790 74.27 -19.12 -9.70
C LYS B 790 73.45 -20.24 -9.05
N GLU B 791 72.45 -20.74 -9.78
CA GLU B 791 71.60 -21.81 -9.26
C GLU B 791 72.27 -23.16 -9.13
N ARG B 792 73.12 -23.54 -10.10
CA ARG B 792 73.92 -24.75 -9.94
C ARG B 792 74.99 -24.60 -8.86
N VAL B 793 75.45 -23.36 -8.67
CA VAL B 793 76.43 -23.04 -7.64
C VAL B 793 75.83 -23.11 -6.22
N LEU B 794 74.52 -22.93 -6.10
CA LEU B 794 73.84 -23.15 -4.81
C LEU B 794 73.19 -24.54 -4.70
N ARG B 795 72.79 -25.11 -5.83
CA ARG B 795 72.20 -26.47 -5.83
C ARG B 795 73.19 -27.55 -5.38
N ASP B 796 74.49 -27.31 -5.62
CA ASP B 796 75.54 -28.23 -5.15
C ASP B 796 75.70 -28.15 -3.64
N SER B 797 75.93 -26.95 -3.13
CA SER B 797 76.13 -26.74 -1.70
C SER B 797 74.81 -26.74 -0.96
#